data_8V5J
# 
_entry.id   8V5J 
# 
_audit_conform.dict_name       mmcif_pdbx.dic 
_audit_conform.dict_version    5.399 
_audit_conform.dict_location   http://mmcif.pdb.org/dictionaries/ascii/mmcif_pdbx.dic 
# 
loop_
_database_2.database_id 
_database_2.database_code 
_database_2.pdbx_database_accession 
_database_2.pdbx_DOI 
PDB   8V5J         pdb_00008v5j 10.2210/pdb8v5j/pdb 
WWPDB D_1000279578 ?            ?                   
# 
_pdbx_audit_revision_history.ordinal             1 
_pdbx_audit_revision_history.data_content_type   'Structure model' 
_pdbx_audit_revision_history.major_revision      1 
_pdbx_audit_revision_history.minor_revision      0 
_pdbx_audit_revision_history.revision_date       2024-12-04 
# 
_pdbx_audit_revision_details.ordinal             1 
_pdbx_audit_revision_details.revision_ordinal    1 
_pdbx_audit_revision_details.data_content_type   'Structure model' 
_pdbx_audit_revision_details.provider            repository 
_pdbx_audit_revision_details.type                'Initial release' 
_pdbx_audit_revision_details.description         ? 
_pdbx_audit_revision_details.details             ? 
# 
_pdbx_database_status.status_code                     REL 
_pdbx_database_status.status_code_sf                  REL 
_pdbx_database_status.status_code_mr                  ? 
_pdbx_database_status.entry_id                        8V5J 
_pdbx_database_status.recvd_initial_deposition_date   2023-11-30 
_pdbx_database_status.SG_entry                        N 
_pdbx_database_status.deposit_site                    RCSB 
_pdbx_database_status.process_site                    RCSB 
_pdbx_database_status.status_code_cs                  ? 
_pdbx_database_status.status_code_nmr_data            ? 
_pdbx_database_status.methods_development_category    ? 
_pdbx_database_status.pdb_format_compatible           Y 
# 
_pdbx_database_related.db_name        PDB 
_pdbx_database_related.details        . 
_pdbx_database_related.db_id          8V4T 
_pdbx_database_related.content_type   unspecified 
# 
_pdbx_contact_author.id                 3 
_pdbx_contact_author.email              wdw@gsu.edu 
_pdbx_contact_author.name_first         W 
_pdbx_contact_author.name_last          Wilson 
_pdbx_contact_author.name_mi            David 
_pdbx_contact_author.role               'principal investigator/group leader' 
_pdbx_contact_author.identifier_ORCID   0000-0001-5225-5089 
# 
loop_
_audit_author.name 
_audit_author.pdbx_ordinal 
_audit_author.identifier_ORCID 
'Terrell, J.R.' 1 0000-0001-5394-5663 
'Wilson, W.D.'  2 0000-0001-5225-5089 
# 
_citation.abstract                  ? 
_citation.abstract_id_CAS           ? 
_citation.book_id_ISBN              ? 
_citation.book_publisher            ? 
_citation.book_publisher_city       ? 
_citation.book_title                ? 
_citation.coordinate_linkage        ? 
_citation.country                   ? 
_citation.database_id_Medline       ? 
_citation.details                   ? 
_citation.id                        primary 
_citation.journal_abbrev            'To Be Published' 
_citation.journal_id_ASTM           ? 
_citation.journal_id_CSD            0353 
_citation.journal_id_ISSN           ? 
_citation.journal_full              ? 
_citation.journal_issue             ? 
_citation.journal_volume            ? 
_citation.language                  ? 
_citation.page_first                ? 
_citation.page_last                 ? 
_citation.title                     'Structural Examination of DNA Minor Groove Binding by Diamidine Stacked Dimers' 
_citation.year                      ? 
_citation.database_id_CSD           ? 
_citation.pdbx_database_id_DOI      ? 
_citation.pdbx_database_id_PubMed   ? 
_citation.pdbx_database_id_patent   ? 
_citation.unpublished_flag          ? 
# 
loop_
_citation_author.citation_id 
_citation_author.name 
_citation_author.ordinal 
_citation_author.identifier_ORCID 
primary 'Terrell, J.R.' 1 0000-0001-5394-5663 
primary 'Paul, A.'      2 ?                   
primary 'Ogbonna, E.N.' 3 ?                   
primary 'Farahat, A.A.' 4 ?                   
primary 'Wilson, W.D.'  5 0000-0001-5225-5089 
# 
loop_
_entity.id 
_entity.type 
_entity.src_method 
_entity.pdbx_description 
_entity.formula_weight 
_entity.pdbx_number_of_molecules 
_entity.pdbx_ec 
_entity.pdbx_mutation 
_entity.pdbx_fragment 
_entity.details 
1 polymer     syn 
;DNA (5'-D(*GP*CP*TP*GP*GP*AP*TP*TP*AP*AP*TP*CP*CP*AP*GP*C)-3')
;
4898.191 1   ? ? ? ? 
2 non-polymer syn 'CALCIUM ION'                                                    40.078   9   ? ? ? ? 
3 water       nat water                                                            18.015   104 ? ? ? ? 
# 
_entity_poly.entity_id                      1 
_entity_poly.type                           polydeoxyribonucleotide 
_entity_poly.nstd_linkage                   no 
_entity_poly.nstd_monomer                   no 
_entity_poly.pdbx_seq_one_letter_code       '(DG)(DC)(DT)(DG)(DG)(DA)(DT)(DT)(DA)(DA)(DT)(DC)(DC)(DA)(DG)(DC)' 
_entity_poly.pdbx_seq_one_letter_code_can   GCTGGATTAATCCAGC 
_entity_poly.pdbx_strand_id                 A 
_entity_poly.pdbx_target_identifier         ? 
# 
loop_
_pdbx_entity_nonpoly.entity_id 
_pdbx_entity_nonpoly.name 
_pdbx_entity_nonpoly.comp_id 
2 'CALCIUM ION' CA  
3 water         HOH 
# 
loop_
_entity_poly_seq.entity_id 
_entity_poly_seq.num 
_entity_poly_seq.mon_id 
_entity_poly_seq.hetero 
1 1  DG n 
1 2  DC n 
1 3  DT n 
1 4  DG n 
1 5  DG n 
1 6  DA n 
1 7  DT n 
1 8  DT n 
1 9  DA n 
1 10 DA n 
1 11 DT n 
1 12 DC n 
1 13 DC n 
1 14 DA n 
1 15 DG n 
1 16 DC n 
# 
_pdbx_entity_src_syn.entity_id              1 
_pdbx_entity_src_syn.pdbx_src_id            1 
_pdbx_entity_src_syn.pdbx_alt_source_flag   sample 
_pdbx_entity_src_syn.pdbx_beg_seq_num       1 
_pdbx_entity_src_syn.pdbx_end_seq_num       16 
_pdbx_entity_src_syn.organism_scientific    'synthetic construct' 
_pdbx_entity_src_syn.organism_common_name   ? 
_pdbx_entity_src_syn.ncbi_taxonomy_id       32630 
_pdbx_entity_src_syn.details                ? 
# 
loop_
_chem_comp.id 
_chem_comp.type 
_chem_comp.mon_nstd_flag 
_chem_comp.name 
_chem_comp.pdbx_synonyms 
_chem_comp.formula 
_chem_comp.formula_weight 
CA  non-polymer   . 'CALCIUM ION'                        ? 'Ca 2'            40.078  
DA  'DNA linking' y "2'-DEOXYADENOSINE-5'-MONOPHOSPHATE" ? 'C10 H14 N5 O6 P' 331.222 
DC  'DNA linking' y "2'-DEOXYCYTIDINE-5'-MONOPHOSPHATE"  ? 'C9 H14 N3 O7 P'  307.197 
DG  'DNA linking' y "2'-DEOXYGUANOSINE-5'-MONOPHOSPHATE" ? 'C10 H14 N5 O7 P' 347.221 
DT  'DNA linking' y "THYMIDINE-5'-MONOPHOSPHATE"         ? 'C10 H15 N2 O8 P' 322.208 
HOH non-polymer   . WATER                                ? 'H2 O'            18.015  
# 
loop_
_pdbx_poly_seq_scheme.asym_id 
_pdbx_poly_seq_scheme.entity_id 
_pdbx_poly_seq_scheme.seq_id 
_pdbx_poly_seq_scheme.mon_id 
_pdbx_poly_seq_scheme.ndb_seq_num 
_pdbx_poly_seq_scheme.pdb_seq_num 
_pdbx_poly_seq_scheme.auth_seq_num 
_pdbx_poly_seq_scheme.pdb_mon_id 
_pdbx_poly_seq_scheme.auth_mon_id 
_pdbx_poly_seq_scheme.pdb_strand_id 
_pdbx_poly_seq_scheme.pdb_ins_code 
_pdbx_poly_seq_scheme.hetero 
A 1 1  DG 1  1  1  DG DG A . n 
A 1 2  DC 2  2  2  DC DC A . n 
A 1 3  DT 3  3  3  DT DT A . n 
A 1 4  DG 4  4  4  DG DG A . n 
A 1 5  DG 5  5  5  DG DG A . n 
A 1 6  DA 6  6  6  DA DA A . n 
A 1 7  DT 7  7  7  DT DT A . n 
A 1 8  DT 8  8  8  DT DT A . n 
A 1 9  DA 9  9  9  DA DA A . n 
A 1 10 DA 10 10 10 DA DA A . n 
A 1 11 DT 11 11 11 DT DT A . n 
A 1 12 DC 12 12 12 DC DC A . n 
A 1 13 DC 13 13 13 DC DC A . n 
A 1 14 DA 14 14 14 DA DA A . n 
A 1 15 DG 15 15 15 DG DG A . n 
A 1 16 DC 16 16 16 DC DC A . n 
# 
_pdbx_entity_instance_feature.ordinal        1 
_pdbx_entity_instance_feature.comp_id        CA 
_pdbx_entity_instance_feature.asym_id        ? 
_pdbx_entity_instance_feature.seq_num        ? 
_pdbx_entity_instance_feature.auth_comp_id   CA 
_pdbx_entity_instance_feature.auth_asym_id   ? 
_pdbx_entity_instance_feature.auth_seq_num   ? 
_pdbx_entity_instance_feature.feature_type   'SUBJECT OF INVESTIGATION' 
_pdbx_entity_instance_feature.details        ? 
# 
loop_
_pdbx_nonpoly_scheme.asym_id 
_pdbx_nonpoly_scheme.entity_id 
_pdbx_nonpoly_scheme.mon_id 
_pdbx_nonpoly_scheme.ndb_seq_num 
_pdbx_nonpoly_scheme.pdb_seq_num 
_pdbx_nonpoly_scheme.auth_seq_num 
_pdbx_nonpoly_scheme.pdb_mon_id 
_pdbx_nonpoly_scheme.auth_mon_id 
_pdbx_nonpoly_scheme.pdb_strand_id 
_pdbx_nonpoly_scheme.pdb_ins_code 
B 2 CA  1   101 1   CA  CA  A . 
C 2 CA  1   102 2   CA  CA  A . 
D 2 CA  1   103 3   CA  CA  A . 
E 2 CA  1   104 4   CA  CA  A . 
F 2 CA  1   105 5   CA  CA  A . 
G 2 CA  1   106 6   CA  CA  A . 
H 2 CA  1   107 7   CA  CA  A . 
I 2 CA  1   108 8   CA  CA  A . 
J 2 CA  1   109 9   CA  CA  A . 
K 3 HOH 1   201 62  HOH HOH A . 
K 3 HOH 2   202 99  HOH HOH A . 
K 3 HOH 3   203 16  HOH HOH A . 
K 3 HOH 4   204 35  HOH HOH A . 
K 3 HOH 5   205 49  HOH HOH A . 
K 3 HOH 6   206 101 HOH HOH A . 
K 3 HOH 7   207 41  HOH HOH A . 
K 3 HOH 8   208 91  HOH HOH A . 
K 3 HOH 9   209 57  HOH HOH A . 
K 3 HOH 10  210 31  HOH HOH A . 
K 3 HOH 11  211 79  HOH HOH A . 
K 3 HOH 12  212 13  HOH HOH A . 
K 3 HOH 13  213 93  HOH HOH A . 
K 3 HOH 14  214 22  HOH HOH A . 
K 3 HOH 15  215 114 HOH HOH A . 
K 3 HOH 16  216 110 HOH HOH A . 
K 3 HOH 17  217 17  HOH HOH A . 
K 3 HOH 18  218 120 HOH HOH A . 
K 3 HOH 19  219 7   HOH HOH A . 
K 3 HOH 20  220 63  HOH HOH A . 
K 3 HOH 21  221 44  HOH HOH A . 
K 3 HOH 22  222 18  HOH HOH A . 
K 3 HOH 23  223 72  HOH HOH A . 
K 3 HOH 24  224 25  HOH HOH A . 
K 3 HOH 25  225 73  HOH HOH A . 
K 3 HOH 26  226 77  HOH HOH A . 
K 3 HOH 27  227 38  HOH HOH A . 
K 3 HOH 28  228 46  HOH HOH A . 
K 3 HOH 29  229 119 HOH HOH A . 
K 3 HOH 30  230 23  HOH HOH A . 
K 3 HOH 31  231 32  HOH HOH A . 
K 3 HOH 32  232 9   HOH HOH A . 
K 3 HOH 33  233 48  HOH HOH A . 
K 3 HOH 34  234 10  HOH HOH A . 
K 3 HOH 35  235 14  HOH HOH A . 
K 3 HOH 36  236 1   HOH HOH A . 
K 3 HOH 37  237 75  HOH HOH A . 
K 3 HOH 38  238 37  HOH HOH A . 
K 3 HOH 39  239 66  HOH HOH A . 
K 3 HOH 40  240 86  HOH HOH A . 
K 3 HOH 41  241 8   HOH HOH A . 
K 3 HOH 42  242 105 HOH HOH A . 
K 3 HOH 43  243 34  HOH HOH A . 
K 3 HOH 44  244 40  HOH HOH A . 
K 3 HOH 45  245 6   HOH HOH A . 
K 3 HOH 46  246 20  HOH HOH A . 
K 3 HOH 47  247 87  HOH HOH A . 
K 3 HOH 48  248 53  HOH HOH A . 
K 3 HOH 49  249 50  HOH HOH A . 
K 3 HOH 50  250 81  HOH HOH A . 
K 3 HOH 51  251 52  HOH HOH A . 
K 3 HOH 52  252 24  HOH HOH A . 
K 3 HOH 53  253 65  HOH HOH A . 
K 3 HOH 54  254 117 HOH HOH A . 
K 3 HOH 55  255 36  HOH HOH A . 
K 3 HOH 56  256 5   HOH HOH A . 
K 3 HOH 57  257 78  HOH HOH A . 
K 3 HOH 58  258 33  HOH HOH A . 
K 3 HOH 59  259 67  HOH HOH A . 
K 3 HOH 60  260 45  HOH HOH A . 
K 3 HOH 61  261 97  HOH HOH A . 
K 3 HOH 62  262 106 HOH HOH A . 
K 3 HOH 63  263 58  HOH HOH A . 
K 3 HOH 64  264 116 HOH HOH A . 
K 3 HOH 65  265 30  HOH HOH A . 
K 3 HOH 66  266 43  HOH HOH A . 
K 3 HOH 67  267 3   HOH HOH A . 
K 3 HOH 68  268 76  HOH HOH A . 
K 3 HOH 69  269 2   HOH HOH A . 
K 3 HOH 70  270 26  HOH HOH A . 
K 3 HOH 71  271 4   HOH HOH A . 
K 3 HOH 72  272 68  HOH HOH A . 
K 3 HOH 73  273 54  HOH HOH A . 
K 3 HOH 74  274 112 HOH HOH A . 
K 3 HOH 75  275 28  HOH HOH A . 
K 3 HOH 76  276 80  HOH HOH A . 
K 3 HOH 77  277 107 HOH HOH A . 
K 3 HOH 78  278 64  HOH HOH A . 
K 3 HOH 79  279 83  HOH HOH A . 
K 3 HOH 80  280 11  HOH HOH A . 
K 3 HOH 81  281 111 HOH HOH A . 
K 3 HOH 82  282 69  HOH HOH A . 
K 3 HOH 83  283 59  HOH HOH A . 
K 3 HOH 84  284 71  HOH HOH A . 
K 3 HOH 85  285 19  HOH HOH A . 
K 3 HOH 86  286 74  HOH HOH A . 
K 3 HOH 87  287 29  HOH HOH A . 
K 3 HOH 88  288 55  HOH HOH A . 
K 3 HOH 89  289 92  HOH HOH A . 
K 3 HOH 90  290 21  HOH HOH A . 
K 3 HOH 91  291 109 HOH HOH A . 
K 3 HOH 92  292 115 HOH HOH A . 
K 3 HOH 93  293 47  HOH HOH A . 
K 3 HOH 94  294 85  HOH HOH A . 
K 3 HOH 95  295 89  HOH HOH A . 
K 3 HOH 96  296 42  HOH HOH A . 
K 3 HOH 97  297 108 HOH HOH A . 
K 3 HOH 98  298 90  HOH HOH A . 
K 3 HOH 99  299 61  HOH HOH A . 
K 3 HOH 100 300 12  HOH HOH A . 
K 3 HOH 101 301 118 HOH HOH A . 
K 3 HOH 102 302 15  HOH HOH A . 
K 3 HOH 103 303 94  HOH HOH A . 
K 3 HOH 104 304 113 HOH HOH A . 
# 
loop_
_software.citation_id 
_software.classification 
_software.compiler_name 
_software.compiler_version 
_software.contact_author 
_software.contact_author_email 
_software.date 
_software.description 
_software.dependencies 
_software.hardware 
_software.language 
_software.location 
_software.mods 
_software.name 
_software.os 
_software.os_version 
_software.type 
_software.version 
_software.pdbx_ordinal 
? refinement       ? ? ? ? ? ? ? ? ? ? ? PHENIX  ? ? ? 1.19.2_4158 1 
? 'data reduction' ? ? ? ? ? ? ? ? ? ? ? XDS     ? ? ? .           2 
? 'data scaling'   ? ? ? ? ? ? ? ? ? ? ? Aimless ? ? ? .           3 
? phasing          ? ? ? ? ? ? ? ? ? ? ? PHASER  ? ? ? .           4 
# 
_cell.angle_alpha                  90.000 
_cell.angle_alpha_esd              ? 
_cell.angle_beta                   90.000 
_cell.angle_beta_esd               ? 
_cell.angle_gamma                  120.000 
_cell.angle_gamma_esd              ? 
_cell.entry_id                     8V5J 
_cell.details                      ? 
_cell.formula_units_Z              ? 
_cell.length_a                     38.829 
_cell.length_a_esd                 ? 
_cell.length_b                     38.829 
_cell.length_b_esd                 ? 
_cell.length_c                     159.676 
_cell.length_c_esd                 ? 
_cell.volume                       208488.780 
_cell.volume_esd                   ? 
_cell.Z_PDB                        18 
_cell.reciprocal_angle_alpha       ? 
_cell.reciprocal_angle_beta        ? 
_cell.reciprocal_angle_gamma       ? 
_cell.reciprocal_angle_alpha_esd   ? 
_cell.reciprocal_angle_beta_esd    ? 
_cell.reciprocal_angle_gamma_esd   ? 
_cell.reciprocal_length_a          ? 
_cell.reciprocal_length_b          ? 
_cell.reciprocal_length_c          ? 
_cell.reciprocal_length_a_esd      ? 
_cell.reciprocal_length_b_esd      ? 
_cell.reciprocal_length_c_esd      ? 
_cell.pdbx_unique_axis             ? 
_cell.pdbx_esd_method              ? 
# 
_symmetry.entry_id                         8V5J 
_symmetry.cell_setting                     ? 
_symmetry.Int_Tables_number                155 
_symmetry.space_group_name_Hall            
;R 3 2"
;
_symmetry.space_group_name_H-M             'H 3 2' 
_symmetry.pdbx_full_space_group_name_H-M   ? 
# 
_exptl.absorpt_coefficient_mu     ? 
_exptl.absorpt_correction_T_max   ? 
_exptl.absorpt_correction_T_min   ? 
_exptl.absorpt_correction_type    ? 
_exptl.absorpt_process_details    ? 
_exptl.entry_id                   8V5J 
_exptl.crystals_number            1 
_exptl.details                    ? 
_exptl.method                     'X-RAY DIFFRACTION' 
_exptl.method_details             ? 
# 
_exptl_crystal.colour                       ? 
_exptl_crystal.density_diffrn               ? 
_exptl_crystal.density_Matthews             2.36 
_exptl_crystal.density_method               ? 
_exptl_crystal.density_percent_sol          47.98 
_exptl_crystal.description                  ? 
_exptl_crystal.F_000                        ? 
_exptl_crystal.id                           1 
_exptl_crystal.preparation                  ? 
_exptl_crystal.size_max                     ? 
_exptl_crystal.size_mid                     ? 
_exptl_crystal.size_min                     ? 
_exptl_crystal.size_rad                     ? 
_exptl_crystal.colour_lustre                ? 
_exptl_crystal.colour_modifier              ? 
_exptl_crystal.colour_primary               ? 
_exptl_crystal.density_meas                 ? 
_exptl_crystal.density_meas_esd             ? 
_exptl_crystal.density_meas_gt              ? 
_exptl_crystal.density_meas_lt              ? 
_exptl_crystal.density_meas_temp            ? 
_exptl_crystal.density_meas_temp_esd        ? 
_exptl_crystal.density_meas_temp_gt         ? 
_exptl_crystal.density_meas_temp_lt         ? 
_exptl_crystal.pdbx_crystal_image_url       ? 
_exptl_crystal.pdbx_crystal_image_format    ? 
_exptl_crystal.pdbx_mosaicity               ? 
_exptl_crystal.pdbx_mosaicity_esd           ? 
_exptl_crystal.pdbx_mosaic_method           ? 
_exptl_crystal.pdbx_mosaic_block_size       ? 
_exptl_crystal.pdbx_mosaic_block_size_esd   ? 
# 
_exptl_crystal_grow.apparatus       ? 
_exptl_crystal_grow.atmosphere      ? 
_exptl_crystal_grow.crystal_id      1 
_exptl_crystal_grow.details         ? 
_exptl_crystal_grow.method          'VAPOR DIFFUSION, HANGING DROP' 
_exptl_crystal_grow.method_ref      ? 
_exptl_crystal_grow.pH              8.6 
_exptl_crystal_grow.pressure        ? 
_exptl_crystal_grow.pressure_esd    ? 
_exptl_crystal_grow.seeding         ? 
_exptl_crystal_grow.seeding_ref     ? 
_exptl_crystal_grow.temp_details    ? 
_exptl_crystal_grow.temp_esd        ? 
_exptl_crystal_grow.time            ? 
_exptl_crystal_grow.pdbx_details    '10mM HEPES, pH=8.6, 600mM CaCl2, 36% PEG200 mixed 1:1 with 1mM DNA duplex' 
_exptl_crystal_grow.pdbx_pH_range   ? 
_exptl_crystal_grow.temp            295 
# 
_diffrn.ambient_environment              ? 
_diffrn.ambient_temp                     100 
_diffrn.ambient_temp_details             ? 
_diffrn.ambient_temp_esd                 ? 
_diffrn.crystal_id                       1 
_diffrn.crystal_support                  ? 
_diffrn.crystal_treatment                ? 
_diffrn.details                          ? 
_diffrn.id                               1 
_diffrn.ambient_pressure                 ? 
_diffrn.ambient_pressure_esd             ? 
_diffrn.ambient_pressure_gt              ? 
_diffrn.ambient_pressure_lt              ? 
_diffrn.ambient_temp_gt                  ? 
_diffrn.ambient_temp_lt                  ? 
_diffrn.pdbx_serial_crystal_experiment   N 
# 
_diffrn_detector.details                      ? 
_diffrn_detector.detector                     PIXEL 
_diffrn_detector.diffrn_id                    1 
_diffrn_detector.type                         'DECTRIS EIGER X 9M' 
_diffrn_detector.area_resol_mean              ? 
_diffrn_detector.dtime                        ? 
_diffrn_detector.pdbx_frames_total            ? 
_diffrn_detector.pdbx_collection_time_total   ? 
_diffrn_detector.pdbx_collection_date         2022-03-07 
_diffrn_detector.pdbx_frequency               ? 
_diffrn_detector.id                           ? 
_diffrn_detector.number_of_axes               ? 
# 
_diffrn_radiation.collimation                      ? 
_diffrn_radiation.diffrn_id                        1 
_diffrn_radiation.filter_edge                      ? 
_diffrn_radiation.inhomogeneity                    ? 
_diffrn_radiation.monochromator                    'vertical DCM' 
_diffrn_radiation.polarisn_norm                    ? 
_diffrn_radiation.polarisn_ratio                   ? 
_diffrn_radiation.probe                            ? 
_diffrn_radiation.type                             ? 
_diffrn_radiation.xray_symbol                      ? 
_diffrn_radiation.wavelength_id                    1 
_diffrn_radiation.pdbx_monochromatic_or_laue_m_l   M 
_diffrn_radiation.pdbx_wavelength_list             ? 
_diffrn_radiation.pdbx_wavelength                  ? 
_diffrn_radiation.pdbx_diffrn_protocol             'SINGLE WAVELENGTH' 
_diffrn_radiation.pdbx_analyzer                    ? 
_diffrn_radiation.pdbx_scattering_type             x-ray 
# 
_diffrn_radiation_wavelength.id           1 
_diffrn_radiation_wavelength.wavelength   0.751419 
_diffrn_radiation_wavelength.wt           1.0 
# 
_diffrn_source.current                     ? 
_diffrn_source.details                     ? 
_diffrn_source.diffrn_id                   1 
_diffrn_source.power                       ? 
_diffrn_source.size                        ? 
_diffrn_source.source                      SYNCHROTRON 
_diffrn_source.target                      ? 
_diffrn_source.type                        'NSLS-II BEAMLINE 17-ID-1' 
_diffrn_source.voltage                     ? 
_diffrn_source.take-off_angle              ? 
_diffrn_source.pdbx_wavelength_list        0.751419 
_diffrn_source.pdbx_wavelength             ? 
_diffrn_source.pdbx_synchrotron_beamline   17-ID-1 
_diffrn_source.pdbx_synchrotron_site       NSLS-II 
# 
_reflns.B_iso_Wilson_estimate                          16.61 
_reflns.entry_id                                       8V5J 
_reflns.data_reduction_details                         ? 
_reflns.data_reduction_method                          ? 
_reflns.d_resolution_high                              1.19 
_reflns.d_resolution_low                               26.61 
_reflns.details                                        ? 
_reflns.limit_h_max                                    ? 
_reflns.limit_h_min                                    ? 
_reflns.limit_k_max                                    ? 
_reflns.limit_k_min                                    ? 
_reflns.limit_l_max                                    ? 
_reflns.limit_l_min                                    ? 
_reflns.number_all                                     ? 
_reflns.number_obs                                     15183 
_reflns.observed_criterion                             ? 
_reflns.observed_criterion_F_max                       ? 
_reflns.observed_criterion_F_min                       ? 
_reflns.observed_criterion_I_max                       ? 
_reflns.observed_criterion_I_min                       ? 
_reflns.observed_criterion_sigma_F                     ? 
_reflns.observed_criterion_sigma_I                     ? 
_reflns.percent_possible_obs                           98.28 
_reflns.R_free_details                                 ? 
_reflns.Rmerge_F_all                                   ? 
_reflns.Rmerge_F_obs                                   ? 
_reflns.Friedel_coverage                               ? 
_reflns.number_gt                                      ? 
_reflns.threshold_expression                           ? 
_reflns.pdbx_redundancy                                9.9 
_reflns.pdbx_netI_over_av_sigmaI                       ? 
_reflns.pdbx_netI_over_sigmaI                          32.38 
_reflns.pdbx_res_netI_over_av_sigmaI_2                 ? 
_reflns.pdbx_res_netI_over_sigmaI_2                    ? 
_reflns.pdbx_chi_squared                               ? 
_reflns.pdbx_scaling_rejects                           ? 
_reflns.pdbx_d_res_high_opt                            ? 
_reflns.pdbx_d_res_low_opt                             ? 
_reflns.pdbx_d_res_opt_method                          ? 
_reflns.phase_calculation_details                      ? 
_reflns.pdbx_Rrim_I_all                                0.04393 
_reflns.pdbx_Rpim_I_all                                0.01534 
_reflns.pdbx_d_opt                                     ? 
_reflns.pdbx_number_measured_all                       ? 
_reflns.pdbx_diffrn_id                                 1 
_reflns.pdbx_ordinal                                   1 
_reflns.pdbx_CC_half                                   0.998 
_reflns.pdbx_CC_star                                   0.999 
_reflns.pdbx_R_split                                   ? 
_reflns.pdbx_Rmerge_I_obs                              0.04092 
_reflns.pdbx_Rmerge_I_all                              ? 
_reflns.pdbx_Rsym_value                                ? 
_reflns.pdbx_CC_split_method                           ? 
_reflns.pdbx_aniso_diffraction_limit_axis_1_ortho[1]   ? 
_reflns.pdbx_aniso_diffraction_limit_axis_1_ortho[2]   ? 
_reflns.pdbx_aniso_diffraction_limit_axis_1_ortho[3]   ? 
_reflns.pdbx_aniso_diffraction_limit_axis_2_ortho[1]   ? 
_reflns.pdbx_aniso_diffraction_limit_axis_2_ortho[2]   ? 
_reflns.pdbx_aniso_diffraction_limit_axis_2_ortho[3]   ? 
_reflns.pdbx_aniso_diffraction_limit_axis_3_ortho[1]   ? 
_reflns.pdbx_aniso_diffraction_limit_axis_3_ortho[2]   ? 
_reflns.pdbx_aniso_diffraction_limit_axis_3_ortho[3]   ? 
_reflns.pdbx_aniso_diffraction_limit_1                 ? 
_reflns.pdbx_aniso_diffraction_limit_2                 ? 
_reflns.pdbx_aniso_diffraction_limit_3                 ? 
_reflns.pdbx_aniso_B_tensor_eigenvector_1_ortho[1]     ? 
_reflns.pdbx_aniso_B_tensor_eigenvector_1_ortho[2]     ? 
_reflns.pdbx_aniso_B_tensor_eigenvector_1_ortho[3]     ? 
_reflns.pdbx_aniso_B_tensor_eigenvector_2_ortho[1]     ? 
_reflns.pdbx_aniso_B_tensor_eigenvector_2_ortho[2]     ? 
_reflns.pdbx_aniso_B_tensor_eigenvector_2_ortho[3]     ? 
_reflns.pdbx_aniso_B_tensor_eigenvector_3_ortho[1]     ? 
_reflns.pdbx_aniso_B_tensor_eigenvector_3_ortho[2]     ? 
_reflns.pdbx_aniso_B_tensor_eigenvector_3_ortho[3]     ? 
_reflns.pdbx_aniso_B_tensor_eigenvalue_1               ? 
_reflns.pdbx_aniso_B_tensor_eigenvalue_2               ? 
_reflns.pdbx_aniso_B_tensor_eigenvalue_3               ? 
_reflns.pdbx_orthogonalization_convention              ? 
_reflns.pdbx_percent_possible_ellipsoidal              ? 
_reflns.pdbx_percent_possible_spherical                ? 
_reflns.pdbx_percent_possible_ellipsoidal_anomalous    ? 
_reflns.pdbx_percent_possible_spherical_anomalous      ? 
_reflns.pdbx_redundancy_anomalous                      ? 
_reflns.pdbx_CC_half_anomalous                         ? 
_reflns.pdbx_absDiff_over_sigma_anomalous              ? 
_reflns.pdbx_percent_possible_anomalous                ? 
_reflns.pdbx_observed_signal_threshold                 ? 
_reflns.pdbx_signal_type                               ? 
_reflns.pdbx_signal_details                            ? 
_reflns.pdbx_signal_software_id                        ? 
# 
_reflns_shell.d_res_high                                    1.19 
_reflns_shell.d_res_low                                     1.233 
_reflns_shell.meanI_over_sigI_all                           ? 
_reflns_shell.meanI_over_sigI_obs                           7.18 
_reflns_shell.number_measured_all                           ? 
_reflns_shell.number_measured_obs                           ? 
_reflns_shell.number_possible                               ? 
_reflns_shell.number_unique_all                             ? 
_reflns_shell.number_unique_obs                             1491 
_reflns_shell.percent_possible_obs                          ? 
_reflns_shell.Rmerge_F_all                                  ? 
_reflns_shell.Rmerge_F_obs                                  ? 
_reflns_shell.meanI_over_sigI_gt                            ? 
_reflns_shell.meanI_over_uI_all                             ? 
_reflns_shell.meanI_over_uI_gt                              ? 
_reflns_shell.number_measured_gt                            ? 
_reflns_shell.number_unique_gt                              ? 
_reflns_shell.percent_possible_gt                           ? 
_reflns_shell.Rmerge_F_gt                                   ? 
_reflns_shell.Rmerge_I_gt                                   ? 
_reflns_shell.pdbx_redundancy                               10.6 
_reflns_shell.pdbx_chi_squared                              ? 
_reflns_shell.pdbx_netI_over_sigmaI_all                     ? 
_reflns_shell.pdbx_netI_over_sigmaI_obs                     ? 
_reflns_shell.pdbx_Rrim_I_all                               0.347 
_reflns_shell.pdbx_Rpim_I_all                               0.1055 
_reflns_shell.pdbx_rejects                                  ? 
_reflns_shell.pdbx_ordinal                                  1 
_reflns_shell.pdbx_diffrn_id                                1 
_reflns_shell.pdbx_CC_half                                  0.98 
_reflns_shell.pdbx_CC_star                                  0.995 
_reflns_shell.pdbx_R_split                                  ? 
_reflns_shell.percent_possible_all                          98.42 
_reflns_shell.Rmerge_I_all                                  ? 
_reflns_shell.Rmerge_I_obs                                  0.3303 
_reflns_shell.pdbx_Rsym_value                               ? 
_reflns_shell.pdbx_percent_possible_ellipsoidal             ? 
_reflns_shell.pdbx_percent_possible_spherical               ? 
_reflns_shell.pdbx_percent_possible_ellipsoidal_anomalous   ? 
_reflns_shell.pdbx_percent_possible_spherical_anomalous     ? 
_reflns_shell.pdbx_redundancy_anomalous                     ? 
_reflns_shell.pdbx_CC_half_anomalous                        ? 
_reflns_shell.pdbx_absDiff_over_sigma_anomalous             ? 
_reflns_shell.pdbx_percent_possible_anomalous               ? 
# 
_refine.aniso_B[1][1]                            ? 
_refine.aniso_B[1][2]                            ? 
_refine.aniso_B[1][3]                            ? 
_refine.aniso_B[2][2]                            ? 
_refine.aniso_B[2][3]                            ? 
_refine.aniso_B[3][3]                            ? 
_refine.B_iso_max                                ? 
_refine.B_iso_mean                               25.11 
_refine.B_iso_min                                ? 
_refine.correlation_coeff_Fo_to_Fc               ? 
_refine.correlation_coeff_Fo_to_Fc_free          ? 
_refine.details                                  ? 
_refine.diff_density_max                         ? 
_refine.diff_density_max_esd                     ? 
_refine.diff_density_min                         ? 
_refine.diff_density_min_esd                     ? 
_refine.diff_density_rms                         ? 
_refine.diff_density_rms_esd                     ? 
_refine.entry_id                                 8V5J 
_refine.pdbx_refine_id                           'X-RAY DIFFRACTION' 
_refine.ls_abs_structure_details                 ? 
_refine.ls_abs_structure_Flack                   ? 
_refine.ls_abs_structure_Flack_esd               ? 
_refine.ls_abs_structure_Rogers                  ? 
_refine.ls_abs_structure_Rogers_esd              ? 
_refine.ls_d_res_high                            1.19 
_refine.ls_d_res_low                             26.61 
_refine.ls_extinction_coef                       ? 
_refine.ls_extinction_coef_esd                   ? 
_refine.ls_extinction_expression                 ? 
_refine.ls_extinction_method                     ? 
_refine.ls_goodness_of_fit_all                   ? 
_refine.ls_goodness_of_fit_all_esd               ? 
_refine.ls_goodness_of_fit_obs                   ? 
_refine.ls_goodness_of_fit_obs_esd               ? 
_refine.ls_hydrogen_treatment                    ? 
_refine.ls_matrix_type                           ? 
_refine.ls_number_constraints                    ? 
_refine.ls_number_parameters                     ? 
_refine.ls_number_reflns_all                     ? 
_refine.ls_number_reflns_obs                     15163 
_refine.ls_number_reflns_R_free                  1515 
_refine.ls_number_reflns_R_work                  13648 
_refine.ls_number_restraints                     ? 
_refine.ls_percent_reflns_obs                    98.30 
_refine.ls_percent_reflns_R_free                 9.99 
_refine.ls_R_factor_all                          ? 
_refine.ls_R_factor_obs                          0.1899 
_refine.ls_R_factor_R_free                       0.2102 
_refine.ls_R_factor_R_free_error                 ? 
_refine.ls_R_factor_R_free_error_details         ? 
_refine.ls_R_factor_R_work                       0.1875 
_refine.ls_R_Fsqd_factor_obs                     ? 
_refine.ls_R_I_factor_obs                        ? 
_refine.ls_redundancy_reflns_all                 ? 
_refine.ls_redundancy_reflns_obs                 ? 
_refine.ls_restrained_S_all                      ? 
_refine.ls_restrained_S_obs                      ? 
_refine.ls_shift_over_esd_max                    ? 
_refine.ls_shift_over_esd_mean                   ? 
_refine.ls_structure_factor_coef                 ? 
_refine.ls_weighting_details                     ? 
_refine.ls_weighting_scheme                      ? 
_refine.ls_wR_factor_all                         ? 
_refine.ls_wR_factor_obs                         ? 
_refine.ls_wR_factor_R_free                      ? 
_refine.ls_wR_factor_R_work                      ? 
_refine.occupancy_max                            ? 
_refine.occupancy_min                            ? 
_refine.solvent_model_details                    'FLAT BULK SOLVENT MODEL' 
_refine.solvent_model_param_bsol                 ? 
_refine.solvent_model_param_ksol                 ? 
_refine.pdbx_R_complete                          ? 
_refine.ls_R_factor_gt                           ? 
_refine.ls_goodness_of_fit_gt                    ? 
_refine.ls_goodness_of_fit_ref                   ? 
_refine.ls_shift_over_su_max                     ? 
_refine.ls_shift_over_su_max_lt                  ? 
_refine.ls_shift_over_su_mean                    ? 
_refine.ls_shift_over_su_mean_lt                 ? 
_refine.pdbx_ls_sigma_I                          ? 
_refine.pdbx_ls_sigma_F                          1.35 
_refine.pdbx_ls_sigma_Fsqd                       ? 
_refine.pdbx_data_cutoff_high_absF               ? 
_refine.pdbx_data_cutoff_high_rms_absF           ? 
_refine.pdbx_data_cutoff_low_absF                ? 
_refine.pdbx_isotropic_thermal_model             ? 
_refine.pdbx_ls_cross_valid_method               'FREE R-VALUE' 
_refine.pdbx_method_to_determine_struct          'MOLECULAR REPLACEMENT' 
_refine.pdbx_starting_model                      ? 
_refine.pdbx_stereochemistry_target_values       'GeoStd + Monomer Library + CDL v1.2' 
_refine.pdbx_R_Free_selection_details            ? 
_refine.pdbx_stereochem_target_val_spec_case     ? 
_refine.pdbx_overall_ESU_R                       ? 
_refine.pdbx_overall_ESU_R_Free                  ? 
_refine.pdbx_solvent_vdw_probe_radii             1.1100 
_refine.pdbx_solvent_ion_probe_radii             ? 
_refine.pdbx_solvent_shrinkage_radii             0.9000 
_refine.pdbx_real_space_R                        ? 
_refine.pdbx_density_correlation                 ? 
_refine.pdbx_pd_number_of_powder_patterns        ? 
_refine.pdbx_pd_number_of_points                 ? 
_refine.pdbx_pd_meas_number_of_points            ? 
_refine.pdbx_pd_proc_ls_prof_R_factor            ? 
_refine.pdbx_pd_proc_ls_prof_wR_factor           ? 
_refine.pdbx_pd_Marquardt_correlation_coeff      ? 
_refine.pdbx_pd_Fsqrd_R_factor                   ? 
_refine.pdbx_pd_ls_matrix_band_width             ? 
_refine.pdbx_overall_phase_error                 19.4651 
_refine.pdbx_overall_SU_R_free_Cruickshank_DPI   ? 
_refine.pdbx_overall_SU_R_free_Blow_DPI          ? 
_refine.pdbx_overall_SU_R_Blow_DPI               ? 
_refine.pdbx_TLS_residual_ADP_flag               ? 
_refine.pdbx_diffrn_id                           1 
_refine.overall_SU_B                             ? 
_refine.overall_SU_ML                            0.1034 
_refine.overall_SU_R_Cruickshank_DPI             ? 
_refine.overall_SU_R_free                        ? 
_refine.overall_FOM_free_R_set                   ? 
_refine.overall_FOM_work_R_set                   ? 
_refine.pdbx_average_fsc_overall                 ? 
_refine.pdbx_average_fsc_work                    ? 
_refine.pdbx_average_fsc_free                    ? 
# 
_refine_hist.pdbx_refine_id                   'X-RAY DIFFRACTION' 
_refine_hist.cycle_id                         LAST 
_refine_hist.details                          ? 
_refine_hist.d_res_high                       1.19 
_refine_hist.d_res_low                        26.61 
_refine_hist.number_atoms_solvent             104 
_refine_hist.number_atoms_total               438 
_refine_hist.number_reflns_all                ? 
_refine_hist.number_reflns_obs                ? 
_refine_hist.number_reflns_R_free             ? 
_refine_hist.number_reflns_R_work             ? 
_refine_hist.R_factor_all                     ? 
_refine_hist.R_factor_obs                     ? 
_refine_hist.R_factor_R_free                  ? 
_refine_hist.R_factor_R_work                  ? 
_refine_hist.pdbx_number_residues_total       ? 
_refine_hist.pdbx_B_iso_mean_ligand           ? 
_refine_hist.pdbx_B_iso_mean_solvent          ? 
_refine_hist.pdbx_number_atoms_protein        0 
_refine_hist.pdbx_number_atoms_nucleic_acid   325 
_refine_hist.pdbx_number_atoms_ligand         9 
_refine_hist.pdbx_number_atoms_lipid          ? 
_refine_hist.pdbx_number_atoms_carb           ? 
_refine_hist.pdbx_pseudo_atom_details         ? 
# 
loop_
_refine_ls_restr.pdbx_refine_id 
_refine_ls_restr.criterion 
_refine_ls_restr.dev_ideal 
_refine_ls_restr.dev_ideal_target 
_refine_ls_restr.number 
_refine_ls_restr.rejects 
_refine_ls_restr.type 
_refine_ls_restr.weight 
_refine_ls_restr.pdbx_restraint_function 
'X-RAY DIFFRACTION' ? 0.0111  ? 364 ? f_bond_d           ? ? 
'X-RAY DIFFRACTION' ? 1.3398  ? 560 ? f_angle_d          ? ? 
'X-RAY DIFFRACTION' ? 0.0677  ? 63  ? f_chiral_restr     ? ? 
'X-RAY DIFFRACTION' ? 0.0219  ? 16  ? f_plane_restr      ? ? 
'X-RAY DIFFRACTION' ? 33.7019 ? 156 ? f_dihedral_angle_d ? ? 
# 
loop_
_refine_ls_shell.pdbx_refine_id 
_refine_ls_shell.d_res_high 
_refine_ls_shell.d_res_low 
_refine_ls_shell.number_reflns_all 
_refine_ls_shell.number_reflns_obs 
_refine_ls_shell.number_reflns_R_free 
_refine_ls_shell.number_reflns_R_work 
_refine_ls_shell.percent_reflns_obs 
_refine_ls_shell.percent_reflns_R_free 
_refine_ls_shell.R_factor_all 
_refine_ls_shell.R_factor_obs 
_refine_ls_shell.R_factor_R_free_error 
_refine_ls_shell.R_factor_R_work 
_refine_ls_shell.redundancy_reflns_all 
_refine_ls_shell.redundancy_reflns_obs 
_refine_ls_shell.wR_factor_all 
_refine_ls_shell.wR_factor_obs 
_refine_ls_shell.wR_factor_R_free 
_refine_ls_shell.wR_factor_R_work 
_refine_ls_shell.pdbx_R_complete 
_refine_ls_shell.pdbx_total_number_of_bins_used 
_refine_ls_shell.pdbx_phase_error 
_refine_ls_shell.pdbx_fsc_work 
_refine_ls_shell.pdbx_fsc_free 
_refine_ls_shell.R_factor_R_free 
'X-RAY DIFFRACTION' 1.19 1.23  . . 137 1226 98.41 . . . . 0.1727 . . . . . . . . . . . 0.2268 
'X-RAY DIFFRACTION' 1.23 1.27  . . 135 1218 98.69 . . . . 0.1510 . . . . . . . . . . . 0.1794 
'X-RAY DIFFRACTION' 1.27 1.32  . . 135 1214 98.54 . . . . 0.1574 . . . . . . . . . . . 0.1833 
'X-RAY DIFFRACTION' 1.32 1.38  . . 138 1239 98.92 . . . . 0.1596 . . . . . . . . . . . 0.2092 
'X-RAY DIFFRACTION' 1.38 1.46  . . 135 1217 98.98 . . . . 0.1581 . . . . . . . . . . . 0.1938 
'X-RAY DIFFRACTION' 1.46 1.55  . . 138 1245 99.28 . . . . 0.1513 . . . . . . . . . . . 0.1760 
'X-RAY DIFFRACTION' 1.55 1.67  . . 137 1231 98.42 . . . . 0.1445 . . . . . . . . . . . 0.1911 
'X-RAY DIFFRACTION' 1.67 1.83  . . 137 1250 99.07 . . . . 0.1397 . . . . . . . . . . . 0.1739 
'X-RAY DIFFRACTION' 1.83 2.10  . . 141 1271 99.58 . . . . 0.1749 . . . . . . . . . . . 0.1824 
'X-RAY DIFFRACTION' 2.10 2.65  . . 143 1276 99.86 . . . . 0.1982 . . . . . . . . . . . 0.2055 
'X-RAY DIFFRACTION' 2.65 26.61 . . 139 1261 92.17 . . . . 0.2188 . . . . . . . . . . . 0.2436 
# 
_struct.entry_id                     8V5J 
_struct.title                        
;The Native DNA 16-mer Sequence 5'-GCTGGATTAATCCAGC-3
;
_struct.pdbx_model_details           ? 
_struct.pdbx_formula_weight          ? 
_struct.pdbx_formula_weight_method   ? 
_struct.pdbx_model_type_details      ? 
_struct.pdbx_CASP_flag               N 
# 
_struct_keywords.entry_id        8V5J 
_struct_keywords.text            'DNA duplex, DNA, 16-mer, Self-complementary' 
_struct_keywords.pdbx_keywords   DNA 
# 
loop_
_struct_asym.id 
_struct_asym.pdbx_blank_PDB_chainid_flag 
_struct_asym.pdbx_modified 
_struct_asym.entity_id 
_struct_asym.details 
A N N 1 ? 
B N N 2 ? 
C N N 2 ? 
D N N 2 ? 
E N N 2 ? 
F N N 2 ? 
G N N 2 ? 
H N N 2 ? 
I N N 2 ? 
J N N 2 ? 
K N N 3 ? 
# 
_struct_ref.id                         1 
_struct_ref.db_name                    PDB 
_struct_ref.db_code                    8V5J 
_struct_ref.pdbx_db_accession          8V5J 
_struct_ref.pdbx_db_isoform            ? 
_struct_ref.entity_id                  1 
_struct_ref.pdbx_seq_one_letter_code   ? 
_struct_ref.pdbx_align_begin           1 
# 
_struct_ref_seq.align_id                      1 
_struct_ref_seq.ref_id                        1 
_struct_ref_seq.pdbx_PDB_id_code              8V5J 
_struct_ref_seq.pdbx_strand_id                A 
_struct_ref_seq.seq_align_beg                 1 
_struct_ref_seq.pdbx_seq_align_beg_ins_code   ? 
_struct_ref_seq.seq_align_end                 16 
_struct_ref_seq.pdbx_seq_align_end_ins_code   ? 
_struct_ref_seq.pdbx_db_accession             8V5J 
_struct_ref_seq.db_align_beg                  1 
_struct_ref_seq.pdbx_db_align_beg_ins_code    ? 
_struct_ref_seq.db_align_end                  16 
_struct_ref_seq.pdbx_db_align_end_ins_code    ? 
_struct_ref_seq.pdbx_auth_seq_align_beg       1 
_struct_ref_seq.pdbx_auth_seq_align_end       16 
# 
_pdbx_struct_assembly.id                   1 
_pdbx_struct_assembly.details              author_defined_assembly 
_pdbx_struct_assembly.method_details       ? 
_pdbx_struct_assembly.oligomeric_details   dimeric 
_pdbx_struct_assembly.oligomeric_count     2 
# 
loop_
_pdbx_struct_assembly_gen.assembly_id 
_pdbx_struct_assembly_gen.oper_expression 
_pdbx_struct_assembly_gen.asym_id_list 
1 1 A,B,C,D,E,F,G,H,I,J,K 
1 2 A,B,C,D,E,F,G,H,I,J,K 
# 
_pdbx_struct_assembly_auth_evidence.id                     1 
_pdbx_struct_assembly_auth_evidence.assembly_id            1 
_pdbx_struct_assembly_auth_evidence.experimental_support   none 
_pdbx_struct_assembly_auth_evidence.details                ? 
# 
loop_
_pdbx_struct_oper_list.id 
_pdbx_struct_oper_list.type 
_pdbx_struct_oper_list.name 
_pdbx_struct_oper_list.symmetry_operation 
_pdbx_struct_oper_list.matrix[1][1] 
_pdbx_struct_oper_list.matrix[1][2] 
_pdbx_struct_oper_list.matrix[1][3] 
_pdbx_struct_oper_list.vector[1] 
_pdbx_struct_oper_list.matrix[2][1] 
_pdbx_struct_oper_list.matrix[2][2] 
_pdbx_struct_oper_list.matrix[2][3] 
_pdbx_struct_oper_list.vector[2] 
_pdbx_struct_oper_list.matrix[3][1] 
_pdbx_struct_oper_list.matrix[3][2] 
_pdbx_struct_oper_list.matrix[3][3] 
_pdbx_struct_oper_list.vector[3] 
1 'identity operation'         1_555  x,y,z                 1.0000000000  0.0000000000  0.0000000000  0.0000000000 0.0000000000  1.0000000000 0.0000000000 0.0000000000 0.0000000000  0.0000000000 1.0000000000  0.0000000000  
2 'crystal symmetry operation' 17_435 x-y-2/3,-y-4/3,-z+2/3 -0.9560297469 -0.2697725464 -0.1150212858 1.4950756468 -0.2697725464 0.6551468711 0.7056949416 1.2168273628 -0.1150212858 0.7056949416 -0.6991171241 -2.2824276371 
# 
loop_
_struct_conn.id 
_struct_conn.conn_type_id 
_struct_conn.pdbx_leaving_atom_flag 
_struct_conn.pdbx_PDB_id 
_struct_conn.ptnr1_label_asym_id 
_struct_conn.ptnr1_label_comp_id 
_struct_conn.ptnr1_label_seq_id 
_struct_conn.ptnr1_label_atom_id 
_struct_conn.pdbx_ptnr1_label_alt_id 
_struct_conn.pdbx_ptnr1_PDB_ins_code 
_struct_conn.pdbx_ptnr1_standard_comp_id 
_struct_conn.ptnr1_symmetry 
_struct_conn.ptnr2_label_asym_id 
_struct_conn.ptnr2_label_comp_id 
_struct_conn.ptnr2_label_seq_id 
_struct_conn.ptnr2_label_atom_id 
_struct_conn.pdbx_ptnr2_label_alt_id 
_struct_conn.pdbx_ptnr2_PDB_ins_code 
_struct_conn.ptnr1_auth_asym_id 
_struct_conn.ptnr1_auth_comp_id 
_struct_conn.ptnr1_auth_seq_id 
_struct_conn.ptnr2_auth_asym_id 
_struct_conn.ptnr2_auth_comp_id 
_struct_conn.ptnr2_auth_seq_id 
_struct_conn.ptnr2_symmetry 
_struct_conn.pdbx_ptnr3_label_atom_id 
_struct_conn.pdbx_ptnr3_label_seq_id 
_struct_conn.pdbx_ptnr3_label_comp_id 
_struct_conn.pdbx_ptnr3_label_asym_id 
_struct_conn.pdbx_ptnr3_label_alt_id 
_struct_conn.pdbx_ptnr3_PDB_ins_code 
_struct_conn.details 
_struct_conn.pdbx_dist_value 
_struct_conn.pdbx_value_order 
_struct_conn.pdbx_role 
metalc1  metalc ? ? A DC 2  OP1 ? ? ? 1_555 G CA  .  CA ? ? A DC 2   A CA  106 1_555  ? ? ? ? ? ? ?            2.416 ? ? 
metalc2  metalc ? ? A DC 2  OP1 ? ? ? 1_555 G CA  .  CA ? ? A DC 2   A CA  106 2_455  ? ? ? ? ? ? ?            2.409 ? ? 
metalc3  metalc ? ? A DA 6  OP1 ? ? ? 1_555 C CA  .  CA ? ? A DA 6   A CA  102 1_555  ? ? ? ? ? ? ?            2.261 ? ? 
metalc4  metalc ? ? A DA 6  OP1 ? ? ? 1_555 C CA  .  CA ? ? A DA 6   A CA  102 2_445  ? ? ? ? ? ? ?            2.275 ? ? 
metalc5  metalc ? ? A DA 6  OP2 ? ? ? 1_555 D CA  .  CA ? ? A DA 6   A CA  103 1_555  ? ? ? ? ? ? ?            2.290 ? ? 
metalc6  metalc ? ? A DA 6  OP2 ? ? ? 1_555 D CA  .  CA ? ? A DA 6   A CA  103 3_545  ? ? ? ? ? ? ?            2.274 ? ? 
metalc7  metalc ? ? A DG 15 OP1 ? ? ? 1_555 E CA  .  CA ? ? A DG 15  A CA  104 1_555  ? ? ? ? ? ? ?            2.305 ? ? 
metalc8  metalc ? ? A DC 16 OP1 ? ? ? 1_555 F CA  .  CA ? ? A DC 16  A CA  105 1_555  ? ? ? ? ? ? ?            2.246 ? ? 
metalc9  metalc ? ? A DC 16 OP1 ? ? ? 1_555 F CA  .  CA ? ? A DC 16  A CA  105 2_445  ? ? ? ? ? ? ?            2.277 ? ? 
metalc10 metalc ? ? A DC 16 OP2 ? ? ? 1_555 H CA  .  CA ? ? A DC 16  A CA  107 1_555  ? ? ? ? ? ? ?            2.761 ? ? 
metalc11 metalc ? ? B CA .  CA  ? ? ? 1_555 K HOH .  O  ? ? A CA 101 A HOH 236 17_435 ? ? ? ? ? ? ?            2.782 ? ? 
metalc12 metalc ? ? B CA .  CA  ? ? ? 1_555 K HOH .  O  ? ? A CA 101 A HOH 240 1_555  ? ? ? ? ? ? ?            2.807 ? ? 
metalc13 metalc ? ? B CA .  CA  ? ? ? 1_555 K HOH .  O  ? ? A CA 101 A HOH 290 17_435 ? ? ? ? ? ? ?            2.699 ? ? 
metalc14 metalc ? ? C CA .  CA  ? ? ? 1_555 K HOH .  O  ? ? A CA 102 A HOH 267 1_555  ? ? ? ? ? ? ?            2.383 ? ? 
metalc15 metalc ? ? C CA .  CA  ? ? ? 1_555 K HOH .  O  ? ? A CA 102 A HOH 267 3_545  ? ? ? ? ? ? ?            2.378 ? ? 
metalc16 metalc ? ? D CA .  CA  ? ? ? 1_555 K HOH .  O  ? ? A CA 103 A HOH 269 1_555  ? ? ? ? ? ? ?            2.430 ? ? 
metalc17 metalc ? ? D CA .  CA  ? ? ? 1_555 K HOH .  O  ? ? A CA 103 A HOH 269 2_445  ? ? ? ? ? ? ?            2.370 ? ? 
metalc18 metalc ? ? E CA .  CA  ? ? ? 1_555 K HOH .  O  ? ? A CA 104 A HOH 203 18_445 ? ? ? ? ? ? ?            2.381 ? ? 
metalc19 metalc ? ? E CA .  CA  ? ? ? 1_555 K HOH .  O  ? ? A CA 104 A HOH 236 3_545  ? ? ? ? ? ? ?            2.359 ? ? 
metalc20 metalc ? ? E CA .  CA  ? ? ? 1_555 K HOH .  O  ? ? A CA 104 A HOH 258 1_555  ? ? ? ? ? ? ?            2.562 ? ? 
metalc21 metalc ? ? E CA .  CA  ? ? ? 1_555 K HOH .  O  ? ? A CA 104 A HOH 270 3_545  ? ? ? ? ? ? ?            2.172 ? ? 
metalc22 metalc ? ? E CA .  CA  ? ? ? 1_555 K HOH .  O  ? ? A CA 104 A HOH 271 1_555  ? ? ? ? ? ? ?            2.448 ? ? 
metalc23 metalc ? ? E CA .  CA  ? ? ? 1_555 K HOH .  O  ? ? A CA 104 A HOH 280 1_555  ? ? ? ? ? ? ?            2.635 ? ? 
metalc24 metalc ? ? F CA .  CA  ? ? ? 1_555 K HOH .  O  ? ? A CA 105 A HOH 256 14_444 ? ? ? ? ? ? ?            2.323 ? ? 
metalc25 metalc ? ? G CA .  CA  ? ? ? 1_555 K HOH .  O  ? ? A CA 106 A HOH 252 1_555  ? ? ? ? ? ? ?            2.395 ? ? 
metalc26 metalc ? ? G CA .  CA  ? ? ? 1_555 K HOH .  O  ? ? A CA 106 A HOH 252 3_445  ? ? ? ? ? ? ?            2.415 ? ? 
metalc27 metalc ? ? H CA .  CA  ? ? ? 1_555 K HOH .  O  ? ? A CA 107 A HOH 256 14_444 ? ? ? ? ? ? ?            2.673 ? ? 
metalc28 metalc ? ? I CA .  CA  ? ? ? 1_555 K HOH .  O  ? ? A CA 108 A HOH 209 1_555  ? ? ? ? ? ? ?            3.101 ? ? 
metalc29 metalc ? ? I CA .  CA  ? ? ? 1_555 K HOH .  O  ? ? A CA 108 A HOH 219 1_555  ? ? ? ? ? ? ?            2.297 ? ? 
metalc30 metalc ? ? I CA .  CA  ? ? ? 1_555 K HOH .  O  ? ? A CA 108 A HOH 229 18_445 ? ? ? ? ? ? ?            2.464 ? ? 
metalc31 metalc ? ? I CA .  CA  ? ? ? 1_555 K HOH .  O  ? ? A CA 108 A HOH 234 17_435 ? ? ? ? ? ? ?            2.561 ? ? 
metalc32 metalc ? ? I CA .  CA  ? ? ? 1_555 K HOH .  O  ? ? A CA 108 A HOH 243 18_445 ? ? ? ? ? ? ?            2.004 ? ? 
metalc33 metalc ? ? I CA .  CA  ? ? ? 1_555 K HOH .  O  ? ? A CA 108 A HOH 248 17_435 ? ? ? ? ? ? ?            2.813 ? ? 
metalc34 metalc ? ? I CA .  CA  ? ? ? 1_555 K HOH .  O  ? ? A CA 108 A HOH 282 1_555  ? ? ? ? ? ? ?            2.745 ? ? 
metalc35 metalc ? ? I CA .  CA  ? ? ? 1_555 K HOH .  O  ? ? A CA 108 A HOH 288 18_445 ? ? ? ? ? ? ?            2.655 ? ? 
metalc36 metalc ? ? J CA .  CA  ? ? ? 1_555 K HOH .  O  ? ? A CA 109 A HOH 224 1_555  ? ? ? ? ? ? ?            2.264 ? ? 
metalc37 metalc ? ? J CA .  CA  ? ? ? 1_555 K HOH .  O  ? ? A CA 109 A HOH 228 1_555  ? ? ? ? ? ? ?            2.034 ? ? 
metalc38 metalc ? ? J CA .  CA  ? ? ? 1_555 K HOH .  O  ? ? A CA 109 A HOH 272 1_555  ? ? ? ? ? ? ?            2.095 ? ? 
hydrog1  hydrog ? ? A DG 1  N1  ? ? ? 1_555 A DC  16 N3 ? ? A DG 1   A DC  16  17_435 ? ? ? ? ? ? WATSON-CRICK ?     ? ? 
hydrog2  hydrog ? ? A DG 1  N2  ? ? ? 1_555 A DC  16 O2 ? ? A DG 1   A DC  16  17_435 ? ? ? ? ? ? WATSON-CRICK ?     ? ? 
hydrog3  hydrog ? ? A DG 1  O6  ? ? ? 1_555 A DC  16 N4 ? ? A DG 1   A DC  16  17_435 ? ? ? ? ? ? WATSON-CRICK ?     ? ? 
hydrog4  hydrog ? ? A DC 2  N3  ? ? ? 1_555 A DG  15 N1 ? ? A DC 2   A DG  15  17_435 ? ? ? ? ? ? WATSON-CRICK ?     ? ? 
hydrog5  hydrog ? ? A DC 2  N4  ? ? ? 1_555 A DG  15 O6 ? ? A DC 2   A DG  15  17_435 ? ? ? ? ? ? WATSON-CRICK ?     ? ? 
hydrog6  hydrog ? ? A DC 2  O2  ? ? ? 1_555 A DG  15 N2 ? ? A DC 2   A DG  15  17_435 ? ? ? ? ? ? WATSON-CRICK ?     ? ? 
hydrog7  hydrog ? ? A DT 3  N3  ? ? ? 1_555 A DA  14 N1 ? ? A DT 3   A DA  14  17_435 ? ? ? ? ? ? WATSON-CRICK ?     ? ? 
hydrog8  hydrog ? ? A DT 3  O4  ? ? ? 1_555 A DA  14 N6 ? ? A DT 3   A DA  14  17_435 ? ? ? ? ? ? WATSON-CRICK ?     ? ? 
hydrog9  hydrog ? ? A DG 4  N1  ? ? ? 1_555 A DC  13 N3 ? ? A DG 4   A DC  13  17_435 ? ? ? ? ? ? WATSON-CRICK ?     ? ? 
hydrog10 hydrog ? ? A DG 4  N2  ? ? ? 1_555 A DC  13 O2 ? ? A DG 4   A DC  13  17_435 ? ? ? ? ? ? WATSON-CRICK ?     ? ? 
hydrog11 hydrog ? ? A DG 4  O6  ? ? ? 1_555 A DC  13 N4 ? ? A DG 4   A DC  13  17_435 ? ? ? ? ? ? WATSON-CRICK ?     ? ? 
hydrog12 hydrog ? ? A DG 5  N1  ? ? ? 1_555 A DC  12 N3 ? ? A DG 5   A DC  12  17_435 ? ? ? ? ? ? WATSON-CRICK ?     ? ? 
hydrog13 hydrog ? ? A DG 5  N2  ? ? ? 1_555 A DC  12 O2 ? ? A DG 5   A DC  12  17_435 ? ? ? ? ? ? WATSON-CRICK ?     ? ? 
hydrog14 hydrog ? ? A DG 5  O6  ? ? ? 1_555 A DC  12 N4 ? ? A DG 5   A DC  12  17_435 ? ? ? ? ? ? WATSON-CRICK ?     ? ? 
hydrog15 hydrog ? ? A DA 6  N1  ? ? ? 1_555 A DT  11 N3 ? ? A DA 6   A DT  11  17_435 ? ? ? ? ? ? WATSON-CRICK ?     ? ? 
hydrog16 hydrog ? ? A DA 6  N6  ? ? ? 1_555 A DT  11 O4 ? ? A DA 6   A DT  11  17_435 ? ? ? ? ? ? WATSON-CRICK ?     ? ? 
hydrog17 hydrog ? ? A DT 7  N3  ? ? ? 1_555 A DA  10 N1 ? ? A DT 7   A DA  10  17_435 ? ? ? ? ? ? WATSON-CRICK ?     ? ? 
hydrog18 hydrog ? ? A DT 7  O4  ? ? ? 1_555 A DA  10 N6 ? ? A DT 7   A DA  10  17_435 ? ? ? ? ? ? WATSON-CRICK ?     ? ? 
hydrog19 hydrog ? ? A DT 8  N3  ? ? ? 1_555 A DA  9  N1 ? ? A DT 8   A DA  9   17_435 ? ? ? ? ? ? WATSON-CRICK ?     ? ? 
hydrog20 hydrog ? ? A DT 8  O4  ? ? ? 1_555 A DA  9  N6 ? ? A DT 8   A DA  9   17_435 ? ? ? ? ? ? WATSON-CRICK ?     ? ? 
hydrog21 hydrog ? ? A DA 9  N1  ? ? ? 1_555 A DT  8  N3 ? ? A DA 9   A DT  8   17_435 ? ? ? ? ? ? WATSON-CRICK ?     ? ? 
hydrog22 hydrog ? ? A DA 9  N6  ? ? ? 1_555 A DT  8  O4 ? ? A DA 9   A DT  8   17_435 ? ? ? ? ? ? WATSON-CRICK ?     ? ? 
hydrog23 hydrog ? ? A DA 10 N1  ? ? ? 1_555 A DT  7  N3 ? ? A DA 10  A DT  7   17_435 ? ? ? ? ? ? WATSON-CRICK ?     ? ? 
hydrog24 hydrog ? ? A DA 10 N6  ? ? ? 1_555 A DT  7  O4 ? ? A DA 10  A DT  7   17_435 ? ? ? ? ? ? WATSON-CRICK ?     ? ? 
hydrog25 hydrog ? ? A DT 11 N3  ? ? ? 1_555 A DA  6  N1 ? ? A DT 11  A DA  6   17_435 ? ? ? ? ? ? WATSON-CRICK ?     ? ? 
hydrog26 hydrog ? ? A DT 11 O4  ? ? ? 1_555 A DA  6  N6 ? ? A DT 11  A DA  6   17_435 ? ? ? ? ? ? WATSON-CRICK ?     ? ? 
hydrog27 hydrog ? ? A DC 12 N3  ? ? ? 1_555 A DG  5  N1 ? ? A DC 12  A DG  5   17_435 ? ? ? ? ? ? WATSON-CRICK ?     ? ? 
hydrog28 hydrog ? ? A DC 12 N4  ? ? ? 1_555 A DG  5  O6 ? ? A DC 12  A DG  5   17_435 ? ? ? ? ? ? WATSON-CRICK ?     ? ? 
hydrog29 hydrog ? ? A DC 12 O2  ? ? ? 1_555 A DG  5  N2 ? ? A DC 12  A DG  5   17_435 ? ? ? ? ? ? WATSON-CRICK ?     ? ? 
hydrog30 hydrog ? ? A DC 13 N3  ? ? ? 1_555 A DG  4  N1 ? ? A DC 13  A DG  4   17_435 ? ? ? ? ? ? WATSON-CRICK ?     ? ? 
hydrog31 hydrog ? ? A DC 13 N4  ? ? ? 1_555 A DG  4  O6 ? ? A DC 13  A DG  4   17_435 ? ? ? ? ? ? WATSON-CRICK ?     ? ? 
hydrog32 hydrog ? ? A DC 13 O2  ? ? ? 1_555 A DG  4  N2 ? ? A DC 13  A DG  4   17_435 ? ? ? ? ? ? WATSON-CRICK ?     ? ? 
hydrog33 hydrog ? ? A DA 14 N1  ? ? ? 1_555 A DT  3  N3 ? ? A DA 14  A DT  3   17_435 ? ? ? ? ? ? WATSON-CRICK ?     ? ? 
hydrog34 hydrog ? ? A DA 14 N6  ? ? ? 1_555 A DT  3  O4 ? ? A DA 14  A DT  3   17_435 ? ? ? ? ? ? WATSON-CRICK ?     ? ? 
hydrog35 hydrog ? ? A DG 15 N1  ? ? ? 1_555 A DC  2  N3 ? ? A DG 15  A DC  2   17_435 ? ? ? ? ? ? WATSON-CRICK ?     ? ? 
hydrog36 hydrog ? ? A DG 15 N2  ? ? ? 1_555 A DC  2  O2 ? ? A DG 15  A DC  2   17_435 ? ? ? ? ? ? WATSON-CRICK ?     ? ? 
hydrog37 hydrog ? ? A DG 15 O6  ? ? ? 1_555 A DC  2  N4 ? ? A DG 15  A DC  2   17_435 ? ? ? ? ? ? WATSON-CRICK ?     ? ? 
hydrog38 hydrog ? ? A DC 16 N3  ? ? ? 1_555 A DG  1  N1 ? ? A DC 16  A DG  1   17_435 ? ? ? ? ? ? WATSON-CRICK ?     ? ? 
hydrog39 hydrog ? ? A DC 16 N4  ? ? ? 1_555 A DG  1  O6 ? ? A DC 16  A DG  1   17_435 ? ? ? ? ? ? WATSON-CRICK ?     ? ? 
hydrog40 hydrog ? ? A DC 16 O2  ? ? ? 1_555 A DG  1  N2 ? ? A DC 16  A DG  1   17_435 ? ? ? ? ? ? WATSON-CRICK ?     ? ? 
# 
loop_
_struct_conn_type.id 
_struct_conn_type.criteria 
_struct_conn_type.reference 
metalc ? ? 
hydrog ? ? 
# 
loop_
_pdbx_struct_conn_angle.id 
_pdbx_struct_conn_angle.ptnr1_label_atom_id 
_pdbx_struct_conn_angle.ptnr1_label_alt_id 
_pdbx_struct_conn_angle.ptnr1_label_asym_id 
_pdbx_struct_conn_angle.ptnr1_label_comp_id 
_pdbx_struct_conn_angle.ptnr1_label_seq_id 
_pdbx_struct_conn_angle.ptnr1_auth_atom_id 
_pdbx_struct_conn_angle.ptnr1_auth_asym_id 
_pdbx_struct_conn_angle.ptnr1_auth_comp_id 
_pdbx_struct_conn_angle.ptnr1_auth_seq_id 
_pdbx_struct_conn_angle.ptnr1_PDB_ins_code 
_pdbx_struct_conn_angle.ptnr1_symmetry 
_pdbx_struct_conn_angle.ptnr2_label_atom_id 
_pdbx_struct_conn_angle.ptnr2_label_alt_id 
_pdbx_struct_conn_angle.ptnr2_label_asym_id 
_pdbx_struct_conn_angle.ptnr2_label_comp_id 
_pdbx_struct_conn_angle.ptnr2_label_seq_id 
_pdbx_struct_conn_angle.ptnr2_auth_atom_id 
_pdbx_struct_conn_angle.ptnr2_auth_asym_id 
_pdbx_struct_conn_angle.ptnr2_auth_comp_id 
_pdbx_struct_conn_angle.ptnr2_auth_seq_id 
_pdbx_struct_conn_angle.ptnr2_PDB_ins_code 
_pdbx_struct_conn_angle.ptnr2_symmetry 
_pdbx_struct_conn_angle.ptnr3_label_atom_id 
_pdbx_struct_conn_angle.ptnr3_label_alt_id 
_pdbx_struct_conn_angle.ptnr3_label_asym_id 
_pdbx_struct_conn_angle.ptnr3_label_comp_id 
_pdbx_struct_conn_angle.ptnr3_label_seq_id 
_pdbx_struct_conn_angle.ptnr3_auth_atom_id 
_pdbx_struct_conn_angle.ptnr3_auth_asym_id 
_pdbx_struct_conn_angle.ptnr3_auth_comp_id 
_pdbx_struct_conn_angle.ptnr3_auth_seq_id 
_pdbx_struct_conn_angle.ptnr3_PDB_ins_code 
_pdbx_struct_conn_angle.ptnr3_symmetry 
_pdbx_struct_conn_angle.value 
_pdbx_struct_conn_angle.value_esd 
1  OP1 ? A DC  2  ? A DC  2   ? 1_555  CA ? G CA . ? A CA 106 ? 1_555 OP1 ? A DC  2  ? A DC  2   ? 1_555  0.0   ? 
2  OP1 ? A DC  2  ? A DC  2   ? 1_555  CA ? G CA . ? A CA 106 ? 1_555 O   ? K HOH .  ? A HOH 252 ? 1_555  82.7  ? 
3  OP1 ? A DC  2  ? A DC  2   ? 1_555  CA ? G CA . ? A CA 106 ? 1_555 O   ? K HOH .  ? A HOH 252 ? 1_555  82.7  ? 
4  OP1 ? A DC  2  ? A DC  2   ? 1_555  CA ? G CA . ? A CA 106 ? 1_555 O   ? K HOH .  ? A HOH 252 ? 3_445  175.2 ? 
5  OP1 ? A DC  2  ? A DC  2   ? 1_555  CA ? G CA . ? A CA 106 ? 1_555 O   ? K HOH .  ? A HOH 252 ? 3_445  175.2 ? 
6  O   ? K HOH .  ? A HOH 252 ? 1_555  CA ? G CA . ? A CA 106 ? 1_555 O   ? K HOH .  ? A HOH 252 ? 3_445  92.6  ? 
7  OP1 ? A DA  6  ? A DA  6   ? 1_555  CA ? C CA . ? A CA 102 ? 1_555 OP1 ? A DA  6  ? A DA  6   ? 1_555  0.0   ? 
8  OP1 ? A DA  6  ? A DA  6   ? 1_555  CA ? C CA . ? A CA 102 ? 1_555 O   ? K HOH .  ? A HOH 267 ? 1_555  87.4  ? 
9  OP1 ? A DA  6  ? A DA  6   ? 1_555  CA ? C CA . ? A CA 102 ? 1_555 O   ? K HOH .  ? A HOH 267 ? 1_555  87.4  ? 
10 OP1 ? A DA  6  ? A DA  6   ? 1_555  CA ? C CA . ? A CA 102 ? 1_555 O   ? K HOH .  ? A HOH 267 ? 3_545  99.3  ? 
11 OP1 ? A DA  6  ? A DA  6   ? 1_555  CA ? C CA . ? A CA 102 ? 1_555 O   ? K HOH .  ? A HOH 267 ? 3_545  99.3  ? 
12 O   ? K HOH .  ? A HOH 267 ? 1_555  CA ? C CA . ? A CA 102 ? 1_555 O   ? K HOH .  ? A HOH 267 ? 3_545  86.1  ? 
13 OP2 ? A DA  6  ? A DA  6   ? 1_555  CA ? D CA . ? A CA 103 ? 1_555 OP2 ? A DA  6  ? A DA  6   ? 1_555  0.0   ? 
14 OP2 ? A DA  6  ? A DA  6   ? 1_555  CA ? D CA . ? A CA 103 ? 1_555 O   ? K HOH .  ? A HOH 269 ? 1_555  86.4  ? 
15 OP2 ? A DA  6  ? A DA  6   ? 1_555  CA ? D CA . ? A CA 103 ? 1_555 O   ? K HOH .  ? A HOH 269 ? 1_555  86.4  ? 
16 OP2 ? A DA  6  ? A DA  6   ? 1_555  CA ? D CA . ? A CA 103 ? 1_555 O   ? K HOH .  ? A HOH 269 ? 2_445  91.5  ? 
17 OP2 ? A DA  6  ? A DA  6   ? 1_555  CA ? D CA . ? A CA 103 ? 1_555 O   ? K HOH .  ? A HOH 269 ? 2_445  91.5  ? 
18 O   ? K HOH .  ? A HOH 269 ? 1_555  CA ? D CA . ? A CA 103 ? 1_555 O   ? K HOH .  ? A HOH 269 ? 2_445  87.8  ? 
19 OP1 ? A DG  15 ? A DG  15  ? 1_555  CA ? E CA . ? A CA 104 ? 1_555 O   ? K HOH .  ? A HOH 203 ? 18_445 92.2  ? 
20 OP1 ? A DG  15 ? A DG  15  ? 1_555  CA ? E CA . ? A CA 104 ? 1_555 O   ? K HOH .  ? A HOH 236 ? 3_545  175.0 ? 
21 O   ? K HOH .  ? A HOH 203 ? 18_445 CA ? E CA . ? A CA 104 ? 1_555 O   ? K HOH .  ? A HOH 236 ? 3_545  83.6  ? 
22 OP1 ? A DG  15 ? A DG  15  ? 1_555  CA ? E CA . ? A CA 104 ? 1_555 O   ? K HOH .  ? A HOH 258 ? 1_555  77.9  ? 
23 O   ? K HOH .  ? A HOH 203 ? 18_445 CA ? E CA . ? A CA 104 ? 1_555 O   ? K HOH .  ? A HOH 258 ? 1_555  70.2  ? 
24 O   ? K HOH .  ? A HOH 236 ? 3_545  CA ? E CA . ? A CA 104 ? 1_555 O   ? K HOH .  ? A HOH 258 ? 1_555  98.1  ? 
25 OP1 ? A DG  15 ? A DG  15  ? 1_555  CA ? E CA . ? A CA 104 ? 1_555 O   ? K HOH .  ? A HOH 270 ? 3_545  98.8  ? 
26 O   ? K HOH .  ? A HOH 203 ? 18_445 CA ? E CA . ? A CA 104 ? 1_555 O   ? K HOH .  ? A HOH 270 ? 3_545  83.3  ? 
27 O   ? K HOH .  ? A HOH 236 ? 3_545  CA ? E CA . ? A CA 104 ? 1_555 O   ? K HOH .  ? A HOH 270 ? 3_545  83.3  ? 
28 O   ? K HOH .  ? A HOH 258 ? 1_555  CA ? E CA . ? A CA 104 ? 1_555 O   ? K HOH .  ? A HOH 270 ? 3_545  153.0 ? 
29 OP1 ? A DG  15 ? A DG  15  ? 1_555  CA ? E CA . ? A CA 104 ? 1_555 O   ? K HOH .  ? A HOH 271 ? 1_555  86.9  ? 
30 O   ? K HOH .  ? A HOH 203 ? 18_445 CA ? E CA . ? A CA 104 ? 1_555 O   ? K HOH .  ? A HOH 271 ? 1_555  163.8 ? 
31 O   ? K HOH .  ? A HOH 236 ? 3_545  CA ? E CA . ? A CA 104 ? 1_555 O   ? K HOH .  ? A HOH 271 ? 1_555  97.9  ? 
32 O   ? K HOH .  ? A HOH 258 ? 1_555  CA ? E CA . ? A CA 104 ? 1_555 O   ? K HOH .  ? A HOH 271 ? 1_555  125.1 ? 
33 O   ? K HOH .  ? A HOH 270 ? 3_545  CA ? E CA . ? A CA 104 ? 1_555 O   ? K HOH .  ? A HOH 271 ? 1_555  80.9  ? 
34 OP1 ? A DG  15 ? A DG  15  ? 1_555  CA ? E CA . ? A CA 104 ? 1_555 O   ? K HOH .  ? A HOH 280 ? 1_555  99.3  ? 
35 O   ? K HOH .  ? A HOH 203 ? 18_445 CA ? E CA . ? A CA 104 ? 1_555 O   ? K HOH .  ? A HOH 280 ? 1_555  131.6 ? 
36 O   ? K HOH .  ? A HOH 236 ? 3_545  CA ? E CA . ? A CA 104 ? 1_555 O   ? K HOH .  ? A HOH 280 ? 1_555  81.7  ? 
37 O   ? K HOH .  ? A HOH 258 ? 1_555  CA ? E CA . ? A CA 104 ? 1_555 O   ? K HOH .  ? A HOH 280 ? 1_555  66.7  ? 
38 O   ? K HOH .  ? A HOH 270 ? 3_545  CA ? E CA . ? A CA 104 ? 1_555 O   ? K HOH .  ? A HOH 280 ? 1_555  139.5 ? 
39 O   ? K HOH .  ? A HOH 271 ? 1_555  CA ? E CA . ? A CA 104 ? 1_555 O   ? K HOH .  ? A HOH 280 ? 1_555  64.3  ? 
40 OP1 ? A DC  16 ? A DC  16  ? 1_555  CA ? F CA . ? A CA 105 ? 1_555 OP1 ? A DC  16 ? A DC  16  ? 1_555  0.0   ? 
41 OP1 ? A DC  16 ? A DC  16  ? 1_555  CA ? F CA . ? A CA 105 ? 1_555 O   ? K HOH .  ? A HOH 256 ? 14_444 95.3  ? 
42 OP1 ? A DC  16 ? A DC  16  ? 1_555  CA ? F CA . ? A CA 105 ? 1_555 O   ? K HOH .  ? A HOH 256 ? 14_444 95.3  ? 
43 OP2 ? A DC  16 ? A DC  16  ? 1_555  CA ? H CA . ? A CA 107 ? 1_555 O   ? K HOH .  ? A HOH 256 ? 14_444 89.7  ? 
44 O   ? K HOH .  ? A HOH 236 ? 17_435 CA ? B CA . ? A CA 101 ? 1_555 O   ? K HOH .  ? A HOH 240 ? 1_555  110.6 ? 
45 O   ? K HOH .  ? A HOH 236 ? 17_435 CA ? B CA . ? A CA 101 ? 1_555 O   ? K HOH .  ? A HOH 290 ? 17_435 99.1  ? 
46 O   ? K HOH .  ? A HOH 240 ? 1_555  CA ? B CA . ? A CA 101 ? 1_555 O   ? K HOH .  ? A HOH 290 ? 17_435 88.9  ? 
47 O   ? K HOH .  ? A HOH 209 ? 1_555  CA ? I CA . ? A CA 108 ? 1_555 O   ? K HOH .  ? A HOH 219 ? 1_555  80.2  ? 
48 O   ? K HOH .  ? A HOH 209 ? 1_555  CA ? I CA . ? A CA 108 ? 1_555 O   ? K HOH .  ? A HOH 229 ? 18_445 64.8  ? 
49 O   ? K HOH .  ? A HOH 219 ? 1_555  CA ? I CA . ? A CA 108 ? 1_555 O   ? K HOH .  ? A HOH 229 ? 18_445 131.7 ? 
50 O   ? K HOH .  ? A HOH 209 ? 1_555  CA ? I CA . ? A CA 108 ? 1_555 O   ? K HOH .  ? A HOH 234 ? 17_435 134.1 ? 
51 O   ? K HOH .  ? A HOH 219 ? 1_555  CA ? I CA . ? A CA 108 ? 1_555 O   ? K HOH .  ? A HOH 234 ? 17_435 74.5  ? 
52 O   ? K HOH .  ? A HOH 229 ? 18_445 CA ? I CA . ? A CA 108 ? 1_555 O   ? K HOH .  ? A HOH 234 ? 17_435 153.6 ? 
53 O   ? K HOH .  ? A HOH 209 ? 1_555  CA ? I CA . ? A CA 108 ? 1_555 O   ? K HOH .  ? A HOH 243 ? 18_445 95.7  ? 
54 O   ? K HOH .  ? A HOH 219 ? 1_555  CA ? I CA . ? A CA 108 ? 1_555 O   ? K HOH .  ? A HOH 243 ? 18_445 134.1 ? 
55 O   ? K HOH .  ? A HOH 229 ? 18_445 CA ? I CA . ? A CA 108 ? 1_555 O   ? K HOH .  ? A HOH 243 ? 18_445 83.8  ? 
56 O   ? K HOH .  ? A HOH 234 ? 17_435 CA ? I CA . ? A CA 108 ? 1_555 O   ? K HOH .  ? A HOH 243 ? 18_445 76.6  ? 
57 O   ? K HOH .  ? A HOH 209 ? 1_555  CA ? I CA . ? A CA 108 ? 1_555 O   ? K HOH .  ? A HOH 248 ? 17_435 57.3  ? 
58 O   ? K HOH .  ? A HOH 219 ? 1_555  CA ? I CA . ? A CA 108 ? 1_555 O   ? K HOH .  ? A HOH 248 ? 17_435 98.9  ? 
59 O   ? K HOH .  ? A HOH 229 ? 18_445 CA ? I CA . ? A CA 108 ? 1_555 O   ? K HOH .  ? A HOH 248 ? 17_435 89.6  ? 
60 O   ? K HOH .  ? A HOH 234 ? 17_435 CA ? I CA . ? A CA 108 ? 1_555 O   ? K HOH .  ? A HOH 248 ? 17_435 89.4  ? 
61 O   ? K HOH .  ? A HOH 243 ? 18_445 CA ? I CA . ? A CA 108 ? 1_555 O   ? K HOH .  ? A HOH 248 ? 17_435 45.9  ? 
62 O   ? K HOH .  ? A HOH 209 ? 1_555  CA ? I CA . ? A CA 108 ? 1_555 O   ? K HOH .  ? A HOH 282 ? 1_555  111.9 ? 
63 O   ? K HOH .  ? A HOH 219 ? 1_555  CA ? I CA . ? A CA 108 ? 1_555 O   ? K HOH .  ? A HOH 282 ? 1_555  76.5  ? 
64 O   ? K HOH .  ? A HOH 229 ? 18_445 CA ? I CA . ? A CA 108 ? 1_555 O   ? K HOH .  ? A HOH 282 ? 1_555  86.3  ? 
65 O   ? K HOH .  ? A HOH 234 ? 17_435 CA ? I CA . ? A CA 108 ? 1_555 O   ? K HOH .  ? A HOH 282 ? 1_555  98.7  ? 
66 O   ? K HOH .  ? A HOH 243 ? 18_445 CA ? I CA . ? A CA 108 ? 1_555 O   ? K HOH .  ? A HOH 282 ? 1_555  143.2 ? 
67 O   ? K HOH .  ? A HOH 248 ? 17_435 CA ? I CA . ? A CA 108 ? 1_555 O   ? K HOH .  ? A HOH 282 ? 1_555  169.1 ? 
68 O   ? K HOH .  ? A HOH 209 ? 1_555  CA ? I CA . ? A CA 108 ? 1_555 O   ? K HOH .  ? A HOH 288 ? 18_445 142.0 ? 
69 O   ? K HOH .  ? A HOH 219 ? 1_555  CA ? I CA . ? A CA 108 ? 1_555 O   ? K HOH .  ? A HOH 288 ? 18_445 130.7 ? 
70 O   ? K HOH .  ? A HOH 229 ? 18_445 CA ? I CA . ? A CA 108 ? 1_555 O   ? K HOH .  ? A HOH 288 ? 18_445 77.2  ? 
71 O   ? K HOH .  ? A HOH 234 ? 17_435 CA ? I CA . ? A CA 108 ? 1_555 O   ? K HOH .  ? A HOH 288 ? 18_445 81.4  ? 
72 O   ? K HOH .  ? A HOH 243 ? 18_445 CA ? I CA . ? A CA 108 ? 1_555 O   ? K HOH .  ? A HOH 288 ? 18_445 77.9  ? 
73 O   ? K HOH .  ? A HOH 248 ? 17_435 CA ? I CA . ? A CA 108 ? 1_555 O   ? K HOH .  ? A HOH 288 ? 18_445 123.4 ? 
74 O   ? K HOH .  ? A HOH 282 ? 1_555  CA ? I CA . ? A CA 108 ? 1_555 O   ? K HOH .  ? A HOH 288 ? 18_445 65.4  ? 
75 O   ? K HOH .  ? A HOH 224 ? 1_555  CA ? J CA . ? A CA 109 ? 1_555 O   ? K HOH .  ? A HOH 228 ? 1_555  82.9  ? 
76 O   ? K HOH .  ? A HOH 224 ? 1_555  CA ? J CA . ? A CA 109 ? 1_555 O   ? K HOH .  ? A HOH 272 ? 1_555  75.9  ? 
77 O   ? K HOH .  ? A HOH 228 ? 1_555  CA ? J CA . ? A CA 109 ? 1_555 O   ? K HOH .  ? A HOH 272 ? 1_555  117.5 ? 
# 
_pdbx_entry_details.entry_id                   8V5J 
_pdbx_entry_details.has_ligand_of_interest     Y 
_pdbx_entry_details.compound_details           ? 
_pdbx_entry_details.source_details             ? 
_pdbx_entry_details.nonpolymer_details         ? 
_pdbx_entry_details.sequence_details           ? 
_pdbx_entry_details.has_protein_modification   N 
# 
_pdbx_validate_symm_contact.id                1 
_pdbx_validate_symm_contact.PDB_model_num     1 
_pdbx_validate_symm_contact.auth_atom_id_1    O 
_pdbx_validate_symm_contact.auth_asym_id_1    A 
_pdbx_validate_symm_contact.auth_comp_id_1    HOH 
_pdbx_validate_symm_contact.auth_seq_id_1     243 
_pdbx_validate_symm_contact.PDB_ins_code_1    ? 
_pdbx_validate_symm_contact.label_alt_id_1    ? 
_pdbx_validate_symm_contact.site_symmetry_1   1_555 
_pdbx_validate_symm_contact.auth_atom_id_2    O 
_pdbx_validate_symm_contact.auth_asym_id_2    A 
_pdbx_validate_symm_contact.auth_comp_id_2    HOH 
_pdbx_validate_symm_contact.auth_seq_id_2     248 
_pdbx_validate_symm_contact.PDB_ins_code_2    ? 
_pdbx_validate_symm_contact.label_alt_id_2    ? 
_pdbx_validate_symm_contact.site_symmetry_2   3_545 
_pdbx_validate_symm_contact.dist              2.02 
# 
loop_
_pdbx_validate_rmsd_angle.id 
_pdbx_validate_rmsd_angle.PDB_model_num 
_pdbx_validate_rmsd_angle.auth_atom_id_1 
_pdbx_validate_rmsd_angle.auth_asym_id_1 
_pdbx_validate_rmsd_angle.auth_comp_id_1 
_pdbx_validate_rmsd_angle.auth_seq_id_1 
_pdbx_validate_rmsd_angle.PDB_ins_code_1 
_pdbx_validate_rmsd_angle.label_alt_id_1 
_pdbx_validate_rmsd_angle.auth_atom_id_2 
_pdbx_validate_rmsd_angle.auth_asym_id_2 
_pdbx_validate_rmsd_angle.auth_comp_id_2 
_pdbx_validate_rmsd_angle.auth_seq_id_2 
_pdbx_validate_rmsd_angle.PDB_ins_code_2 
_pdbx_validate_rmsd_angle.label_alt_id_2 
_pdbx_validate_rmsd_angle.auth_atom_id_3 
_pdbx_validate_rmsd_angle.auth_asym_id_3 
_pdbx_validate_rmsd_angle.auth_comp_id_3 
_pdbx_validate_rmsd_angle.auth_seq_id_3 
_pdbx_validate_rmsd_angle.PDB_ins_code_3 
_pdbx_validate_rmsd_angle.label_alt_id_3 
_pdbx_validate_rmsd_angle.angle_value 
_pdbx_validate_rmsd_angle.angle_target_value 
_pdbx_validate_rmsd_angle.angle_deviation 
_pdbx_validate_rmsd_angle.angle_standard_deviation 
_pdbx_validate_rmsd_angle.linker_flag 
1 1 "O4'" A DG 5  ? ? "C1'" A DG 5  ? ? N9  A DG 5  ? ? 113.16 108.30 4.86  0.30 N 
2 1 "O4'" A DC 13 ? ? "C1'" A DC 13 ? ? N1  A DC 13 ? ? 110.30 108.30 2.00  0.30 N 
3 1 "O5'" A DC 16 ? ? P     A DC 16 ? ? OP2 A DC 16 ? ? 99.15  105.70 -6.55 0.90 N 
# 
loop_
_pdbx_struct_special_symmetry.id 
_pdbx_struct_special_symmetry.PDB_model_num 
_pdbx_struct_special_symmetry.auth_asym_id 
_pdbx_struct_special_symmetry.auth_comp_id 
_pdbx_struct_special_symmetry.auth_seq_id 
_pdbx_struct_special_symmetry.PDB_ins_code 
_pdbx_struct_special_symmetry.label_asym_id 
_pdbx_struct_special_symmetry.label_comp_id 
_pdbx_struct_special_symmetry.label_seq_id 
1 1 A CA  102 ? C CA  . 
2 1 A CA  103 ? D CA  . 
3 1 A CA  105 ? F CA  . 
4 1 A CA  106 ? G CA  . 
5 1 A HOH 245 ? K HOH . 
6 1 A HOH 250 ? K HOH . 
# 
loop_
_space_group_symop.id 
_space_group_symop.operation_xyz 
1  x,y,z                  
2  -y,x-y,z               
3  -x+y,-x,z              
4  x-y,-y,-z              
5  -x,-x+y,-z             
6  y,x,-z                 
7  x+1/3,y+2/3,z+2/3      
8  -y+1/3,x-y+2/3,z+2/3   
9  -x+y+1/3,-x+2/3,z+2/3  
10 x-y+1/3,-y+2/3,-z+2/3  
11 -x+1/3,-x+y+2/3,-z+2/3 
12 y+1/3,x+2/3,-z+2/3     
13 x+2/3,y+1/3,z+1/3      
14 -y+2/3,x-y+1/3,z+1/3   
15 -x+y+2/3,-x+1/3,z+1/3  
16 x-y+2/3,-y+1/3,-z+1/3  
17 -x+2/3,-x+y+1/3,-z+1/3 
18 y+2/3,x+1/3,-z+1/3     
# 
_pdbx_distant_solvent_atoms.id                                1 
_pdbx_distant_solvent_atoms.PDB_model_num                     1 
_pdbx_distant_solvent_atoms.auth_atom_id                      O 
_pdbx_distant_solvent_atoms.label_alt_id                      ? 
_pdbx_distant_solvent_atoms.auth_asym_id                      A 
_pdbx_distant_solvent_atoms.auth_comp_id                      HOH 
_pdbx_distant_solvent_atoms.auth_seq_id                       304 
_pdbx_distant_solvent_atoms.PDB_ins_code                      ? 
_pdbx_distant_solvent_atoms.neighbor_macromolecule_distance   6.25 
_pdbx_distant_solvent_atoms.neighbor_ligand_distance          . 
# 
loop_
_chem_comp_atom.comp_id 
_chem_comp_atom.atom_id 
_chem_comp_atom.type_symbol 
_chem_comp_atom.pdbx_aromatic_flag 
_chem_comp_atom.pdbx_stereo_config 
_chem_comp_atom.pdbx_ordinal 
CA  CA     CA N N 1   
DA  OP3    O  N N 2   
DA  P      P  N N 3   
DA  OP1    O  N N 4   
DA  OP2    O  N N 5   
DA  "O5'"  O  N N 6   
DA  "C5'"  C  N N 7   
DA  "C4'"  C  N R 8   
DA  "O4'"  O  N N 9   
DA  "C3'"  C  N S 10  
DA  "O3'"  O  N N 11  
DA  "C2'"  C  N N 12  
DA  "C1'"  C  N R 13  
DA  N9     N  Y N 14  
DA  C8     C  Y N 15  
DA  N7     N  Y N 16  
DA  C5     C  Y N 17  
DA  C6     C  Y N 18  
DA  N6     N  N N 19  
DA  N1     N  Y N 20  
DA  C2     C  Y N 21  
DA  N3     N  Y N 22  
DA  C4     C  Y N 23  
DA  HOP3   H  N N 24  
DA  HOP2   H  N N 25  
DA  "H5'"  H  N N 26  
DA  "H5''" H  N N 27  
DA  "H4'"  H  N N 28  
DA  "H3'"  H  N N 29  
DA  "HO3'" H  N N 30  
DA  "H2'"  H  N N 31  
DA  "H2''" H  N N 32  
DA  "H1'"  H  N N 33  
DA  H8     H  N N 34  
DA  H61    H  N N 35  
DA  H62    H  N N 36  
DA  H2     H  N N 37  
DC  OP3    O  N N 38  
DC  P      P  N N 39  
DC  OP1    O  N N 40  
DC  OP2    O  N N 41  
DC  "O5'"  O  N N 42  
DC  "C5'"  C  N N 43  
DC  "C4'"  C  N R 44  
DC  "O4'"  O  N N 45  
DC  "C3'"  C  N S 46  
DC  "O3'"  O  N N 47  
DC  "C2'"  C  N N 48  
DC  "C1'"  C  N R 49  
DC  N1     N  N N 50  
DC  C2     C  N N 51  
DC  O2     O  N N 52  
DC  N3     N  N N 53  
DC  C4     C  N N 54  
DC  N4     N  N N 55  
DC  C5     C  N N 56  
DC  C6     C  N N 57  
DC  HOP3   H  N N 58  
DC  HOP2   H  N N 59  
DC  "H5'"  H  N N 60  
DC  "H5''" H  N N 61  
DC  "H4'"  H  N N 62  
DC  "H3'"  H  N N 63  
DC  "HO3'" H  N N 64  
DC  "H2'"  H  N N 65  
DC  "H2''" H  N N 66  
DC  "H1'"  H  N N 67  
DC  H41    H  N N 68  
DC  H42    H  N N 69  
DC  H5     H  N N 70  
DC  H6     H  N N 71  
DG  OP3    O  N N 72  
DG  P      P  N N 73  
DG  OP1    O  N N 74  
DG  OP2    O  N N 75  
DG  "O5'"  O  N N 76  
DG  "C5'"  C  N N 77  
DG  "C4'"  C  N R 78  
DG  "O4'"  O  N N 79  
DG  "C3'"  C  N S 80  
DG  "O3'"  O  N N 81  
DG  "C2'"  C  N N 82  
DG  "C1'"  C  N R 83  
DG  N9     N  Y N 84  
DG  C8     C  Y N 85  
DG  N7     N  Y N 86  
DG  C5     C  Y N 87  
DG  C6     C  N N 88  
DG  O6     O  N N 89  
DG  N1     N  N N 90  
DG  C2     C  N N 91  
DG  N2     N  N N 92  
DG  N3     N  N N 93  
DG  C4     C  Y N 94  
DG  HOP3   H  N N 95  
DG  HOP2   H  N N 96  
DG  "H5'"  H  N N 97  
DG  "H5''" H  N N 98  
DG  "H4'"  H  N N 99  
DG  "H3'"  H  N N 100 
DG  "HO3'" H  N N 101 
DG  "H2'"  H  N N 102 
DG  "H2''" H  N N 103 
DG  "H1'"  H  N N 104 
DG  H8     H  N N 105 
DG  H1     H  N N 106 
DG  H21    H  N N 107 
DG  H22    H  N N 108 
DT  OP3    O  N N 109 
DT  P      P  N N 110 
DT  OP1    O  N N 111 
DT  OP2    O  N N 112 
DT  "O5'"  O  N N 113 
DT  "C5'"  C  N N 114 
DT  "C4'"  C  N R 115 
DT  "O4'"  O  N N 116 
DT  "C3'"  C  N S 117 
DT  "O3'"  O  N N 118 
DT  "C2'"  C  N N 119 
DT  "C1'"  C  N R 120 
DT  N1     N  N N 121 
DT  C2     C  N N 122 
DT  O2     O  N N 123 
DT  N3     N  N N 124 
DT  C4     C  N N 125 
DT  O4     O  N N 126 
DT  C5     C  N N 127 
DT  C7     C  N N 128 
DT  C6     C  N N 129 
DT  HOP3   H  N N 130 
DT  HOP2   H  N N 131 
DT  "H5'"  H  N N 132 
DT  "H5''" H  N N 133 
DT  "H4'"  H  N N 134 
DT  "H3'"  H  N N 135 
DT  "HO3'" H  N N 136 
DT  "H2'"  H  N N 137 
DT  "H2''" H  N N 138 
DT  "H1'"  H  N N 139 
DT  H3     H  N N 140 
DT  H71    H  N N 141 
DT  H72    H  N N 142 
DT  H73    H  N N 143 
DT  H6     H  N N 144 
HOH O      O  N N 145 
HOH H1     H  N N 146 
HOH H2     H  N N 147 
# 
loop_
_chem_comp_bond.comp_id 
_chem_comp_bond.atom_id_1 
_chem_comp_bond.atom_id_2 
_chem_comp_bond.value_order 
_chem_comp_bond.pdbx_aromatic_flag 
_chem_comp_bond.pdbx_stereo_config 
_chem_comp_bond.pdbx_ordinal 
DA  OP3   P      sing N N 1   
DA  OP3   HOP3   sing N N 2   
DA  P     OP1    doub N N 3   
DA  P     OP2    sing N N 4   
DA  P     "O5'"  sing N N 5   
DA  OP2   HOP2   sing N N 6   
DA  "O5'" "C5'"  sing N N 7   
DA  "C5'" "C4'"  sing N N 8   
DA  "C5'" "H5'"  sing N N 9   
DA  "C5'" "H5''" sing N N 10  
DA  "C4'" "O4'"  sing N N 11  
DA  "C4'" "C3'"  sing N N 12  
DA  "C4'" "H4'"  sing N N 13  
DA  "O4'" "C1'"  sing N N 14  
DA  "C3'" "O3'"  sing N N 15  
DA  "C3'" "C2'"  sing N N 16  
DA  "C3'" "H3'"  sing N N 17  
DA  "O3'" "HO3'" sing N N 18  
DA  "C2'" "C1'"  sing N N 19  
DA  "C2'" "H2'"  sing N N 20  
DA  "C2'" "H2''" sing N N 21  
DA  "C1'" N9     sing N N 22  
DA  "C1'" "H1'"  sing N N 23  
DA  N9    C8     sing Y N 24  
DA  N9    C4     sing Y N 25  
DA  C8    N7     doub Y N 26  
DA  C8    H8     sing N N 27  
DA  N7    C5     sing Y N 28  
DA  C5    C6     sing Y N 29  
DA  C5    C4     doub Y N 30  
DA  C6    N6     sing N N 31  
DA  C6    N1     doub Y N 32  
DA  N6    H61    sing N N 33  
DA  N6    H62    sing N N 34  
DA  N1    C2     sing Y N 35  
DA  C2    N3     doub Y N 36  
DA  C2    H2     sing N N 37  
DA  N3    C4     sing Y N 38  
DC  OP3   P      sing N N 39  
DC  OP3   HOP3   sing N N 40  
DC  P     OP1    doub N N 41  
DC  P     OP2    sing N N 42  
DC  P     "O5'"  sing N N 43  
DC  OP2   HOP2   sing N N 44  
DC  "O5'" "C5'"  sing N N 45  
DC  "C5'" "C4'"  sing N N 46  
DC  "C5'" "H5'"  sing N N 47  
DC  "C5'" "H5''" sing N N 48  
DC  "C4'" "O4'"  sing N N 49  
DC  "C4'" "C3'"  sing N N 50  
DC  "C4'" "H4'"  sing N N 51  
DC  "O4'" "C1'"  sing N N 52  
DC  "C3'" "O3'"  sing N N 53  
DC  "C3'" "C2'"  sing N N 54  
DC  "C3'" "H3'"  sing N N 55  
DC  "O3'" "HO3'" sing N N 56  
DC  "C2'" "C1'"  sing N N 57  
DC  "C2'" "H2'"  sing N N 58  
DC  "C2'" "H2''" sing N N 59  
DC  "C1'" N1     sing N N 60  
DC  "C1'" "H1'"  sing N N 61  
DC  N1    C2     sing N N 62  
DC  N1    C6     sing N N 63  
DC  C2    O2     doub N N 64  
DC  C2    N3     sing N N 65  
DC  N3    C4     doub N N 66  
DC  C4    N4     sing N N 67  
DC  C4    C5     sing N N 68  
DC  N4    H41    sing N N 69  
DC  N4    H42    sing N N 70  
DC  C5    C6     doub N N 71  
DC  C5    H5     sing N N 72  
DC  C6    H6     sing N N 73  
DG  OP3   P      sing N N 74  
DG  OP3   HOP3   sing N N 75  
DG  P     OP1    doub N N 76  
DG  P     OP2    sing N N 77  
DG  P     "O5'"  sing N N 78  
DG  OP2   HOP2   sing N N 79  
DG  "O5'" "C5'"  sing N N 80  
DG  "C5'" "C4'"  sing N N 81  
DG  "C5'" "H5'"  sing N N 82  
DG  "C5'" "H5''" sing N N 83  
DG  "C4'" "O4'"  sing N N 84  
DG  "C4'" "C3'"  sing N N 85  
DG  "C4'" "H4'"  sing N N 86  
DG  "O4'" "C1'"  sing N N 87  
DG  "C3'" "O3'"  sing N N 88  
DG  "C3'" "C2'"  sing N N 89  
DG  "C3'" "H3'"  sing N N 90  
DG  "O3'" "HO3'" sing N N 91  
DG  "C2'" "C1'"  sing N N 92  
DG  "C2'" "H2'"  sing N N 93  
DG  "C2'" "H2''" sing N N 94  
DG  "C1'" N9     sing N N 95  
DG  "C1'" "H1'"  sing N N 96  
DG  N9    C8     sing Y N 97  
DG  N9    C4     sing Y N 98  
DG  C8    N7     doub Y N 99  
DG  C8    H8     sing N N 100 
DG  N7    C5     sing Y N 101 
DG  C5    C6     sing N N 102 
DG  C5    C4     doub Y N 103 
DG  C6    O6     doub N N 104 
DG  C6    N1     sing N N 105 
DG  N1    C2     sing N N 106 
DG  N1    H1     sing N N 107 
DG  C2    N2     sing N N 108 
DG  C2    N3     doub N N 109 
DG  N2    H21    sing N N 110 
DG  N2    H22    sing N N 111 
DG  N3    C4     sing N N 112 
DT  OP3   P      sing N N 113 
DT  OP3   HOP3   sing N N 114 
DT  P     OP1    doub N N 115 
DT  P     OP2    sing N N 116 
DT  P     "O5'"  sing N N 117 
DT  OP2   HOP2   sing N N 118 
DT  "O5'" "C5'"  sing N N 119 
DT  "C5'" "C4'"  sing N N 120 
DT  "C5'" "H5'"  sing N N 121 
DT  "C5'" "H5''" sing N N 122 
DT  "C4'" "O4'"  sing N N 123 
DT  "C4'" "C3'"  sing N N 124 
DT  "C4'" "H4'"  sing N N 125 
DT  "O4'" "C1'"  sing N N 126 
DT  "C3'" "O3'"  sing N N 127 
DT  "C3'" "C2'"  sing N N 128 
DT  "C3'" "H3'"  sing N N 129 
DT  "O3'" "HO3'" sing N N 130 
DT  "C2'" "C1'"  sing N N 131 
DT  "C2'" "H2'"  sing N N 132 
DT  "C2'" "H2''" sing N N 133 
DT  "C1'" N1     sing N N 134 
DT  "C1'" "H1'"  sing N N 135 
DT  N1    C2     sing N N 136 
DT  N1    C6     sing N N 137 
DT  C2    O2     doub N N 138 
DT  C2    N3     sing N N 139 
DT  N3    C4     sing N N 140 
DT  N3    H3     sing N N 141 
DT  C4    O4     doub N N 142 
DT  C4    C5     sing N N 143 
DT  C5    C7     sing N N 144 
DT  C5    C6     doub N N 145 
DT  C7    H71    sing N N 146 
DT  C7    H72    sing N N 147 
DT  C7    H73    sing N N 148 
DT  C6    H6     sing N N 149 
HOH O     H1     sing N N 150 
HOH O     H2     sing N N 151 
# 
_ndb_struct_conf_na.entry_id   8V5J 
_ndb_struct_conf_na.feature    'b-form double helix' 
# 
loop_
_ndb_struct_na_base_pair.model_number 
_ndb_struct_na_base_pair.i_label_asym_id 
_ndb_struct_na_base_pair.i_label_comp_id 
_ndb_struct_na_base_pair.i_label_seq_id 
_ndb_struct_na_base_pair.i_symmetry 
_ndb_struct_na_base_pair.j_label_asym_id 
_ndb_struct_na_base_pair.j_label_comp_id 
_ndb_struct_na_base_pair.j_label_seq_id 
_ndb_struct_na_base_pair.j_symmetry 
_ndb_struct_na_base_pair.shear 
_ndb_struct_na_base_pair.stretch 
_ndb_struct_na_base_pair.stagger 
_ndb_struct_na_base_pair.buckle 
_ndb_struct_na_base_pair.propeller 
_ndb_struct_na_base_pair.opening 
_ndb_struct_na_base_pair.pair_number 
_ndb_struct_na_base_pair.pair_name 
_ndb_struct_na_base_pair.i_auth_asym_id 
_ndb_struct_na_base_pair.i_auth_seq_id 
_ndb_struct_na_base_pair.i_PDB_ins_code 
_ndb_struct_na_base_pair.j_auth_asym_id 
_ndb_struct_na_base_pair.j_auth_seq_id 
_ndb_struct_na_base_pair.j_PDB_ins_code 
_ndb_struct_na_base_pair.hbond_type_28 
_ndb_struct_na_base_pair.hbond_type_12 
1 A DG 1  1_555 A DC 16 17_435 -0.281 -0.068 0.024  -1.768 -7.157  1.738  1  A_DG1:DC16_A A 1  ? A 16 ? 19 1 
1 A DC 2  1_555 A DG 15 17_435 0.167  -0.150 0.335  -6.640 -9.062  -2.984 2  A_DC2:DG15_A A 2  ? A 15 ? 19 1 
1 A DT 3  1_555 A DA 14 17_435 -0.101 -0.062 0.143  -4.010 -13.626 -0.725 3  A_DT3:DA14_A A 3  ? A 14 ? 20 1 
1 A DG 4  1_555 A DC 13 17_435 -0.226 -0.180 -0.199 -7.490 -0.145  -2.801 4  A_DG4:DC13_A A 4  ? A 13 ? 19 1 
1 A DG 5  1_555 A DC 12 17_435 -0.050 -0.138 -0.051 5.186  -8.032  1.188  5  A_DG5:DC12_A A 5  ? A 12 ? 19 1 
1 A DA 6  1_555 A DT 11 17_435 0.066  -0.143 -0.026 4.341  -12.486 1.787  6  A_DA6:DT11_A A 6  ? A 11 ? 20 1 
1 A DT 7  1_555 A DA 10 17_435 -0.022 -0.167 0.075  4.379  -13.692 2.847  7  A_DT7:DA10_A A 7  ? A 10 ? 20 1 
1 A DT 8  1_555 A DA 9  17_435 -0.104 -0.140 0.021  4.864  -12.179 3.019  8  A_DT8:DA9_A  A 8  ? A 9  ? 20 1 
1 A DA 9  1_555 A DT 8  17_435 0.104  -0.140 0.021  -4.864 -12.179 3.019  9  A_DA9:DT8_A  A 9  ? A 8  ? 20 1 
1 A DA 10 1_555 A DT 7  17_435 0.022  -0.167 0.075  -4.379 -13.692 2.847  10 A_DA10:DT7_A A 10 ? A 7  ? 20 1 
1 A DT 11 1_555 A DA 6  17_435 -0.066 -0.143 -0.026 -4.341 -12.486 1.787  11 A_DT11:DA6_A A 11 ? A 6  ? 20 1 
1 A DC 12 1_555 A DG 5  17_435 0.050  -0.138 -0.051 -5.186 -8.032  1.188  12 A_DC12:DG5_A A 12 ? A 5  ? 19 1 
1 A DC 13 1_555 A DG 4  17_435 0.226  -0.180 -0.199 7.490  -0.145  -2.801 13 A_DC13:DG4_A A 13 ? A 4  ? 19 1 
1 A DA 14 1_555 A DT 3  17_435 0.101  -0.062 0.143  4.010  -13.626 -0.725 14 A_DA14:DT3_A A 14 ? A 3  ? 20 1 
1 A DG 15 1_555 A DC 2  17_435 -0.167 -0.150 0.335  6.640  -9.062  -2.984 15 A_DG15:DC2_A A 15 ? A 2  ? 19 1 
1 A DC 16 1_555 A DG 1  17_435 0.281  -0.068 0.024  1.768  -7.157  1.738  16 A_DC16:DG1_A A 16 ? A 1  ? 19 1 
# 
loop_
_ndb_struct_na_base_pair_step.model_number 
_ndb_struct_na_base_pair_step.i_label_asym_id_1 
_ndb_struct_na_base_pair_step.i_label_comp_id_1 
_ndb_struct_na_base_pair_step.i_label_seq_id_1 
_ndb_struct_na_base_pair_step.i_symmetry_1 
_ndb_struct_na_base_pair_step.j_label_asym_id_1 
_ndb_struct_na_base_pair_step.j_label_comp_id_1 
_ndb_struct_na_base_pair_step.j_label_seq_id_1 
_ndb_struct_na_base_pair_step.j_symmetry_1 
_ndb_struct_na_base_pair_step.i_label_asym_id_2 
_ndb_struct_na_base_pair_step.i_label_comp_id_2 
_ndb_struct_na_base_pair_step.i_label_seq_id_2 
_ndb_struct_na_base_pair_step.i_symmetry_2 
_ndb_struct_na_base_pair_step.j_label_asym_id_2 
_ndb_struct_na_base_pair_step.j_label_comp_id_2 
_ndb_struct_na_base_pair_step.j_label_seq_id_2 
_ndb_struct_na_base_pair_step.j_symmetry_2 
_ndb_struct_na_base_pair_step.shift 
_ndb_struct_na_base_pair_step.slide 
_ndb_struct_na_base_pair_step.rise 
_ndb_struct_na_base_pair_step.tilt 
_ndb_struct_na_base_pair_step.roll 
_ndb_struct_na_base_pair_step.twist 
_ndb_struct_na_base_pair_step.x_displacement 
_ndb_struct_na_base_pair_step.y_displacement 
_ndb_struct_na_base_pair_step.helical_rise 
_ndb_struct_na_base_pair_step.inclination 
_ndb_struct_na_base_pair_step.tip 
_ndb_struct_na_base_pair_step.helical_twist 
_ndb_struct_na_base_pair_step.step_number 
_ndb_struct_na_base_pair_step.step_name 
_ndb_struct_na_base_pair_step.i_auth_asym_id_1 
_ndb_struct_na_base_pair_step.i_auth_seq_id_1 
_ndb_struct_na_base_pair_step.i_PDB_ins_code_1 
_ndb_struct_na_base_pair_step.j_auth_asym_id_1 
_ndb_struct_na_base_pair_step.j_auth_seq_id_1 
_ndb_struct_na_base_pair_step.j_PDB_ins_code_1 
_ndb_struct_na_base_pair_step.i_auth_asym_id_2 
_ndb_struct_na_base_pair_step.i_auth_seq_id_2 
_ndb_struct_na_base_pair_step.i_PDB_ins_code_2 
_ndb_struct_na_base_pair_step.j_auth_asym_id_2 
_ndb_struct_na_base_pair_step.j_auth_seq_id_2 
_ndb_struct_na_base_pair_step.j_PDB_ins_code_2 
1 A DG 1  1_555 A DC 16 17_435 A DC 2  1_555 A DG 15 17_435 -1.020 -0.584 3.347 -3.852 -0.323 32.971 -0.965 1.112  3.446 -0.567 
6.758  33.190 1  AA_DG1DC2:DG15DC16_AA A 1  ? A 16 ? A 2  ? A 15 ? 
1 A DC 2  1_555 A DG 15 17_435 A DT 3  1_555 A DA 14 17_435 -0.500 -0.078 3.223 1.802  2.502  28.704 -0.703 1.397  3.168 5.028  
-3.622 28.866 2  AA_DC2DT3:DA14DG15_AA A 2  ? A 15 ? A 3  ? A 14 ? 
1 A DT 3  1_555 A DA 14 17_435 A DG 4  1_555 A DC 13 17_435 0.522  1.061  3.450 3.683  -0.418 43.681 1.463  -0.329 3.471 -0.560 
-4.939 43.830 3  AA_DT3DG4:DC13DA14_AA A 3  ? A 14 ? A 4  ? A 13 ? 
1 A DG 4  1_555 A DC 13 17_435 A DG 5  1_555 A DC 12 17_435 0.934  0.018  3.171 -1.708 5.186  20.904 -1.938 -3.147 3.001 13.989 
4.607  21.598 4  AA_DG4DG5:DC12DC13_AA A 4  ? A 13 ? A 5  ? A 12 ? 
1 A DG 5  1_555 A DC 12 17_435 A DA 6  1_555 A DT 11 17_435 -1.020 0.273  3.324 -2.761 -0.280 41.028 0.420  1.145  3.381 -0.400 
3.933  41.118 5  AA_DG5DA6:DT11DC12_AA A 5  ? A 12 ? A 6  ? A 11 ? 
1 A DA 6  1_555 A DT 11 17_435 A DT 7  1_555 A DA 10 17_435 0.359  -0.568 3.257 -1.060 -1.359 31.162 -0.799 -0.868 3.264 -2.527 
1.971  31.208 6  AA_DA6DT7:DA10DT11_AA A 6  ? A 11 ? A 7  ? A 10 ? 
1 A DT 7  1_555 A DA 10 17_435 A DT 8  1_555 A DA 9  17_435 -0.041 -0.222 3.227 0.720  -2.530 35.828 -0.003 0.168  3.233 -4.106 
-1.168 35.921 7  AA_DT7DT8:DA9DA10_AA  A 7  ? A 10 ? A 8  ? A 9  ? 
1 A DT 8  1_555 A DA 9  17_435 A DA 9  1_555 A DT 8  17_435 0.000  0.096  3.535 0.000  -1.635 41.052 0.329  0.000  3.529 -2.330 
0.000  41.083 8  AA_DT8DA9:DT8DA9_AA   A 8  ? A 9  ? A 9  ? A 8  ? 
1 A DA 9  1_555 A DT 8  17_435 A DA 10 1_555 A DT 7  17_435 0.041  -0.222 3.227 -0.720 -2.530 35.828 -0.003 -0.168 3.233 -4.106 
1.168  35.921 9  AA_DA9DA10:DT7DT8_AA  A 9  ? A 8  ? A 10 ? A 7  ? 
1 A DA 10 1_555 A DT 7  17_435 A DT 11 1_555 A DA 6  17_435 -0.359 -0.568 3.257 1.060  -1.359 31.162 -0.799 0.868  3.264 -2.527 
-1.971 31.208 10 AA_DA10DT11:DA6DT7_AA A 10 ? A 7  ? A 11 ? A 6  ? 
1 A DT 11 1_555 A DA 6  17_435 A DC 12 1_555 A DG 5  17_435 1.020  0.273  3.324 2.761  -0.280 41.028 0.420  -1.145 3.381 -0.400 
-3.933 41.118 11 AA_DT11DC12:DG5DA6_AA A 11 ? A 6  ? A 12 ? A 5  ? 
1 A DC 12 1_555 A DG 5  17_435 A DC 13 1_555 A DG 4  17_435 -0.934 0.018  3.171 1.708  5.186  20.904 -1.938 3.147  3.001 13.989 
-4.607 21.598 12 AA_DC12DC13:DG4DG5_AA A 12 ? A 5  ? A 13 ? A 4  ? 
1 A DC 13 1_555 A DG 4  17_435 A DA 14 1_555 A DT 3  17_435 -0.522 1.061  3.450 -3.683 -0.418 43.681 1.463  0.329  3.471 -0.560 
4.939  43.830 13 AA_DC13DA14:DT3DG4_AA A 13 ? A 4  ? A 14 ? A 3  ? 
1 A DA 14 1_555 A DT 3  17_435 A DG 15 1_555 A DC 2  17_435 0.500  -0.078 3.223 -1.802 2.502  28.704 -0.703 -1.397 3.168 5.028  
3.622  28.866 14 AA_DA14DG15:DC2DT3_AA A 14 ? A 3  ? A 15 ? A 2  ? 
1 A DG 15 1_555 A DC 2  17_435 A DC 16 1_555 A DG 1  17_435 1.020  -0.584 3.347 3.852  -0.323 32.971 -0.965 -1.112 3.446 -0.567 
-6.758 33.190 15 AA_DG15DC16:DG1DC2_AA A 15 ? A 2  ? A 16 ? A 1  ? 
# 
_pdbx_audit_support.funding_organization   
'National Institutes of Health/National Institute of General Medical Sciences (NIH/NIGMS)' 
_pdbx_audit_support.country                'United States' 
_pdbx_audit_support.grant_number           GM111749 
_pdbx_audit_support.ordinal                1 
# 
_pdbx_initial_refinement_model.id               1 
_pdbx_initial_refinement_model.entity_id_list   ? 
_pdbx_initial_refinement_model.type             'experimental model' 
_pdbx_initial_refinement_model.source_name      PDB 
_pdbx_initial_refinement_model.accession_code   8F94 
_pdbx_initial_refinement_model.details          ? 
# 
_space_group.name_H-M_alt     'R 3 2 :H' 
_space_group.name_Hall        
;R 3 2"
;
_space_group.IT_number        155 
_space_group.crystal_system   trigonal 
_space_group.id               1 
# 
_atom_sites.entry_id                    8V5J 
_atom_sites.Cartn_transf_matrix[1][1]   ? 
_atom_sites.Cartn_transf_matrix[1][2]   ? 
_atom_sites.Cartn_transf_matrix[1][3]   ? 
_atom_sites.Cartn_transf_matrix[2][1]   ? 
_atom_sites.Cartn_transf_matrix[2][2]   ? 
_atom_sites.Cartn_transf_matrix[2][3]   ? 
_atom_sites.Cartn_transf_matrix[3][1]   ? 
_atom_sites.Cartn_transf_matrix[3][2]   ? 
_atom_sites.Cartn_transf_matrix[3][3]   ? 
_atom_sites.Cartn_transf_vector[1]      ? 
_atom_sites.Cartn_transf_vector[2]      ? 
_atom_sites.Cartn_transf_vector[3]      ? 
_atom_sites.Cartn_transform_axes        ? 
_atom_sites.fract_transf_matrix[1][1]   -0.01382505 
_atom_sites.fract_transf_matrix[1][2]   0.01777544 
_atom_sites.fract_transf_matrix[1][3]   0.01942312 
_atom_sites.fract_transf_matrix[2][1]   -0.02001280 
_atom_sites.fract_transf_matrix[2][2]   -0.01130650 
_atom_sites.fract_transf_matrix[2][3]   0.01886794 
_atom_sites.fract_transf_matrix[3][1]   0.00453852 
_atom_sites.fract_transf_matrix[3][2]   -0.00104560 
_atom_sites.fract_transf_matrix[3][3]   0.00418733 
_atom_sites.fract_transf_vector[1]      -0.591930 
_atom_sites.fract_transf_vector[2]      -0.623293 
_atom_sites.fract_transf_vector[3]      0.335372 
_atom_sites.solution_primary            ? 
_atom_sites.solution_secondary          ? 
_atom_sites.solution_hydrogens          ? 
_atom_sites.special_details             ? 
# 
loop_
_atom_type.symbol 
_atom_type.scat_dispersion_real 
_atom_type.scat_dispersion_imag 
_atom_type.scat_Cromer_Mann_a1 
_atom_type.scat_Cromer_Mann_a2 
_atom_type.scat_Cromer_Mann_a3 
_atom_type.scat_Cromer_Mann_a4 
_atom_type.scat_Cromer_Mann_b1 
_atom_type.scat_Cromer_Mann_b2 
_atom_type.scat_Cromer_Mann_b3 
_atom_type.scat_Cromer_Mann_b4 
_atom_type.scat_Cromer_Mann_c 
_atom_type.scat_source 
_atom_type.scat_dispersion_source 
C  ? ? 3.54356 2.42580 ?       ? 25.62398 1.50364  ?        ? 0.0 
;2-Gaussian fit: Grosse-Kunstleve RW, Sauter NK, Adams PD: Newsletter of the IUCr Commission on Crystallographic Computing 2004, 3, 22-31.
;
? 
CA ? ? 8.75937 8.41257 2.76798 ? 9.64476  0.47514  97.39057 ? 0.0 
;3-Gaussian fit: Grosse-Kunstleve RW, Sauter NK, Adams PD: Newsletter of the IUCr Commission on Crystallographic Computing 2004, 3, 22-31.
;
? 
H  ? ? 0.51345 0.48472 ?       ? 24.73122 6.32584  ?        ? 0.0 
;2-Gaussian fit: Grosse-Kunstleve RW, Sauter NK, Adams PD: Newsletter of the IUCr Commission on Crystallographic Computing 2004, 3, 22-31.
;
? 
N  ? ? 4.01032 2.96436 ?       ? 19.97189 1.75589  ?        ? 0.0 
;2-Gaussian fit: Grosse-Kunstleve RW, Sauter NK, Adams PD: Newsletter of the IUCr Commission on Crystallographic Computing 2004, 3, 22-31.
;
? 
O  ? ? 4.49882 3.47563 ?       ? 15.80542 1.70748  ?        ? 0.0 
;2-Gaussian fit: Grosse-Kunstleve RW, Sauter NK, Adams PD: Newsletter of the IUCr Commission on Crystallographic Computing 2004, 3, 22-31.
;
? 
P  ? ? 9.51135 5.44231 ?       ? 1.42069  35.72801 ?        ? 0.0 
;2-Gaussian fit: Grosse-Kunstleve RW, Sauter NK, Adams PD: Newsletter of the IUCr Commission on Crystallographic Computing 2004, 3, 22-31.
;
? 
# 
loop_
_atom_site.group_PDB 
_atom_site.id 
_atom_site.type_symbol 
_atom_site.label_atom_id 
_atom_site.label_alt_id 
_atom_site.label_comp_id 
_atom_site.label_asym_id 
_atom_site.label_entity_id 
_atom_site.label_seq_id 
_atom_site.pdbx_PDB_ins_code 
_atom_site.Cartn_x 
_atom_site.Cartn_y 
_atom_site.Cartn_z 
_atom_site.occupancy 
_atom_site.B_iso_or_equiv 
_atom_site.pdbx_formal_charge 
_atom_site.auth_seq_id 
_atom_site.auth_comp_id 
_atom_site.auth_asym_id 
_atom_site.auth_atom_id 
_atom_site.pdbx_PDB_model_num 
ATOM   1   O  "O5'"  . DG  A 1 1  ? 19.10144  -13.67930 15.03495  1.000 40.11840 ?  1   DG  A "O5'"  1 
ATOM   2   C  "C5'"  . DG  A 1 1  ? 17.78284  -13.83130 14.48776  1.000 28.32530 ?  1   DG  A "C5'"  1 
ATOM   3   C  "C4'"  . DG  A 1 1  ? 16.76461  -13.25185 15.44142  1.000 20.44728 ?  1   DG  A "C4'"  1 
ATOM   4   O  "O4'"  . DG  A 1 1  ? 17.15669  -11.91172 15.79980  1.000 20.52221 ?  1   DG  A "O4'"  1 
ATOM   5   C  "C3'"  . DG  A 1 1  ? 15.36224  -13.10875 14.86876  1.000 18.28685 ?  1   DG  A "C3'"  1 
ATOM   6   O  "O3'"  . DG  A 1 1  ? 14.45474  -13.13486 15.98046  1.000 19.92808 ?  1   DG  A "O3'"  1 
ATOM   7   C  "C2'"  . DG  A 1 1  ? 15.43440  -11.75976 14.17912  1.000 20.83672 ?  1   DG  A "C2'"  1 
ATOM   8   C  "C1'"  . DG  A 1 1  ? 16.35029  -10.96587 15.10621  1.000 19.52012 ?  1   DG  A "C1'"  1 
ATOM   9   N  N9     . DG  A 1 1  ? 17.24772  -10.01133 14.46609  1.000 18.11439 ?  1   DG  A N9     1 
ATOM   10  C  C8     . DG  A 1 1  ? 18.09879  -10.23886 13.41205  1.000 19.82291 ?  1   DG  A C8     1 
ATOM   11  N  N7     . DG  A 1 1  ? 18.80758  -9.19160  13.09078  1.000 21.19511 ?  1   DG  A N7     1 
ATOM   12  C  C5     . DG  A 1 1  ? 18.40922  -8.21687  13.99628  1.000 18.74301 ?  1   DG  A C5     1 
ATOM   13  C  C6     . DG  A 1 1  ? 18.82882  -6.86821  14.14150  1.000 18.79505 ?  1   DG  A C6     1 
ATOM   14  O  O6     . DG  A 1 1  ? 19.66797  -6.24622  13.48301  1.000 18.73436 ?  1   DG  A O6     1 
ATOM   15  N  N1     . DG  A 1 1  ? 18.16708  -6.23952  15.19072  1.000 16.57055 ?  1   DG  A N1     1 
ATOM   16  C  C2     . DG  A 1 1  ? 17.22610  -6.82709  15.99510  1.000 18.11978 ?  1   DG  A C2     1 
ATOM   17  N  N2     . DG  A 1 1  ? 16.69990  -6.05424  16.95136  1.000 17.07841 ?  1   DG  A N2     1 
ATOM   18  N  N3     . DG  A 1 1  ? 16.82356  -8.07932  15.86743  1.000 16.80397 ?  1   DG  A N3     1 
ATOM   19  C  C4     . DG  A 1 1  ? 17.45637  -8.71249  14.85892  1.000 18.63536 ?  1   DG  A C4     1 
ATOM   20  H  "H5'"  . DG  A 1 1  ? 17.59659  -14.77400 14.35103  1.000 33.99279 ?  1   DG  A "H5'"  1 
ATOM   21  H  "H5''" . DG  A 1 1  ? 17.73106  -13.36557 13.63861  1.000 33.99279 ?  1   DG  A "H5''" 1 
ATOM   22  H  "H4'"  . DG  A 1 1  ? 16.72839  -13.79894 16.24149  1.000 24.53917 ?  1   DG  A "H4'"  1 
ATOM   23  H  "H3'"  . DG  A 1 1  ? 15.16898  -13.81841 14.23693  1.000 21.94665 ?  1   DG  A "H3'"  1 
ATOM   24  H  "H2'"  . DG  A 1 1  ? 15.82739  -11.84490 13.29666  1.000 25.00650 ?  1   DG  A "H2'"  1 
ATOM   25  H  "H2''" . DG  A 1 1  ? 14.55683  -11.35093 14.13004  1.000 25.00650 ?  1   DG  A "H2''" 1 
ATOM   26  H  "H1'"  . DG  A 1 1  ? 15.80298  -10.49268 15.75176  1.000 23.42658 ?  1   DG  A "H1'"  1 
ATOM   27  H  H8     . DG  A 1 1  ? 18.15966  -11.05459 12.96888  1.000 23.78992 ?  1   DG  A H8     1 
ATOM   28  H  H1     . DG  A 1 1  ? 18.36326  -5.41660  15.34661  1.000 19.88710 ?  1   DG  A H1     1 
ATOM   29  H  H21    . DG  A 1 1  ? 16.10099  -6.37306  17.48051  1.000 20.49653 ?  1   DG  A H21    1 
ATOM   30  H  H22    . DG  A 1 1  ? 16.95981  -5.23902  17.03625  1.000 20.49653 ?  1   DG  A H22    1 
ATOM   31  H  "HO5'" . DG  A 1 1  ? 19.25902  -13.06517 15.58587  1.000 48.14451 ?  1   DG  A "HO5'" 1 
ATOM   32  P  P      . DC  A 1 2  ? 12.85918  -13.09509 15.79031  1.000 19.79165 ?  2   DC  A P      1 
ATOM   33  O  OP1    . DC  A 1 2  ? 12.26681  -13.96455 16.85542  1.000 21.08017 ?  2   DC  A OP1    1 
ATOM   34  O  OP2    . DC  A 1 2  ? 12.56943  -13.30295 14.36232  1.000 24.73050 -1 2   DC  A OP2    1 
ATOM   35  O  "O5'"  . DC  A 1 2  ? 12.52589  -11.57435 16.06912  1.000 19.95360 ?  2   DC  A "O5'"  1 
ATOM   36  C  "C5'"  . DC  A 1 2  ? 12.57211  -11.06883 17.37621  1.000 23.42213 ?  2   DC  A "C5'"  1 
ATOM   37  C  "C4'"  . DC  A 1 2  ? 12.14935  -9.64161  17.33228  1.000 24.24472 ?  2   DC  A "C4'"  1 
ATOM   38  O  "O4'"  . DC  A 1 2  ? 13.19968  -8.86453  16.72593  1.000 24.54879 ?  2   DC  A "O4'"  1 
ATOM   39  C  "C3'"  . DC  A 1 2  ? 10.90159  -9.42014  16.47250  1.000 29.24408 ?  2   DC  A "C3'"  1 
ATOM   40  O  "O3'"  . DC  A 1 2  ? 9.82530   -9.00919  17.25258  1.000 32.67478 ?  2   DC  A "O3'"  1 
ATOM   41  C  "C2'"  . DC  A 1 2  ? 11.29960  -8.37070  15.44464  1.000 30.58634 ?  2   DC  A "C2'"  1 
ATOM   42  C  "C1'"  . DC  A 1 2  ? 12.60567  -7.82305  15.96660  1.000 24.83634 ?  2   DC  A "C1'"  1 
ATOM   43  N  N1     . DC  A 1 2  ? 13.54000  -7.43186  14.90352  1.000 23.32817 ?  2   DC  A N1     1 
ATOM   44  C  C2     . DC  A 1 2  ? 13.99331  -6.11745  14.81968  1.000 19.14124 ?  2   DC  A C2     1 
ATOM   45  O  O2     . DC  A 1 2  ? 13.58566  -5.27785  15.63120  1.000 19.51784 ?  2   DC  A O2     1 
ATOM   46  N  N3     . DC  A 1 2  ? 14.86439  -5.79470  13.84395  1.000 18.41182 ?  2   DC  A N3     1 
ATOM   47  C  C4     . DC  A 1 2  ? 15.27477  -6.71932  12.98281  1.000 18.78778 ?  2   DC  A C4     1 
ATOM   48  N  N4     . DC  A 1 2  ? 16.14213  -6.35101  12.05092  1.000 20.27031 ?  2   DC  A N4     1 
ATOM   49  C  C5     . DC  A 1 2  ? 14.80392  -8.05401  13.03274  1.000 20.39704 ?  2   DC  A C5     1 
ATOM   50  C  C6     . DC  A 1 2  ? 13.95048  -8.36487  14.00278  1.000 20.94717 ?  2   DC  A C6     1 
ATOM   51  H  "H5'"  . DC  A 1 2  ? 13.47631  -11.13202 17.72055  1.000 28.10899 ?  2   DC  A "H5'"  1 
ATOM   52  H  "H5''" . DC  A 1 2  ? 11.96819  -11.57204 17.94401  1.000 28.10899 ?  2   DC  A "H5''" 1 
ATOM   53  H  "H4'"  . DC  A 1 2  ? 11.98549  -9.32135  18.23301  1.000 29.09610 ?  2   DC  A "H4'"  1 
ATOM   54  H  "H3'"  . DC  A 1 2  ? 10.67068  -10.24428 16.01742  1.000 35.09533 ?  2   DC  A "H3'"  1 
ATOM   55  H  "H2'"  . DC  A 1 2  ? 11.42264  -8.78007  14.57488  1.000 36.70604 ?  2   DC  A "H2'"  1 
ATOM   56  H  "H2''" . DC  A 1 2  ? 10.63541  -7.66811  15.39917  1.000 36.70604 ?  2   DC  A "H2''" 1 
ATOM   57  H  "H1'"  . DC  A 1 2  ? 12.43000  -7.06393  16.54250  1.000 29.80604 ?  2   DC  A "H1'"  1 
ATOM   58  H  H41    . DC  A 1 2  ? 16.42764  -6.92547  11.47836  1.000 24.32680 ?  2   DC  A H41    1 
ATOM   59  H  H42    . DC  A 1 2  ? 16.41955  -5.53811  12.01902  1.000 24.32680 ?  2   DC  A H42    1 
ATOM   60  H  H5     . DC  A 1 2  ? 15.10904  -8.69651  12.43390  1.000 24.47889 ?  2   DC  A H5     1 
ATOM   61  H  H6     . DC  A 1 2  ? 13.64423  -9.23978  14.07885  1.000 25.13904 ?  2   DC  A H6     1 
ATOM   62  P  P      . DT  A 1 3  ? 8.44187   -8.61781  16.55088  1.000 28.98953 ?  3   DT  A P      1 
ATOM   63  O  OP1    . DT  A 1 3  ? 7.36367   -9.09683  17.43237  1.000 34.00663 ?  3   DT  A OP1    1 
ATOM   64  O  OP2    . DT  A 1 3  ? 8.46260   -8.99801  15.11725  1.000 35.67564 -1 3   DT  A OP2    1 
ATOM   65  O  "O5'"  . DT  A 1 3  ? 8.50387   -7.04193  16.58851  1.000 26.25372 ?  3   DT  A "O5'"  1 
ATOM   66  C  "C5'"  . DT  A 1 3  ? 8.94890   -6.41604  17.74768  1.000 27.15290 ?  3   DT  A "C5'"  1 
ATOM   67  C  "C4'"  . DT  A 1 3  ? 8.99999   -4.93418  17.52985  1.000 28.31530 ?  3   DT  A "C4'"  1 
ATOM   68  O  "O4'"  . DT  A 1 3  ? 10.06492  -4.63184  16.59619  1.000 24.31710 ?  3   DT  A "O4'"  1 
ATOM   69  C  "C3'"  . DT  A 1 3  ? 7.72221   -4.35242  16.93767  1.000 24.49596 ?  3   DT  A "C3'"  1 
ATOM   70  O  "O3'"  . DT  A 1 3  ? 7.38583   -3.19420  17.64532  1.000 25.66259 ?  3   DT  A "O3'"  1 
ATOM   71  C  "C2'"  . DT  A 1 3  ? 8.07699   -4.10219  15.46542  1.000 25.60693 ?  3   DT  A "C2'"  1 
ATOM   72  C  "C1'"  . DT  A 1 3  ? 9.57562   -3.85513  15.51816  1.000 22.75155 ?  3   DT  A "C1'"  1 
ATOM   73  N  N1     . DT  A 1 3  ? 10.36851  -4.24640  14.29483  1.000 21.25156 ?  3   DT  A N1     1 
ATOM   74  C  C2     . DT  A 1 3  ? 11.26342  -3.34438  13.76400  1.000 18.88726 ?  3   DT  A C2     1 
ATOM   75  O  O2     . DT  A 1 3  ? 11.39171  -2.20673  14.17675  1.000 19.33063 ?  3   DT  A O2     1 
ATOM   76  N  N3     . DT  A 1 3  ? 11.96959  -3.79494  12.68267  1.000 17.97763 ?  3   DT  A N3     1 
ATOM   77  C  C4     . DT  A 1 3  ? 11.93822  -5.04839  12.12997  1.000 20.89833 ?  3   DT  A C4     1 
ATOM   78  O  O4     . DT  A 1 3  ? 12.65020  -5.35222  11.18370  1.000 20.34415 ?  3   DT  A O4     1 
ATOM   79  C  C5     . DT  A 1 3  ? 10.96402  -5.95911  12.71018  1.000 20.62306 ?  3   DT  A C5     1 
ATOM   80  C  C7     . DT  A 1 3  ? 10.82147  -7.35945  12.17848  1.000 26.01455 ?  3   DT  A C7     1 
ATOM   81  C  C6     . DT  A 1 3  ? 10.26150  -5.53074  13.78050  1.000 23.14723 ?  3   DT  A C6     1 
ATOM   82  H  "H5'"  . DT  A 1 3  ? 9.83492   -6.73927  17.97050  1.000 32.58591 ?  3   DT  A "H5'"  1 
ATOM   83  H  "H5''" . DT  A 1 3  ? 8.34037   -6.61462  18.47581  1.000 32.58591 ?  3   DT  A "H5''" 1 
ATOM   84  H  "H4'"  . DT  A 1 3  ? 9.18511   -4.49595  18.37495  1.000 33.98080 ?  3   DT  A "H4'"  1 
ATOM   85  H  "H3'"  . DT  A 1 3  ? 7.00323   -5.00080  17.00014  1.000 29.39759 ?  3   DT  A "H3'"  1 
ATOM   86  H  "H2'"  . DT  A 1 3  ? 7.87510   -4.88275  14.92696  1.000 30.73075 ?  3   DT  A "H2'"  1 
ATOM   87  H  "H2''" . DT  A 1 3  ? 7.61260   -3.32153  15.13017  1.000 30.73075 ?  3   DT  A "H2''" 1 
ATOM   88  H  "H1'"  . DT  A 1 3  ? 9.73266   -2.91729  15.70927  1.000 27.30430 ?  3   DT  A "H1'"  1 
ATOM   89  H  H3     . DT  A 1 3  ? 12.53787  -3.24492  12.34468  1.000 21.57558 ?  3   DT  A H3     1 
ATOM   90  H  H71    . DT  A 1 3  ? 10.80884  -7.33731  11.20904  1.000 31.21990 ?  3   DT  A H71    1 
ATOM   91  H  H72    . DT  A 1 3  ? 11.57028  -7.89793  12.47983  1.000 31.21990 ?  3   DT  A H72    1 
ATOM   92  H  H73    . DT  A 1 3  ? 9.99322   -7.74643  12.50393  1.000 31.21990 ?  3   DT  A H73    1 
ATOM   93  H  H6     . DT  A 1 3  ? 9.65938   -6.11695  14.17755  1.000 27.77910 ?  3   DT  A H6     1 
ATOM   94  P  P      . DG  A 1 4  ? 6.07902   -2.34617  17.28121  1.000 28.52150 ?  4   DG  A P      1 
ATOM   95  O  OP1    . DG  A 1 4  ? 5.58281   -1.75830  18.54616  1.000 33.36732 ?  4   DG  A OP1    1 
ATOM   96  O  OP2    . DG  A 1 4  ? 5.16744   -3.16009  16.44915  1.000 32.92777 -1 4   DG  A OP2    1 
ATOM   97  O  "O5'"  . DG  A 1 4  ? 6.61975   -1.17823  16.37802  1.000 22.52046 ?  4   DG  A "O5'"  1 
ATOM   98  C  "C5'"  . DG  A 1 4  ? 7.53786   -0.26362  16.89909  1.000 19.02892 ?  4   DG  A "C5'"  1 
ATOM   99  C  "C4'"  . DG  A 1 4  ? 7.83955   0.80124   15.88075  1.000 16.83108 ?  4   DG  A "C4'"  1 
ATOM   100 O  "O4'"  . DG  A 1 4  ? 8.53152   0.21634   14.75586  1.000 17.47682 ?  4   DG  A "O4'"  1 
ATOM   101 C  "C3'"  . DG  A 1 4  ? 6.62714   1.50167   15.29819  1.000 17.48996 ?  4   DG  A "C3'"  1 
ATOM   102 O  "O3'"  . DG  A 1 4  ? 6.94801   2.85061   15.20648  1.000 17.95744 ?  4   DG  A "O3'"  1 
ATOM   103 C  "C2'"  . DG  A 1 4  ? 6.42092   0.82465   13.93772  1.000 17.15549 ?  4   DG  A "C2'"  1 
ATOM   104 C  "C1'"  . DG  A 1 4  ? 7.83702   0.48420   13.53984  1.000 15.95252 ?  4   DG  A "C1'"  1 
ATOM   105 N  N9     . DG  A 1 4  ? 8.00526   -0.70908  12.72897  1.000 17.16990 ?  4   DG  A N9     1 
ATOM   106 C  C8     . DG  A 1 4  ? 7.38655   -1.92232  12.88871  1.000 18.65262 ?  4   DG  A C8     1 
ATOM   107 N  N7     . DG  A 1 4  ? 7.82340   -2.83889  12.06520  1.000 19.12610 ?  4   DG  A N7     1 
ATOM   108 C  C5     . DG  A 1 4  ? 8.84546   -2.21032  11.37612  1.000 15.70130 ?  4   DG  A C5     1 
ATOM   109 C  C6     . DG  A 1 4  ? 9.69991   -2.69674  10.36596  1.000 16.29085 ?  4   DG  A C6     1 
ATOM   110 O  O6     . DG  A 1 4  ? 9.74783   -3.82904  9.88170   1.000 17.16042 ?  4   DG  A O6     1 
ATOM   111 N  N1     . DG  A 1 4  ? 10.60063  -1.72650  9.93260   1.000 15.21985 ?  4   DG  A N1     1 
ATOM   112 C  C2     . DG  A 1 4  ? 10.64351  -0.44373  10.38742  1.000 16.03556 ?  4   DG  A C2     1 
ATOM   113 N  N2     . DG  A 1 4  ? 11.56624  0.35081   9.82800   1.000 15.46948 ?  4   DG  A N2     1 
ATOM   114 N  N3     . DG  A 1 4  ? 9.85932   0.02233   11.34328  1.000 14.96391 ?  4   DG  A N3     1 
ATOM   115 C  C4     . DG  A 1 4  ? 8.96989   -0.90420  11.77382  1.000 15.11162 ?  4   DG  A C4     1 
ATOM   116 H  "H5'"  . DG  A 1 4  ? 8.35791   -0.72801  17.13125  1.000 22.83714 ?  4   DG  A "H5'"  1 
ATOM   117 H  "H5''" . DG  A 1 4  ? 7.16519   0.14779   17.69442  1.000 22.83714 ?  4   DG  A "H5''" 1 
ATOM   118 H  "H4'"  . DG  A 1 4  ? 8.41567   1.46660   16.28846  1.000 20.19974 ?  4   DG  A "H4'"  1 
ATOM   119 H  "H3'"  . DG  A 1 4  ? 5.85269   1.37036   15.86700  1.000 20.99039 ?  4   DG  A "H3'"  1 
ATOM   120 H  "H2'"  . DG  A 1 4  ? 5.88348   0.02282   14.02986  1.000 20.58902 ?  4   DG  A "H2'"  1 
ATOM   121 H  "H2''" . DG  A 1 4  ? 6.02210   1.43920   13.30296  1.000 20.58902 ?  4   DG  A "H2''" 1 
ATOM   122 H  "H1'"  . DG  A 1 4  ? 8.24299   1.24308   13.09338  1.000 19.14545 ?  4   DG  A "H1'"  1 
ATOM   123 H  H8     . DG  A 1 4  ? 6.69179   -2.06522  13.48939  1.000 22.38558 ?  4   DG  A H8     1 
ATOM   124 H  H1     . DG  A 1 4  ? 11.14341  -1.94248  9.30084   1.000 18.26626 ?  4   DG  A H1     1 
ATOM   125 H  H21    . DG  A 1 4  ? 11.64874  1.16536   10.09155  1.000 18.56581 ?  4   DG  A H21    1 
ATOM   126 H  H22    . DG  A 1 4  ? 12.07580  0.04626   9.20564   1.000 18.56581 ?  4   DG  A H22    1 
ATOM   127 P  P      . DG  A 1 5  ? 5.87229   3.94971   14.79819  1.000 19.17039 ?  5   DG  A P      1 
ATOM   128 O  OP1    . DG  A 1 5  ? 6.42617   5.21773   15.31020  1.000 23.46033 ?  5   DG  A OP1    1 
ATOM   129 O  OP2    . DG  A 1 5  ? 4.52128   3.50872   15.12783  1.000 18.88547 -1 5   DG  A OP2    1 
ATOM   130 O  "O5'"  . DG  A 1 5  ? 5.90341   3.92736   13.22278  1.000 16.63304 ?  5   DG  A "O5'"  1 
ATOM   131 C  "C5'"  . DG  A 1 5  ? 7.06719   4.31815   12.55257  1.000 17.68734 ?  5   DG  A "C5'"  1 
ATOM   132 C  "C4'"  . DG  A 1 5  ? 6.97038   3.92845   11.09889  1.000 15.97672 ?  5   DG  A "C4'"  1 
ATOM   133 O  "O4'"  . DG  A 1 5  ? 7.16664   2.48555   10.96411  1.000 15.41858 ?  5   DG  A "O4'"  1 
ATOM   134 C  "C3'"  . DG  A 1 5  ? 5.61300   4.19712   10.41908  1.000 15.10568 ?  5   DG  A "C3'"  1 
ATOM   135 O  "O3'"  . DG  A 1 5  ? 5.80117   4.87588   9.19553   1.000 14.79614 ?  5   DG  A "O3'"  1 
ATOM   136 C  "C2'"  . DG  A 1 5  ? 5.08983   2.80058   10.15579  1.000 17.03956 ?  5   DG  A "C2'"  1 
ATOM   137 C  "C1'"  . DG  A 1 5  ? 6.40214   2.11723   9.88050   1.000 14.94189 ?  5   DG  A "C1'"  1 
ATOM   138 N  N9     . DG  A 1 5  ? 6.32911   0.68853   9.69713   1.000 17.38871 ?  5   DG  A N9     1 
ATOM   139 C  C8     . DG  A 1 5  ? 5.38421   -0.18553  10.16647  1.000 18.29393 ?  5   DG  A C8     1 
ATOM   140 N  N7     . DG  A 1 5  ? 5.52978   -1.40098  9.69024   1.000 17.98118 ?  5   DG  A N7     1 
ATOM   141 C  C5     . DG  A 1 5  ? 6.63176   -1.30605  8.85758   1.000 17.89850 ?  5   DG  A C5     1 
ATOM   142 C  C6     . DG  A 1 5  ? 7.25254   -2.27684  8.04851   1.000 18.51384 ?  5   DG  A C6     1 
ATOM   143 O  O6     . DG  A 1 5  ? 6.96276   -3.47273  7.93235   1.000 20.50127 ?  5   DG  A O6     1 
ATOM   144 N  N1     . DG  A 1 5  ? 8.34141   -1.75273  7.35667   1.000 18.79693 ?  5   DG  A N1     1 
ATOM   145 C  C2     . DG  A 1 5  ? 8.75523   -0.44617  7.41537   1.000 17.17531 ?  5   DG  A C2     1 
ATOM   146 N  N2     . DG  A 1 5  ? 9.82672   -0.11618  6.68492   1.000 18.14250 ?  5   DG  A N2     1 
ATOM   147 N  N3     . DG  A 1 5  ? 8.18097   0.47179   8.17278   1.000 16.48326 ?  5   DG  A N3     1 
ATOM   148 C  C4     . DG  A 1 5  ? 7.12730   -0.02817  8.85495   1.000 15.86126 ?  5   DG  A C4     1 
ATOM   149 H  "H5'"  . DG  A 1 5  ? 7.83340   3.87937   12.95418  1.000 21.22724 ?  5   DG  A "H5'"  1 
ATOM   150 H  "H5''" . DG  A 1 5  ? 7.17281   5.27937   12.62277  1.000 21.22724 ?  5   DG  A "H5''" 1 
ATOM   151 H  "H4'"  . DG  A 1 5  ? 7.66574   4.38817   10.60359  1.000 19.17450 ?  5   DG  A "H4'"  1 
ATOM   152 H  "H3'"  . DG  A 1 5  ? 5.01787   4.68808   11.00722  1.000 18.12924 ?  5   DG  A "H3'"  1 
ATOM   153 H  "H2'"  . DG  A 1 5  ? 4.65478   2.43138   10.94046  1.000 20.44990 ?  5   DG  A "H2'"  1 
ATOM   154 H  "H2''" . DG  A 1 5  ? 4.50945   2.78025   9.37829   1.000 20.44990 ?  5   DG  A "H2''" 1 
ATOM   155 H  "H1'"  . DG  A 1 5  ? 6.79117   2.50880   9.08248   1.000 17.93270 ?  5   DG  A "H1'"  1 
ATOM   156 H  H8     . DG  A 1 5  ? 4.69861   0.06057   10.74518  1.000 21.95515 ?  5   DG  A H8     1 
ATOM   157 H  H1     . DG  A 1 5  ? 8.79562   -2.29210  6.86429   1.000 22.55875 ?  5   DG  A H1     1 
ATOM   158 H  H21    . DG  A 1 5  ? 10.12843  0.68883   6.70401   1.000 21.77344 ?  5   DG  A H21    1 
ATOM   159 H  H22    . DG  A 1 5  ? 10.21312  -0.70872  6.19593   1.000 21.77344 ?  5   DG  A H22    1 
ATOM   160 P  P      . DA  A 1 6  ? 6.12156   6.43756   9.11259   1.000 13.84906 ?  6   DA  A P      1 
ATOM   161 O  OP1    . DA  A 1 6  ? 6.81892   6.85347   10.36313  1.000 13.75276 ?  6   DA  A OP1    1 
ATOM   162 O  OP2    . DA  A 1 6  ? 4.89262   7.16988   8.71446   1.000 15.12432 -1 6   DA  A OP2    1 
ATOM   163 O  "O5'"  . DA  A 1 6  ? 7.07831   6.52123   7.85119   1.000 15.16720 ?  6   DA  A "O5'"  1 
ATOM   164 C  "C5'"  . DA  A 1 6  ? 8.47632   6.37689   7.99453   1.000 14.46345 ?  6   DA  A "C5'"  1 
ATOM   165 C  "C4'"  . DA  A 1 6  ? 9.07789   6.05688   6.65983   1.000 13.56441 ?  6   DA  A "C4'"  1 
ATOM   166 O  "O4'"  . DA  A 1 6  ? 8.86975   4.65722   6.34896   1.000 14.79485 ?  6   DA  A "O4'"  1 
ATOM   167 C  "C3'"  . DA  A 1 6  ? 8.49505   6.83340   5.48720   1.000 15.34421 ?  6   DA  A "C3'"  1 
ATOM   168 O  "O3'"  . DA  A 1 6  ? 9.57260   7.16648   4.63578   1.000 16.61417 ?  6   DA  A "O3'"  1 
ATOM   169 C  "C2'"  . DA  A 1 6  ? 7.47454   5.86197   4.88494   1.000 16.04128 ?  6   DA  A "C2'"  1 
ATOM   170 C  "C1'"  . DA  A 1 6  ? 8.10516   4.50881   5.15432   1.000 16.04090 ?  6   DA  A "C1'"  1 
ATOM   171 N  N9     . DA  A 1 6  ? 7.18140   3.39733   5.39192   1.000 15.47932 ?  6   DA  A N9     1 
ATOM   172 C  C8     . DA  A 1 6  ? 6.12120   3.37124   6.25183   1.000 15.72199 ?  6   DA  A C8     1 
ATOM   173 N  N7     . DA  A 1 6  ? 5.53278   2.20727   6.32823   1.000 16.29589 ?  6   DA  A N7     1 
ATOM   174 C  C5     . DA  A 1 6  ? 6.27436   1.40130   5.49072   1.000 14.66435 ?  6   DA  A C5     1 
ATOM   175 C  C6     . DA  A 1 6  ? 6.17724   0.04023   5.16787   1.000 15.88137 ?  6   DA  A C6     1 
ATOM   176 N  N6     . DA  A 1 6  ? 5.22829   -0.75979  5.66310   1.000 17.73127 ?  6   DA  A N6     1 
ATOM   177 N  N1     . DA  A 1 6  ? 7.08920   -0.47053  4.29868   1.000 16.95187 ?  6   DA  A N1     1 
ATOM   178 C  C2     . DA  A 1 6  ? 8.04582   0.34572   3.82761   1.000 17.38814 ?  6   DA  A C2     1 
ATOM   179 N  N3     . DA  A 1 6  ? 8.24254   1.63229   4.08223   1.000 15.69341 ?  6   DA  A N3     1 
ATOM   180 C  C4     . DA  A 1 6  ? 7.31294   2.10305   4.92765   1.000 14.81080 ?  6   DA  A C4     1 
ATOM   181 H  "H5'"  . DA  A 1 6  ? 8.66547   5.65675   8.61629   1.000 17.35857 ?  6   DA  A "H5'"  1 
ATOM   182 H  "H5''" . DA  A 1 6  ? 8.85488   7.20431   8.33078   1.000 17.35857 ?  6   DA  A "H5''" 1 
ATOM   183 H  "H4'"  . DA  A 1 6  ? 10.03175  6.22790   6.70071   1.000 16.27973 ?  6   DA  A "H4'"  1 
ATOM   184 H  "H3'"  . DA  A 1 6  ? 8.05209   7.63678   5.80297   1.000 18.41548 ?  6   DA  A "H3'"  1 
ATOM   185 H  "H2'"  . DA  A 1 6  ? 6.61961   5.93931   5.33581   1.000 19.25197 ?  6   DA  A "H2'"  1 
ATOM   186 H  "H2''" . DA  A 1 6  ? 7.37832   6.01193   3.93181   1.000 19.25197 ?  6   DA  A "H2''" 1 
ATOM   187 H  "H1'"  . DA  A 1 6  ? 8.69812   4.28027   4.42167   1.000 19.25152 ?  6   DA  A "H1'"  1 
ATOM   188 H  H8     . DA  A 1 6  ? 5.82297   4.12187   6.71315   1.000 18.86882 ?  6   DA  A H8     1 
ATOM   189 H  H61    . DA  A 1 6  ? 5.19931   -1.58779  5.43092   1.000 21.27996 ?  6   DA  A H61    1 
ATOM   190 H  H62    . DA  A 1 6  ? 4.64629   -0.44731  6.21339   1.000 21.27996 ?  6   DA  A H62    1 
ATOM   191 H  H2     . DA  A 1 6  ? 8.65426   -0.04543  3.24248   1.000 20.86820 ?  6   DA  A H2     1 
ATOM   192 P  P      . DT  A 1 7  ? 9.40479   8.02977   3.29970   1.000 18.03331 ?  7   DT  A P      1 
ATOM   193 O  OP1    . DT  A 1 7  ? 10.74185  8.56231   2.96915   1.000 19.18360 ?  7   DT  A OP1    1 
ATOM   194 O  OP2    . DT  A 1 7  ? 8.26389   8.93405   3.40849   1.000 22.00430 -1 7   DT  A OP2    1 
ATOM   195 O  "O5'"  . DT  A 1 7  ? 9.01441   6.93114   2.24147   1.000 19.21110 ?  7   DT  A "O5'"  1 
ATOM   196 C  "C5'"  . DT  A 1 7  ? 9.97007   5.96825   1.93892   1.000 19.29969 ?  7   DT  A "C5'"  1 
ATOM   197 C  "C4'"  . DT  A 1 7  ? 9.39387   4.93599   1.04331   1.000 21.36398 ?  7   DT  A "C4'"  1 
ATOM   198 O  "O4'"  . DT  A 1 7  ? 8.43988   4.16099   1.76413   1.000 19.57248 ?  7   DT  A "O4'"  1 
ATOM   199 C  "C3'"  . DT  A 1 7  ? 8.64149   5.48765   -0.16176  1.000 24.14748 ?  7   DT  A "C3'"  1 
ATOM   200 O  "O3'"  . DT  A 1 7  ? 9.47427   5.39598   -1.28619  1.000 29.27463 ?  7   DT  A "O3'"  1 
ATOM   201 C  "C2'"  . DT  A 1 7  ? 7.39065   4.60724   -0.25083  1.000 22.95127 ?  7   DT  A "C2'"  1 
ATOM   202 C  "C1'"  . DT  A 1 7  ? 7.63215   3.54168   0.79632   1.000 19.84178 ?  7   DT  A "C1'"  1 
ATOM   203 N  N1     . DT  A 1 7  ? 6.43016   3.03117   1.46459   1.000 17.44141 ?  7   DT  A N1     1 
ATOM   204 C  C2     . DT  A 1 7  ? 6.13578   1.69857   1.36566   1.000 17.08822 ?  7   DT  A C2     1 
ATOM   205 O  O2     . DT  A 1 7  ? 6.76622   0.92664   0.67655   1.000 20.26843 ?  7   DT  A O2     1 
ATOM   206 N  N3     . DT  A 1 7  ? 5.05047   1.30254   2.07814   1.000 16.67760 ?  7   DT  A N3     1 
ATOM   207 C  C4     . DT  A 1 7  ? 4.23957   2.07268   2.87265   1.000 16.84101 ?  7   DT  A C4     1 
ATOM   208 O  O4     . DT  A 1 7  ? 3.28109   1.58962   3.47679   1.000 17.44713 ?  7   DT  A O4     1 
ATOM   209 C  C5     . DT  A 1 7  ? 4.59017   3.46934   2.93563   1.000 15.93783 ?  7   DT  A C5     1 
ATOM   210 C  C7     . DT  A 1 7  ? 3.79038   4.41154   3.78200   1.000 19.28419 ?  7   DT  A C7     1 
ATOM   211 C  C6     . DT  A 1 7  ? 5.68266   3.87300   2.26214   1.000 16.88496 ?  7   DT  A C6     1 
ATOM   212 H  "H5'"  . DT  A 1 7  ? 10.27316  5.54822   2.75892   1.000 23.16206 ?  7   DT  A "H5'"  1 
ATOM   213 H  "H5''" . DT  A 1 7  ? 10.72336  6.39143   1.49735   1.000 23.16206 ?  7   DT  A "H5''" 1 
ATOM   214 H  "H4'"  . DT  A 1 7  ? 10.10483  4.35416   0.73320   1.000 25.63921 ?  7   DT  A "H4'"  1 
ATOM   215 H  "H3'"  . DT  A 1 7  ? 8.39015   6.41125   -0.00571  1.000 28.97941 ?  7   DT  A "H3'"  1 
ATOM   216 H  "H2'"  . DT  A 1 7  ? 6.59652   5.12136   -0.03799  1.000 27.54395 ?  7   DT  A "H2'"  1 
ATOM   217 H  "H2''" . DT  A 1 7  ? 7.31558   4.20833   -1.13060  1.000 27.54395 ?  7   DT  A "H2''" 1 
ATOM   218 H  "H1'"  . DT  A 1 7  ? 8.11864   2.80393   0.39741   1.000 23.81257 ?  7   DT  A "H1'"  1 
ATOM   219 H  H3     . DT  A 1 7  ? 4.83742   0.47264   2.01209   1.000 20.01555 ?  7   DT  A H3     1 
ATOM   220 H  H71    . DT  A 1 7  ? 4.36897   4.82340   4.44233   1.000 23.14346 ?  7   DT  A H71    1 
ATOM   221 H  H72    . DT  A 1 7  ? 3.40071   5.09987   3.22006   1.000 23.14346 ?  7   DT  A H72    1 
ATOM   222 H  H73    . DT  A 1 7  ? 3.08349   3.92218   4.23154   1.000 23.14346 ?  7   DT  A H73    1 
ATOM   223 H  H6     . DT  A 1 7  ? 5.92753   4.76898   2.31170   1.000 20.26439 ?  7   DT  A H6     1 
ATOM   224 P  P      . DT  A 1 8  ? 8.94972   5.68721   -2.78079  1.000 33.19434 ?  8   DT  A P      1 
ATOM   225 O  OP1    . DT  A 1 8  ? 10.11558  6.16811   -3.54294  1.000 36.96134 ?  8   DT  A OP1    1 
ATOM   226 O  OP2    . DT  A 1 8  ? 7.70834   6.49526   -2.73222  1.000 37.77835 -1 8   DT  A OP2    1 
ATOM   227 O  "O5'"  . DT  A 1 8  ? 8.53506   4.23944   -3.30012  1.000 33.31176 ?  8   DT  A "O5'"  1 
ATOM   228 C  "C5'"  . DT  A 1 8  ? 9.40387   3.14554   -3.06562  1.000 31.99737 ?  8   DT  A "C5'"  1 
ATOM   229 C  "C4'"  . DT  A 1 8  ? 8.77152   1.83924   -3.49466  1.000 30.75179 ?  8   DT  A "C4'"  1 
ATOM   230 O  "O4'"  . DT  A 1 8  ? 7.66850   1.51363   -2.61377  1.000 28.55157 ?  8   DT  A "O4'"  1 
ATOM   231 C  "C3'"  . DT  A 1 8  ? 8.19129   1.82991   -4.90374  1.000 32.20827 ?  8   DT  A "C3'"  1 
ATOM   232 O  "O3'"  . DT  A 1 8  ? 8.56162   0.62985   -5.53898  1.000 34.16043 ?  8   DT  A "O3'"  1 
ATOM   233 C  "C2'"  . DT  A 1 8  ? 6.67567   1.94525   -4.67855  1.000 29.97571 ?  8   DT  A "C2'"  1 
ATOM   234 C  "C1'"  . DT  A 1 8  ? 6.51170   1.19358   -3.37530  1.000 27.48166 ?  8   DT  A "C1'"  1 
ATOM   235 N  N1     . DT  A 1 8  ? 5.34953   1.54803   -2.53420  1.000 24.47423 ?  8   DT  A N1     1 
ATOM   236 C  C2     . DT  A 1 8  ? 4.55456   0.53918   -2.02916  1.000 21.84020 ?  8   DT  A C2     1 
ATOM   237 O  O2     . DT  A 1 8  ? 4.69117   -0.63361  -2.31753  1.000 23.12379 ?  8   DT  A O2     1 
ATOM   238 N  N3     . DT  A 1 8  ? 3.57059   0.95834   -1.18407  1.000 19.83775 ?  8   DT  A N3     1 
ATOM   239 C  C4     . DT  A 1 8  ? 3.31656   2.23973   -0.78022  1.000 19.71271 ?  8   DT  A C4     1 
ATOM   240 O  O4     . DT  A 1 8  ? 2.43676   2.50178   0.00398   1.000 20.05669 ?  8   DT  A O4     1 
ATOM   241 C  C5     . DT  A 1 8  ? 4.18446   3.25111   -1.32776  1.000 22.48690 ?  8   DT  A C5     1 
ATOM   242 C  C7     . DT  A 1 8  ? 3.98485   4.68765   -0.95761  1.000 24.83734 ?  8   DT  A C7     1 
ATOM   243 C  C6     . DT  A 1 8  ? 5.16088   2.86063   -2.16051  1.000 23.12533 ?  8   DT  A C6     1 
ATOM   244 H  "H5'"  . DT  A 1 8  ? 9.61078   3.10119   -2.11935  1.000 38.39928 ?  8   DT  A "H5'"  1 
ATOM   245 H  "H5''" . DT  A 1 8  ? 10.22482  3.27985   -3.56440  1.000 38.39928 ?  8   DT  A "H5''" 1 
ATOM   246 H  "H4'"  . DT  A 1 8  ? 9.43726   1.13741   -3.42974  1.000 36.90459 ?  8   DT  A "H4'"  1 
ATOM   247 H  "H3'"  . DT  A 1 8  ? 8.51642   2.59306   -5.40659  1.000 38.65235 ?  8   DT  A "H3'"  1 
ATOM   248 H  "H2'"  . DT  A 1 8  ? 6.40940   2.87292   -4.58159  1.000 35.97329 ?  8   DT  A "H2'"  1 
ATOM   249 H  "H2''" . DT  A 1 8  ? 6.18403   1.51158   -5.39369  1.000 35.97329 ?  8   DT  A "H2''" 1 
ATOM   250 H  "H1'"  . DT  A 1 8  ? 6.50052   0.24049   -3.55481  1.000 32.98043 ?  8   DT  A "H1'"  1 
ATOM   251 H  H3     . DT  A 1 8  ? 3.05706   0.34781   -0.86368  1.000 23.80773 ?  8   DT  A H3     1 
ATOM   252 H  H71    . DT  A 1 8  ? 3.03753   4.89533   -0.96636  1.000 29.80724 ?  8   DT  A H71    1 
ATOM   253 H  H72    . DT  A 1 8  ? 4.34192   4.84548   -0.06977  1.000 29.80724 ?  8   DT  A H72    1 
ATOM   254 H  H73    . DT  A 1 8  ? 4.44579   5.25313   -1.59720  1.000 29.80724 ?  8   DT  A H73    1 
ATOM   255 H  H6     . DT  A 1 8  ? 5.73839   3.50508   -2.49989  1.000 27.75284 ?  8   DT  A H6     1 
ATOM   256 P  P      . DA  A 1 9  ? 8.20077   0.37135   -7.07905  1.000 36.13865 ?  9   DA  A P      1 
ATOM   257 O  OP1    . DA  A 1 9  ? 9.38626   -0.21128  -7.74215  1.000 42.12635 ?  9   DA  A OP1    1 
ATOM   258 O  OP2    . DA  A 1 9  ? 7.54709   1.57910   -7.63497  1.000 34.83070 -1 9   DA  A OP2    1 
ATOM   259 O  "O5'"  . DA  A 1 9  ? 7.05886   -0.73244  -7.00992  1.000 33.95280 ?  9   DA  A "O5'"  1 
ATOM   260 C  "C5'"  . DA  A 1 9  ? 7.22465   -1.85711  -6.18565  1.000 32.35845 ?  9   DA  A "C5'"  1 
ATOM   261 C  "C4'"  . DA  A 1 9  ? 5.99210   -2.71960  -6.22725  1.000 29.60944 ?  9   DA  A "C4'"  1 
ATOM   262 O  "O4'"  . DA  A 1 9  ? 4.97704   -2.17293  -5.34504  1.000 27.97601 ?  9   DA  A "O4'"  1 
ATOM   263 C  "C3'"  . DA  A 1 9  ? 5.35435   -2.82553  -7.60709  1.000 30.94158 ?  9   DA  A "C3'"  1 
ATOM   264 O  "O3'"  . DA  A 1 9  ? 5.07719   -4.18290  -7.87596  1.000 31.87512 ?  9   DA  A "O3'"  1 
ATOM   265 C  "C2'"  . DA  A 1 9  ? 4.10375   -1.94045  -7.51583  1.000 28.45390 ?  9   DA  A "C2'"  1 
ATOM   266 C  "C1'"  . DA  A 1 9  ? 3.75163   -2.00216  -6.04127  1.000 26.04295 ?  9   DA  A "C1'"  1 
ATOM   267 N  N9     . DA  A 1 9  ? 3.11952   -0.80618  -5.50173  1.000 24.03489 ?  9   DA  A N9     1 
ATOM   268 C  C8     . DA  A 1 9  ? 3.54139   0.48474   -5.64560  1.000 26.76732 ?  9   DA  A C8     1 
ATOM   269 N  N7     . DA  A 1 9  ? 2.81352   1.35188   -4.99016  1.000 23.34362 ?  9   DA  A N7     1 
ATOM   270 C  C5     . DA  A 1 9  ? 1.86648   0.57286   -4.35266  1.000 20.80942 ?  9   DA  A C5     1 
ATOM   271 C  C6     . DA  A 1 9  ? 0.81180   0.88893   -3.48358  1.000 19.97083 ?  9   DA  A C6     1 
ATOM   272 N  N6     . DA  A 1 9  ? 0.53451   2.12489   -3.10325  1.000 19.97021 ?  9   DA  A N6     1 
ATOM   273 N  N1     . DA  A 1 9  ? 0.05957   -0.12208  -3.01645  1.000 19.00164 ?  9   DA  A N1     1 
ATOM   274 C  C2     . DA  A 1 9  ? 0.35485   -1.36860  -3.39348  1.000 20.22261 ?  9   DA  A C2     1 
ATOM   275 N  N3     . DA  A 1 9  ? 1.32215   -1.78413  -4.19418  1.000 19.82145 ?  9   DA  A N3     1 
ATOM   276 C  C4     . DA  A 1 9  ? 2.04789   -0.75691  -4.64502  1.000 20.82633 ?  9   DA  A C4     1 
ATOM   277 H  "H5'"  . DA  A 1 9  ? 7.38196   -1.56615  -5.27390  1.000 38.83257 ?  9   DA  A "H5'"  1 
ATOM   278 H  "H5''" . DA  A 1 9  ? 7.98688   -2.37189  -6.49420  1.000 38.83257 ?  9   DA  A "H5''" 1 
ATOM   279 H  "H4'"  . DA  A 1 9  ? 6.22426   -3.60999  -5.92195  1.000 35.53377 ?  9   DA  A "H4'"  1 
ATOM   280 H  "H3'"  . DA  A 1 9  ? 5.95941   -2.47274  -8.27800  1.000 37.13233 ?  9   DA  A "H3'"  1 
ATOM   281 H  "H2'"  . DA  A 1 9  ? 4.30914   -1.03062  -7.78197  1.000 34.14711 ?  9   DA  A "H2'"  1 
ATOM   282 H  "H2''" . DA  A 1 9  ? 3.38428   -2.30193  -8.05425  1.000 34.14711 ?  9   DA  A "H2''" 1 
ATOM   283 H  "H1'"  . DA  A 1 9  ? 3.18067   -2.76913  -5.87868  1.000 31.25398 ?  9   DA  A "H1'"  1 
ATOM   284 H  H8     . DA  A 1 9  ? 4.26437   0.72703   -6.17727  1.000 32.12321 ?  9   DA  A H8     1 
ATOM   285 H  H61    . DA  A 1 9  ? -0.11931  2.27217   -2.56423  1.000 23.96668 ?  9   DA  A H61    1 
ATOM   286 H  H62    . DA  A 1 9  ? 1.00813   2.78129   -3.39436  1.000 23.96668 ?  9   DA  A H62    1 
ATOM   287 H  H2     . DA  A 1 9  ? -0.19174  -2.03448  -3.04360  1.000 24.26956 ?  9   DA  A H2     1 
ATOM   288 P  P      . DA  A 1 10 ? 4.18072   -4.63458  -9.12902  1.000 32.69760 ?  10  DA  A P      1 
ATOM   289 O  OP1    . DA  A 1 10 ? 4.65383   -5.98788  -9.49962  1.000 34.37561 ?  10  DA  A OP1    1 
ATOM   290 O  OP2    . DA  A 1 10 ? 4.11705   -3.57043  -10.15389 1.000 33.69884 -1 10  DA  A OP2    1 
ATOM   291 O  "O5'"  . DA  A 1 10 ? 2.73992   -4.80427  -8.48774  1.000 30.03090 ?  10  DA  A "O5'"  1 
ATOM   292 C  "C5'"  . DA  A 1 10 ? 2.60905   -5.56028  -7.31119  1.000 29.01590 ?  10  DA  A "C5'"  1 
ATOM   293 C  "C4'"  . DA  A 1 10 ? 1.17221   -5.57513  -6.86138  1.000 28.46523 ?  10  DA  A "C4'"  1 
ATOM   294 O  "O4'"  . DA  A 1 10 ? 0.78309   -4.26294  -6.42158  1.000 26.26915 ?  10  DA  A "O4'"  1 
ATOM   295 C  "C3'"  . DA  A 1 10 ? 0.17989   -5.96561  -7.94142  1.000 28.92822 ?  10  DA  A "C3'"  1 
ATOM   296 O  "O3'"  . DA  A 1 10 ? -0.64645  -6.98154  -7.42660  1.000 33.90011 ?  10  DA  A "O3'"  1 
ATOM   297 C  "C2'"  . DA  A 1 10 ? -0.57503  -4.65241  -8.26256  1.000 26.78756 ?  10  DA  A "C2'"  1 
ATOM   298 C  "C1'"  . DA  A 1 10 ? -0.48424  -3.92021  -6.94417  1.000 24.44431 ?  10  DA  A "C1'"  1 
ATOM   299 N  N9     . DA  A 1 10 ? -0.51720  -2.45997  -6.98356  1.000 23.17318 ?  10  DA  A N9     1 
ATOM   300 C  C8     . DA  A 1 10 ? 0.32074   -1.64497  -7.68528  1.000 23.75847 ?  10  DA  A C8     1 
ATOM   301 N  N7     . DA  A 1 10 ? 0.11837   -0.35818  -7.46770  1.000 23.15952 ?  10  DA  A N7     1 
ATOM   302 C  C5     . DA  A 1 10 ? -0.90357  -0.34182  -6.53545  1.000 20.38497 ?  10  DA  A C5     1 
ATOM   303 C  C6     . DA  A 1 10 ? -1.55135  0.70093   -5.86163  1.000 18.62488 ?  10  DA  A C6     1 
ATOM   304 N  N6     . DA  A 1 10 ? -1.26205  1.98969   -6.07176  1.000 19.31882 ?  10  DA  A N6     1 
ATOM   305 N  N1     . DA  A 1 10 ? -2.52821  0.37443   -4.98458  1.000 19.31030 ?  10  DA  A N1     1 
ATOM   306 C  C2     . DA  A 1 10 ? -2.80709  -0.91556  -4.78306  1.000 19.00316 ?  10  DA  A C2     1 
ATOM   307 N  N3     . DA  A 1 10 ? -2.25640  -1.98111  -5.35286  1.000 19.43696 ?  10  DA  A N3     1 
ATOM   308 C  C4     . DA  A 1 10 ? -1.28413  -1.62422  -6.20238  1.000 19.04564 ?  10  DA  A C4     1 
ATOM   309 H  "H5'"  . DA  A 1 10 ? 3.15906   -5.16860  -6.61446  1.000 34.82151 ?  10  DA  A "H5'"  1 
ATOM   310 H  "H5''" . DA  A 1 10 ? 2.90219   -6.46981  -7.47910  1.000 34.82151 ?  10  DA  A "H5''" 1 
ATOM   311 H  "H4'"  . DA  A 1 10 ? 1.08435   -6.19200  -6.11849  1.000 34.16070 ?  10  DA  A "H4'"  1 
ATOM   312 H  "H3'"  . DA  A 1 10 ? 0.65093   -6.28209  -8.72842  1.000 34.71630 ?  10  DA  A "H3'"  1 
ATOM   313 H  "H2'"  . DA  A 1 10 ? -0.12608  -4.15767  -8.96515  1.000 32.14750 ?  10  DA  A "H2'"  1 
ATOM   314 H  "H2''" . DA  A 1 10 ? -1.49926  -4.83203  -8.49625  1.000 32.14750 ?  10  DA  A "H2''" 1 
ATOM   315 H  "H1'"  . DA  A 1 10 ? -1.17727  -4.24276  -6.34686  1.000 29.33561 ?  10  DA  A "H1'"  1 
ATOM   316 H  H8     . DA  A 1 10 ? 0.96084   -1.96547  -8.27961  1.000 28.51259 ?  10  DA  A H8     1 
ATOM   317 H  H61    . DA  A 1 10 ? -1.69551  2.60149   -5.65109  1.000 23.18502 ?  10  DA  A H61    1 
ATOM   318 H  H62    . DA  A 1 10 ? -0.64266  2.20671   -6.62758  1.000 23.18502 ?  10  DA  A H62    1 
ATOM   319 H  H2     . DA  A 1 10 ? -3.47947  -1.09067  -4.16532  1.000 22.80623 ?  10  DA  A H2     1 
ATOM   320 P  P      . DT  A 1 11 ? -1.74040  -7.69260  -8.34791  1.000 38.00512 ?  11  DT  A P      1 
ATOM   321 O  OP1    . DT  A 1 11 ? -1.82043  -9.12000  -7.95949  1.000 41.67069 ?  11  DT  A OP1    1 
ATOM   322 O  OP2    . DT  A 1 11 ? -1.43005  -7.32284  -9.74365  1.000 38.48494 -1 11  DT  A OP2    1 
ATOM   323 O  "O5'"  . DT  A 1 11 ? -3.09654  -6.96260  -7.94615  1.000 33.51624 ?  11  DT  A "O5'"  1 
ATOM   324 C  "C5'"  . DT  A 1 11 ? -3.47835  -6.92869  -6.58605  1.000 33.68444 ?  11  DT  A "C5'"  1 
ATOM   325 C  "C4'"  . DT  A 1 11 ? -4.71181  -6.09348  -6.38672  1.000 32.16620 ?  11  DT  A "C4'"  1 
ATOM   326 O  "O4'"  . DT  A 1 11 ? -4.35013  -4.70164  -6.48353  1.000 29.89490 ?  11  DT  A "O4'"  1 
ATOM   327 C  "C3'"  . DT  A 1 11 ? -5.82409  -6.31824  -7.39857  1.000 30.97685 ?  11  DT  A "C3'"  1 
ATOM   328 O  "O3'"  . DT  A 1 11 ? -6.95640  -6.81372  -6.71830  1.000 34.12055 ?  11  DT  A "O3'"  1 
ATOM   329 C  "C2'"  . DT  A 1 11 ? -6.05818  -4.93143  -8.03101  1.000 28.44060 ?  11  DT  A "C2'"  1 
ATOM   330 C  "C1'"  . DT  A 1 11 ? -5.43251  -3.98797  -7.02424  1.000 25.85888 ?  11  DT  A "C1'"  1 
ATOM   331 N  N1     . DT  A 1 11 ? -4.90151  -2.69635  -7.56891  1.000 23.70265 ?  11  DT  A N1     1 
ATOM   332 C  C2     . DT  A 1 11 ? -5.31253  -1.52073  -6.98989  1.000 19.70081 ?  11  DT  A C2     1 
ATOM   333 O  O2     . DT  A 1 11 ? -6.13372  -1.47403  -6.08817  1.000 22.84498 ?  11  DT  A O2     1 
ATOM   334 N  N3     . DT  A 1 11 ? -4.73948  -0.39238  -7.50425  1.000 19.39098 ?  11  DT  A N3     1 
ATOM   335 C  C4     . DT  A 1 11 ? -3.79240  -0.31668  -8.49541  1.000 19.60848 ?  11  DT  A C4     1 
ATOM   336 O  O4     . DT  A 1 11 ? -3.32944  0.76136   -8.87457  1.000 21.72613 ?  11  DT  A O4     1 
ATOM   337 C  C5     . DT  A 1 11 ? -3.39607  -1.58412  -9.07095  1.000 22.66591 ?  11  DT  A C5     1 
ATOM   338 C  C7     . DT  A 1 11 ? -2.41004  -1.62001  -10.19800 1.000 25.45474 ?  11  DT  A C7     1 
ATOM   339 C  C6     . DT  A 1 11 ? -3.96073  -2.70735  -8.58087  1.000 22.18596 ?  11  DT  A C6     1 
ATOM   340 H  "H5'"  . DT  A 1 11 ? -2.75331  -6.55448  -6.06246  1.000 40.42376 ?  11  DT  A "H5'"  1 
ATOM   341 H  "H5''" . DT  A 1 11 ? -3.65470  -7.83315  -6.28274  1.000 40.42376 ?  11  DT  A "H5''" 1 
ATOM   342 H  "H4'"  . DT  A 1 11 ? -5.06174  -6.26343  -5.49797  1.000 38.60187 ?  11  DT  A "H4'"  1 
ATOM   343 H  "H3'"  . DT  A 1 11 ? -5.53659  -6.94996  -8.07583  1.000 37.17465 ?  11  DT  A "H3'"  1 
ATOM   344 H  "H2'"  . DT  A 1 11 ? -5.60930  -4.86633  -8.88867  1.000 34.13115 ?  11  DT  A "H2'"  1 
ATOM   345 H  "H2''" . DT  A 1 11 ? -7.00684  -4.75315  -8.12342  1.000 34.13115 ?  11  DT  A "H2''" 1 
ATOM   346 H  "H1'"  . DT  A 1 11 ? -6.07353  -3.80065  -6.32156  1.000 31.03309 ?  11  DT  A "H1'"  1 
ATOM   347 H  H3     . DT  A 1 11 ? -4.98000  0.35333   -7.14859  1.000 23.27160 ?  11  DT  A H3     1 
ATOM   348 H  H71    . DT  A 1 11 ? -1.63032  -2.13077  -9.92921  1.000 30.54813 ?  11  DT  A H71    1 
ATOM   349 H  H72    . DT  A 1 11 ? -2.81904  -2.03724  -10.97168 1.000 30.54813 ?  11  DT  A H72    1 
ATOM   350 H  H73    . DT  A 1 11 ? -2.14190  -0.71540  -10.42277 1.000 30.54813 ?  11  DT  A H73    1 
ATOM   351 H  H6     . DT  A 1 11 ? -3.70180  -3.52662  -8.93745  1.000 26.62559 ?  11  DT  A H6     1 
ATOM   352 P  P      . DC  A 1 12 ? -8.24766  -7.29557  -7.52557  1.000 36.39904 ?  12  DC  A P      1 
ATOM   353 O  OP1    . DC  A 1 12 ? -8.86801  -8.40148  -6.76738  1.000 38.58090 ?  12  DC  A OP1    1 
ATOM   354 O  OP2    . DC  A 1 12 ? -7.86592  -7.49291  -8.94585  1.000 37.14069 -1 12  DC  A OP2    1 
ATOM   355 O  "O5'"  . DC  A 1 12 ? -9.20259  -6.02305  -7.45910  1.000 34.60633 ?  12  DC  A "O5'"  1 
ATOM   356 C  "C5'"  . DC  A 1 12 ? -9.45785  -5.39848  -6.21131  1.000 30.74335 ?  12  DC  A "C5'"  1 
ATOM   357 C  "C4'"  . DC  A 1 12 ? -10.02854 -4.02139  -6.41854  1.000 32.02551 ?  12  DC  A "C4'"  1 
ATOM   358 O  "O4'"  . DC  A 1 12 ? -9.02584  -3.17268  -6.98678  1.000 27.28697 ?  12  DC  A "O4'"  1 
ATOM   359 C  "C3'"  . DC  A 1 12 ? -11.20765 -3.97041  -7.38332  1.000 31.70845 ?  12  DC  A "C3'"  1 
ATOM   360 O  "O3'"  . DC  A 1 12 ? -12.39626 -3.84715  -6.65206  1.000 31.47633 ?  12  DC  A "O3'"  1 
ATOM   361 C  "C2'"  . DC  A 1 12 ? -10.93261 -2.75368  -8.28849  1.000 33.22488 ?  12  DC  A "C2'"  1 
ATOM   362 C  "C1'"  . DC  A 1 12 ? -9.66489  -2.14389  -7.69747  1.000 28.90336 ?  12  DC  A "C1'"  1 
ATOM   363 N  N1     . DC  A 1 12 ? -8.69662  -1.61630  -8.68850  1.000 24.73781 ?  12  DC  A N1     1 
ATOM   364 C  C2     . DC  A 1 12 ? -8.37034  -0.25869  -8.67472  1.000 21.57418 ?  12  DC  A C2     1 
ATOM   365 O  O2     . DC  A 1 12 ? -8.92608  0.48198   -7.86050  1.000 21.76123 ?  12  DC  A O2     1 
ATOM   366 N  N3     . DC  A 1 12 ? -7.45517  0.20544   -9.55523  1.000 22.79771 ?  12  DC  A N3     1 
ATOM   367 C  C4     . DC  A 1 12 ? -6.86771  -0.62911  -10.40784 1.000 24.15261 ?  12  DC  A C4     1 
ATOM   368 N  N4     . DC  A 1 12 ? -5.96866  -0.12208  -11.24820 1.000 24.55896 ?  12  DC  A N4     1 
ATOM   369 C  C5     . DC  A 1 12 ? -7.18512  -2.02286  -10.44175 1.000 24.74178 ?  12  DC  A C5     1 
ATOM   370 C  C6     . DC  A 1 12 ? -8.08715  -2.46953  -9.56364  1.000 25.28697 ?  12  DC  A C6     1 
ATOM   371 H  "H5'"  . DC  A 1 12 ? -8.62918  -5.32916  -5.71164  1.000 36.89445 ?  12  DC  A "H5'"  1 
ATOM   372 H  "H5''" . DC  A 1 12 ? -10.09091 -5.93482  -5.70845  1.000 36.89445 ?  12  DC  A "H5''" 1 
ATOM   373 H  "H4'"  . DC  A 1 12 ? -10.30368 -3.65881  -5.56163  1.000 38.43305 ?  12  DC  A "H4'"  1 
ATOM   374 H  "H3'"  . DC  A 1 12 ? -11.23137 -4.77993  -7.91723  1.000 38.05258 ?  12  DC  A "H3'"  1 
ATOM   375 H  "H2'"  . DC  A 1 12 ? -10.78050 -3.03694  -9.20314  1.000 39.87229 ?  12  DC  A "H2'"  1 
ATOM   376 H  "H2''" . DC  A 1 12 ? -11.66760 -2.12207  -8.24354  1.000 39.87229 ?  12  DC  A "H2''" 1 
ATOM   377 H  "H1'"  . DC  A 1 12 ? -9.91004  -1.43781  -7.08046  1.000 34.68646 ?  12  DC  A "H1'"  1 
ATOM   378 H  H41    . DC  A 1 12 ? -5.57047  -0.63453  -11.81224 1.000 29.47318 ?  12  DC  A H41    1 
ATOM   379 H  H42    . DC  A 1 12 ? -5.78607  0.71776   -11.22742 1.000 29.47318 ?  12  DC  A H42    1 
ATOM   380 H  H5     . DC  A 1 12 ? -6.76783  -2.59862  -11.04080 1.000 29.69257 ?  12  DC  A H5     1 
ATOM   381 H  H6     . DC  A 1 12 ? -8.30656  -3.37337  -9.55151  1.000 30.34680 ?  12  DC  A H6     1 
ATOM   382 P  P      . DC  A 1 13 ? -13.82023 -4.05309  -7.35279  1.000 27.93871 ?  13  DC  A P      1 
ATOM   383 O  OP1    . DC  A 1 13 ? -14.69469 -4.58085  -6.27652  1.000 36.24439 ?  13  DC  A OP1    1 
ATOM   384 O  OP2    . DC  A 1 13 ? -13.67858 -4.82716  -8.61049  1.000 30.57664 -1 13  DC  A OP2    1 
ATOM   385 O  "O5'"  . DC  A 1 13 ? -14.24368 -2.58194  -7.76042  1.000 23.85341 ?  13  DC  A "O5'"  1 
ATOM   386 C  "C5'"  . DC  A 1 13 ? -14.38297 -1.58238  -6.77803  1.000 24.52328 ?  13  DC  A "C5'"  1 
ATOM   387 C  "C4'"  . DC  A 1 13 ? -14.58672 -0.23617  -7.43256  1.000 19.93237 ?  13  DC  A "C4'"  1 
ATOM   388 O  "O4'"  . DC  A 1 13 ? -13.33762 0.18040   -8.06617  1.000 20.35720 ?  13  DC  A "O4'"  1 
ATOM   389 C  "C3'"  . DC  A 1 13 ? -15.63032 -0.20719  -8.56467  1.000 20.31025 ?  13  DC  A "C3'"  1 
ATOM   390 O  "O3'"  . DC  A 1 13 ? -16.30161 1.02995   -8.58263  1.000 20.31330 ?  13  DC  A "O3'"  1 
ATOM   391 C  "C2'"  . DC  A 1 13 ? -14.76709 -0.33650  -9.79284  1.000 22.28630 ?  13  DC  A "C2'"  1 
ATOM   392 C  "C1'"  . DC  A 1 13 ? -13.64322 0.58357   -9.38124  1.000 19.04682 ?  13  DC  A "C1'"  1 
ATOM   393 N  N1     . DC  A 1 13 ? -12.43094 0.53903   -10.22620 1.000 20.11910 ?  13  DC  A N1     1 
ATOM   394 C  C2     . DC  A 1 13 ? -11.69377 1.70300   -10.38754 1.000 17.20922 ?  13  DC  A C2     1 
ATOM   395 O  O2     . DC  A 1 13 ? -12.05781 2.72260   -9.79072  1.000 18.86827 ?  13  DC  A O2     1 
ATOM   396 N  N3     . DC  A 1 13 ? -10.59564 1.68333   -11.16687 1.000 17.66167 ?  13  DC  A N3     1 
ATOM   397 C  C4     . DC  A 1 13 ? -10.22605 0.56196   -11.76521 1.000 18.56340 ?  13  DC  A C4     1 
ATOM   398 N  N4     . DC  A 1 13 ? -9.12229  0.59518   -12.51949 1.000 19.82735 ?  13  DC  A N4     1 
ATOM   399 C  C5     . DC  A 1 13 ? -10.94742 -0.65080  -11.59429 1.000 19.67788 ?  13  DC  A C5     1 
ATOM   400 C  C6     . DC  A 1 13 ? -12.04500 -0.61705  -10.83745 1.000 20.33520 ?  13  DC  A C6     1 
ATOM   401 H  "H5'"  . DC  A 1 13 ? -13.58263 -1.55533  -6.23129  1.000 29.43036 ?  13  DC  A "H5'"  1 
ATOM   402 H  "H5''" . DC  A 1 13 ? -15.14825 -1.78653  -6.21792  1.000 29.43036 ?  13  DC  A "H5''" 1 
ATOM   403 H  "H4'"  . DC  A 1 13 ? -14.83258 0.41344   -6.75558  1.000 23.92128 ?  13  DC  A "H4'"  1 
ATOM   404 H  "H3'"  . DC  A 1 13 ? -16.25161 -0.94893  -8.49080  1.000 24.37473 ?  13  DC  A "H3'"  1 
ATOM   405 H  "H2'"  . DC  A 1 13 ? -14.45780 -1.24752  -9.90983  1.000 26.74600 ?  13  DC  A "H2'"  1 
ATOM   406 H  "H2''" . DC  A 1 13 ? -15.22379 -0.00713  -10.58266 1.000 26.74600 ?  13  DC  A "H2''" 1 
ATOM   407 H  "H1'"  . DC  A 1 13 ? -13.97780 1.49278   -9.35993  1.000 22.85862 ?  13  DC  A "H1'"  1 
ATOM   408 H  H41    . DC  A 1 13 ? -8.85437  -0.11632  -12.92173 1.000 23.79525 ?  13  DC  A H41    1 
ATOM   409 H  H42    . DC  A 1 13 ? -8.67973  1.32808   -12.60227 1.000 23.79525 ?  13  DC  A H42    1 
ATOM   410 H  H5     . DC  A 1 13 ? -10.69125 -1.42920  -12.03490 1.000 23.61589 ?  13  DC  A H5     1 
ATOM   411 H  H6     . DC  A 1 13 ? -12.55097 -1.38915  -10.72564 1.000 24.40468 ?  13  DC  A H6     1 
ATOM   412 P  P      . DA  A 1 14 ? -17.70199 1.24954   -7.83859  1.000 21.27863 ?  14  DA  A P      1 
ATOM   413 O  OP1    . DA  A 1 14 ? -17.64268 0.68939   -6.47376  1.000 25.71204 ?  14  DA  A OP1    1 
ATOM   414 O  OP2    . DA  A 1 14 ? -18.77670 0.79640   -8.75673  1.000 27.46087 -1 14  DA  A OP2    1 
ATOM   415 O  "O5'"  . DA  A 1 14 ? -17.76000 2.83739   -7.76661  1.000 20.36935 ?  14  DA  A "O5'"  1 
ATOM   416 C  "C5'"  . DA  A 1 14 ? -16.85986 3.53491   -6.91083  1.000 19.40978 ?  14  DA  A "C5'"  1 
ATOM   417 C  "C4'"  . DA  A 1 14 ? -16.56591 4.92450   -7.44333  1.000 17.11474 ?  14  DA  A "C4'"  1 
ATOM   418 O  "O4'"  . DA  A 1 14 ? -15.59991 4.84651   -8.51282  1.000 17.78137 ?  14  DA  A "O4'"  1 
ATOM   419 C  "C3'"  . DA  A 1 14 ? -17.75272 5.65580   -8.03696  1.000 17.12994 ?  14  DA  A "C3'"  1 
ATOM   420 O  "O3'"  . DA  A 1 14 ? -17.62717 7.03796   -7.75012  1.000 17.35764 ?  14  DA  A "O3'"  1 
ATOM   421 C  "C2'"  . DA  A 1 14 ? -17.65829 5.34207   -9.53385  1.000 16.97308 ?  14  DA  A "C2'"  1 
ATOM   422 C  "C1'"  . DA  A 1 14 ? -16.16345 5.30590   -9.75415  1.000 17.07666 ?  14  DA  A "C1'"  1 
ATOM   423 N  N9     . DA  A 1 14 ? -15.67714 4.36983   -10.75280 1.000 16.85776 ?  14  DA  A N9     1 
ATOM   424 C  C8     . DA  A 1 14 ? -16.04226 3.06127   -10.88872 1.000 19.58938 ?  14  DA  A C8     1 
ATOM   425 N  N7     . DA  A 1 14 ? -15.33537 2.40557   -11.77226 1.000 19.63279 ?  14  DA  A N7     1 
ATOM   426 C  C5     . DA  A 1 14 ? -14.39644 3.31657   -12.19901 1.000 18.02687 ?  14  DA  A C5     1 
ATOM   427 C  C6     . DA  A 1 14 ? -13.32228 3.21716   -13.10988 1.000 16.57944 ?  14  DA  A C6     1 
ATOM   428 N  N6     . DA  A 1 14 ? -13.02032 2.09925   -13.77314 1.000 19.94494 ?  14  DA  A N6     1 
ATOM   429 N  N1     . DA  A 1 14 ? -12.57836 4.32578   -13.31928 1.000 17.85757 ?  14  DA  A N1     1 
ATOM   430 C  C2     . DA  A 1 14 ? -12.88566 5.43406   -12.64066 1.000 17.16688 ?  14  DA  A C2     1 
ATOM   431 N  N3     . DA  A 1 14 ? -13.86494 5.63436   -11.76256 1.000 15.64674 ?  14  DA  A N3     1 
ATOM   432 C  C4     . DA  A 1 14 ? -14.57440 4.52778   -11.57055 1.000 16.25773 ?  14  DA  A C4     1 
ATOM   433 H  "H5'"  . DA  A 1 14 ? -16.02978 3.03646   -6.84762  1.000 23.29417 ?  14  DA  A "H5'"  1 
ATOM   434 H  "H5''" . DA  A 1 14 ? -17.25416 3.60979   -6.02802  1.000 23.29417 ?  14  DA  A "H5''" 1 
ATOM   435 H  "H4'"  . DA  A 1 14 ? -16.19461 5.46181   -6.72594  1.000 20.54013 ?  14  DA  A "H4'"  1 
ATOM   436 H  "H3'"  . DA  A 1 14 ? -18.57998 5.30736   -7.67004  1.000 20.55836 ?  14  DA  A "H3'"  1 
ATOM   437 H  "H2'"  . DA  A 1 14 ? -18.05810 4.48164   -9.73118  1.000 20.37012 ?  14  DA  A "H2'"  1 
ATOM   438 H  "H2''" . DA  A 1 14 ? -18.06826 6.04528   -10.06111 1.000 20.37012 ?  14  DA  A "H2''" 1 
ATOM   439 H  "H1'"  . DA  A 1 14 ? -15.83747 6.19753   -9.95213  1.000 20.49443 ?  14  DA  A "H1'"  1 
ATOM   440 H  H8     . DA  A 1 14 ? -16.75115 2.68069   -10.42181 1.000 23.50969 ?  14  DA  A H8     1 
ATOM   441 H  H61    . DA  A 1 14 ? -12.36026 2.09126   -14.32452 1.000 23.93636 ?  14  DA  A H61    1 
ATOM   442 H  H62    . DA  A 1 14 ? -13.48560 1.38666   -13.64870 1.000 23.93636 ?  14  DA  A H62    1 
ATOM   443 H  H2     . DA  A 1 14 ? -12.33969 6.16816   -12.80531 1.000 20.60269 ?  14  DA  A H2     1 
ATOM   444 P  P      . DG  A 1 15 ? -18.78957 8.06721   -8.12828  1.000 17.12502 ?  15  DG  A P      1 
ATOM   445 O  OP1    . DG  A 1 15 ? -18.62965 9.27828   -7.30071  1.000 19.27241 ?  15  DG  A OP1    1 
ATOM   446 O  OP2    . DG  A 1 15 ? -20.09079 7.34710   -8.12273  1.000 20.37371 -1 15  DG  A OP2    1 
ATOM   447 O  "O5'"  . DG  A 1 15 ? -18.47366 8.41066   -9.64580  1.000 15.08336 ?  15  DG  A "O5'"  1 
ATOM   448 C  "C5'"  . DG  A 1 15 ? -17.35934 9.19982   -9.95953  1.000 14.78515 ?  15  DG  A "C5'"  1 
ATOM   449 C  "C4'"  . DG  A 1 15 ? -17.20032 9.29584   -11.44656 1.000 14.01225 ?  15  DG  A "C4'"  1 
ATOM   450 O  "O4'"  . DG  A 1 15 ? -16.71270 8.03933   -11.96127 1.000 14.77273 ?  15  DG  A "O4'"  1 
ATOM   451 C  "C3'"  . DG  A 1 15 ? -18.50539 9.58832   -12.19059 1.000 15.19181 ?  15  DG  A "C3'"  1 
ATOM   452 O  "O3'"  . DG  A 1 15 ? -18.34531 10.77069  -12.91990 1.000 14.58795 ?  15  DG  A "O3'"  1 
ATOM   453 C  "C2'"  . DG  A 1 15 ? -18.70657 8.35427   -13.05994 1.000 15.92783 ?  15  DG  A "C2'"  1 
ATOM   454 C  "C1'"  . DG  A 1 15 ? -17.28065 7.88467   -13.22850 1.000 13.86102 ?  15  DG  A "C1'"  1 
ATOM   455 N  N9     . DG  A 1 15 ? -17.13150 6.50621   -13.65361 1.000 15.37579 ?  15  DG  A N9     1 
ATOM   456 C  C8     . DG  A 1 15 ? -17.88836 5.42263   -13.27585 1.000 16.08667 ?  15  DG  A C8     1 
ATOM   457 N  N7     . DG  A 1 15 ? -17.49903 4.30625   -13.83450 1.000 16.48872 ?  15  DG  A N7     1 
ATOM   458 C  C5     . DG  A 1 15 ? -16.39858 4.67797   -14.60537 1.000 14.93097 ?  15  DG  A C5     1 
ATOM   459 C  C6     . DG  A 1 15 ? -15.55788 3.90230   -15.44253 1.000 16.39181 ?  15  DG  A C6     1 
ATOM   460 O  O6     . DG  A 1 15 ? -15.61612 2.68924   -15.67484 1.000 17.34385 ?  15  DG  A O6     1 
ATOM   461 N  N1     . DG  A 1 15 ? -14.57377 4.67774   -16.05231 1.000 15.68909 ?  15  DG  A N1     1 
ATOM   462 C  C2     . DG  A 1 15 ? -14.41070 6.02734   -15.86812 1.000 15.12124 ?  15  DG  A C2     1 
ATOM   463 N  N2     . DG  A 1 15 ? -13.40127 6.59426   -16.53347 1.000 16.49485 ?  15  DG  A N2     1 
ATOM   464 N  N3     . DG  A 1 15 ? -15.19158 6.76746   -15.08971 1.000 14.39040 ?  15  DG  A N3     1 
ATOM   465 C  C4     . DG  A 1 15 ? -16.15675 6.02384   -14.48804 1.000 14.85982 ?  15  DG  A C4     1 
ATOM   466 H  "H5'"  . DG  A 1 15 ? -16.56341 8.79895   -9.57618  1.000 17.74462 ?  15  DG  A "H5'"  1 
ATOM   467 H  "H5''" . DG  A 1 15 ? -17.48111 10.08893  -9.59057  1.000 17.74462 ?  15  DG  A "H5''" 1 
ATOM   468 H  "H4'"  . DG  A 1 15 ? -16.55680 9.99264   -11.65146 1.000 16.81713 ?  15  DG  A "H4'"  1 
ATOM   469 H  "H3'"  . DG  A 1 15 ? -19.23715 9.67853   -11.56039 1.000 18.23260 ?  15  DG  A "H3'"  1 
ATOM   470 H  "H2'"  . DG  A 1 15 ? -19.24097 7.68917   -12.59894 1.000 19.11583 ?  15  DG  A "H2'"  1 
ATOM   471 H  "H2''" . DG  A 1 15 ? -19.09838 8.58756   -13.91417 1.000 19.11583 ?  15  DG  A "H2''" 1 
ATOM   472 H  "H1'"  . DG  A 1 15 ? -16.82377 8.46558   -13.85685 1.000 16.63566 ?  15  DG  A "H1'"  1 
ATOM   473 H  H8     . DG  A 1 15 ? -18.61820 5.48113   -12.70202 1.000 19.30644 ?  15  DG  A H8     1 
ATOM   474 H  H1     . DG  A 1 15 ? -14.01412 4.27637   -16.56766 1.000 18.82934 ?  15  DG  A H1     1 
ATOM   475 H  H21    . DG  A 1 15 ? -13.25719 7.43853   -16.45788 1.000 19.79625 ?  15  DG  A H21    1 
ATOM   476 H  H22    . DG  A 1 15 ? -12.89578 6.11463   -17.03809 1.000 19.79625 ?  15  DG  A H22    1 
ATOM   477 P  P      . DC  A 1 16 ? -19.58768 11.43070  -13.66405 1.000 16.17078 ?  16  DC  A P      1 
ATOM   478 O  OP1    . DC  A 1 16 ? -19.24688 12.82980  -13.88898 1.000 18.71498 ?  16  DC  A OP1    1 
ATOM   479 O  OP2    . DC  A 1 16 ? -20.83068 11.08198  -12.94233 1.000 23.97408 -1 16  DC  A OP2    1 
ATOM   480 O  "O5'"  . DC  A 1 16 ? -19.77898 10.51786  -14.95300 1.000 24.41177 ?  16  DC  A "O5'"  1 
ATOM   481 C  "C5'"  . DC  A 1 16 ? -19.45661 10.97752  -16.23012 1.000 23.78327 ?  16  DC  A "C5'"  1 
ATOM   482 C  "C4'"  . DC  A 1 16 ? -18.00227 10.67880  -16.57977 1.000 24.87999 ?  16  DC  A "C4'"  1 
ATOM   483 O  "O4'"  . DC  A 1 16 ? -17.64214 9.29322   -16.25265 1.000 23.87024 ?  16  DC  A "O4'"  1 
ATOM   484 C  "C3'"  . DC  A 1 16 ? -17.70410 10.82718  -18.05647 1.000 27.48095 ?  16  DC  A "C3'"  1 
ATOM   485 O  "O3'"  . DC  A 1 16 ? -16.36644 11.26874  -18.25334 1.000 36.77753 ?  16  DC  A "O3'"  1 
ATOM   486 C  "C2'"  . DC  A 1 16 ? -17.93738 9.41552   -18.55249 1.000 23.40812 ?  16  DC  A "C2'"  1 
ATOM   487 C  "C1'"  . DC  A 1 16 ? -17.31618 8.60955   -17.44823 1.000 20.95041 ?  16  DC  A "C1'"  1 
ATOM   488 N  N1     . DC  A 1 16 ? -17.78904 7.22750   -17.34214 1.000 16.33403 ?  16  DC  A N1     1 
ATOM   489 C  C2     . DC  A 1 16 ? -17.09122 6.21506   -17.99830 1.000 15.98352 ?  16  DC  A C2     1 
ATOM   490 O  O2     . DC  A 1 16 ? -16.10807 6.51023   -18.67311 1.000 16.19654 ?  16  DC  A O2     1 
ATOM   491 N  N3     . DC  A 1 16 ? -17.50398 4.94609   -17.86630 1.000 16.61031 ?  16  DC  A N3     1 
ATOM   492 C  C4     . DC  A 1 16 ? -18.56420 4.66638   -17.12055 1.000 16.39362 ?  16  DC  A C4     1 
ATOM   493 N  N4     . DC  A 1 16 ? -18.92455 3.39545   -17.01293 1.000 19.61621 ?  16  DC  A N4     1 
ATOM   494 C  C5     . DC  A 1 16 ? -19.30368 5.67863   -16.45667 1.000 17.09693 ?  16  DC  A C5     1 
ATOM   495 C  C6     . DC  A 1 16 ? -18.88405 6.94082   -16.59333 1.000 17.14932 ?  16  DC  A C6     1 
ATOM   496 H  "H5'"  . DC  A 1 16 ? -19.60126 11.93621  -16.26771 1.000 28.54236 ?  16  DC  A "H5'"  1 
ATOM   497 H  "H5''" . DC  A 1 16 ? -20.03365 10.54414  -16.87806 1.000 28.54236 ?  16  DC  A "H5''" 1 
ATOM   498 H  "H4'"  . DC  A 1 16 ? -17.42797 11.28036  -16.07982 1.000 29.85842 ?  16  DC  A "H4'"  1 
ATOM   499 H  "H3'"  . DC  A 1 16 ? -18.33141 11.44067  -18.46928 1.000 32.97957 ?  16  DC  A "H3'"  1 
ATOM   500 H  "HO3'" . DC  A 1 16 ? -15.82856 10.79620  -18.69258 1.000 44.13546 ?  16  DC  A "HO3'" 1 
ATOM   501 H  "H2'"  . DC  A 1 16 ? -18.88550 9.22674   -18.62945 1.000 28.09218 ?  16  DC  A "H2'"  1 
ATOM   502 H  "H2''" . DC  A 1 16 ? -17.47930 9.26295   -19.39371 1.000 28.09218 ?  16  DC  A "H2''" 1 
ATOM   503 H  "H1'"  . DC  A 1 16 ? -16.35240 8.60863   -17.55975 1.000 25.14293 ?  16  DC  A "H1'"  1 
ATOM   504 H  H41    . DC  A 1 16 ? -19.60754 3.18126   -16.53704 1.000 23.54189 ?  16  DC  A H41    1 
ATOM   505 H  H42    . DC  A 1 16 ? -18.47527 2.78545   -17.41889 1.000 23.54189 ?  16  DC  A H42    1 
ATOM   506 H  H5     . DC  A 1 16 ? -20.04317 5.47049   -15.93149 1.000 20.51875 ?  16  DC  A H5     1 
ATOM   507 H  H6     . DC  A 1 16 ? -19.33131 7.62536   -16.15001 1.000 20.58162 ?  16  DC  A H6     1 
HETATM 508 CA CA     . CA  B 2 .  ? 13.53658  2.57369   12.76449  1.000 33.60501 ?  101 CA  A CA     1 
HETATM 509 CA CA     . CA  C 2 .  ? 8.09850   8.42706   11.36144  0.396 15.60211 ?  102 CA  A CA     1 
HETATM 510 CA CA     . CA  D 2 .  ? 4.44732   9.27217   7.92423   0.458 19.10291 ?  103 CA  A CA     1 
HETATM 511 CA CA     . CA  E 2 .  ? -19.27609 11.44844  -6.87033  1.000 23.06004 ?  104 CA  A CA     1 
HETATM 512 CA CA     . CA  F 2 .  ? -19.98435 14.85916  -14.50639 0.389 15.83854 ?  105 CA  A CA     1 
HETATM 513 CA CA     . CA  G 2 .  ? 10.10763  -15.02660 17.06684  0.229 20.11289 ?  106 CA  A CA     1 
HETATM 514 CA CA     . CA  H 2 .  ? -23.34363 12.06671  -13.52352 1.000 36.54961 ?  107 CA  A CA     1 
HETATM 515 CA CA     . CA  I 2 .  ? -12.10930 2.72883   -4.99348  1.000 29.41425 ?  108 CA  A CA     1 
HETATM 516 CA CA     . CA  J 2 .  ? -18.59969 -0.23821  -13.90942 1.000 46.81911 ?  109 CA  A CA     1 
HETATM 517 O  O      . HOH K 3 .  ? 4.54007   -2.66414  14.16435  1.000 34.77838 ?  201 HOH A O      1 
HETATM 518 O  O      . HOH K 3 .  ? 4.25823   -2.64139  20.55703  1.000 45.58578 ?  202 HOH A O      1 
HETATM 519 O  O      . HOH K 3 .  ? 11.22073  0.18151   15.10500  1.000 24.02582 ?  203 HOH A O      1 
HETATM 520 O  O      . HOH K 3 .  ? 10.14978  6.20057   -6.11459  1.000 43.60175 ?  204 HOH A O      1 
HETATM 521 O  O      . HOH K 3 .  ? -13.11110 -3.92988  -10.96985 1.000 42.92023 ?  205 HOH A O      1 
HETATM 522 O  O      . HOH K 3 .  ? 5.99925   -7.58327  -7.95054  1.000 50.47266 ?  206 HOH A O      1 
HETATM 523 O  O      . HOH K 3 .  ? -21.56319 7.30931   -10.26506 1.000 31.68145 ?  207 HOH A O      1 
HETATM 524 O  O      . HOH K 3 .  ? 5.40459   -5.40365  8.70978   1.000 51.70432 ?  208 HOH A O      1 
HETATM 525 O  O      . HOH K 3 .  ? -13.11323 3.87427   -7.69511  1.000 27.87962 ?  209 HOH A O      1 
HETATM 526 O  O      . HOH K 3 .  ? 5.65508   8.71283   3.47663   1.000 24.49343 ?  210 HOH A O      1 
HETATM 527 O  O      . HOH K 3 .  ? -16.28221 0.87188   -4.22633  1.000 34.32067 ?  211 HOH A O      1 
HETATM 528 O  O      . HOH K 3 .  ? 6.24618   7.83242   15.63170  1.000 21.59469 ?  212 HOH A O      1 
HETATM 529 O  O      . HOH K 3 .  ? -2.03395  2.08315   -10.76531 1.000 47.87477 ?  213 HOH A O      1 
HETATM 530 O  O      . HOH K 3 .  ? -6.76139  -1.88911  -3.54467  1.000 29.22583 ?  214 HOH A O      1 
HETATM 531 O  O      . HOH K 3 .  ? 1.27353   2.10896   5.14973   1.000 34.28549 ?  215 HOH A O      1 
HETATM 532 O  O      . HOH K 3 .  ? 1.02717   1.44486   -9.21699  1.000 50.97850 ?  216 HOH A O      1 
HETATM 533 O  O      . HOH K 3 .  ? 2.85430   1.89114   13.77262  1.000 25.13077 ?  217 HOH A O      1 
HETATM 534 O  O      . HOH K 3 .  ? 7.67940   -9.61179  20.05768  1.000 40.08418 ?  218 HOH A O      1 
HETATM 535 O  O      . HOH K 3 .  ? -11.39356 1.06892   -6.41108  1.000 24.55828 ?  219 HOH A O      1 
HETATM 536 O  O      . HOH K 3 .  ? 21.30162  -12.66204 13.80468  1.000 32.83796 ?  220 HOH A O      1 
HETATM 537 O  O      . HOH K 3 .  ? -14.02993 8.11650   -19.37725 1.000 33.17240 ?  221 HOH A O      1 
HETATM 538 O  O      . HOH K 3 .  ? 11.48058  11.07060  2.16661   1.000 27.33420 ?  222 HOH A O      1 
HETATM 539 O  O      . HOH K 3 .  ? -19.77991 2.34102   -10.78812 1.000 37.64265 ?  223 HOH A O      1 
HETATM 540 O  O      . HOH K 3 .  ? -18.91299 1.95860   -13.45803 1.000 28.21181 ?  224 HOH A O      1 
HETATM 541 O  O      . HOH K 3 .  ? 8.24932   10.67279  1.25593   1.000 51.49308 ?  225 HOH A O      1 
HETATM 542 O  O      . HOH K 3 .  ? -22.23698 8.98481   -11.80714 1.000 28.26100 ?  226 HOH A O      1 
HETATM 543 O  O      . HOH K 3 .  ? 8.10701   -6.05126  9.68133   1.000 28.19134 ?  227 HOH A O      1 
HETATM 544 O  O      . HOH K 3 .  ? -17.25265 0.48882   -15.24921 1.000 40.06660 ?  228 HOH A O      1 
HETATM 545 O  O      . HOH K 3 .  ? 3.25315   2.78946   17.49534  1.000 29.78403 ?  229 HOH A O      1 
HETATM 546 O  O      . HOH K 3 .  ? 9.45147   2.90403   8.63104   1.000 26.64223 ?  230 HOH A O      1 
HETATM 547 O  O      . HOH K 3 .  ? 3.26655   0.87967   7.25047   1.000 27.53480 ?  231 HOH A O      1 
HETATM 548 O  O      . HOH K 3 .  ? 13.33169  -7.56525  9.61425   1.000 24.49492 ?  232 HOH A O      1 
HETATM 549 O  O      . HOH K 3 .  ? 6.39476   -5.25625  11.89573  1.000 38.23598 ?  233 HOH A O      1 
HETATM 550 O  O      . HOH K 3 .  ? 10.81200  2.28502   3.13395   1.000 24.68272 ?  234 HOH A O      1 
HETATM 551 O  O      . HOH K 3 .  ? 5.73257   -3.26728  -2.43022  1.000 24.32709 ?  235 HOH A O      1 
HETATM 552 O  O      . HOH K 3 .  ? -14.15002 8.94816   -13.58759 1.000 18.57521 ?  236 HOH A O      1 
HETATM 553 O  O      . HOH K 3 .  ? 2.78600   -8.08623  -9.99736  1.000 55.08584 ?  237 HOH A O      1 
HETATM 554 O  O      . HOH K 3 .  ? 6.82874   10.95692  4.85738   1.000 29.25126 ?  238 HOH A O      1 
HETATM 555 O  O      . HOH K 3 .  ? 13.05249  -4.70261  18.40184  1.000 35.53168 ?  239 HOH A O      1 
HETATM 556 O  O      . HOH K 3 .  ? 10.76102  2.56628   12.34732  1.000 19.19024 ?  240 HOH A O      1 
HETATM 557 O  O      . HOH K 3 .  ? 1.09207   4.55984   1.51318   1.000 22.83270 ?  241 HOH A O      1 
HETATM 558 O  O      . HOH K 3 .  ? 10.92007  -0.33809  -10.19458 1.000 45.92454 ?  242 HOH A O      1 
HETATM 559 O  O      . HOH K 3 .  ? 2.01571   4.92308   15.77966  1.000 26.39214 ?  243 HOH A O      1 
HETATM 560 O  O      . HOH K 3 .  ? 11.75207  -10.86327 12.89893  1.000 32.35599 ?  244 HOH A O      1 
HETATM 561 O  O      . HOH K 3 .  ? 1.59964   -4.61958  -3.37024  0.50  21.55250 ?  245 HOH A O      1 
HETATM 562 O  O      . HOH K 3 .  ? -8.63435  -1.85015  -14.17497 1.000 27.27481 ?  246 HOH A O      1 
HETATM 563 O  O      . HOH K 3 .  ? 3.41043   -3.23782  10.73894  1.000 41.24372 ?  247 HOH A O      1 
HETATM 564 O  O      . HOH K 3 .  ? 11.30142  2.97497   6.82314   1.000 31.31883 ?  248 HOH A O      1 
HETATM 565 O  O      . HOH K 3 .  ? -20.99722 2.57211   -15.00792 1.000 31.17460 ?  249 HOH A O      1 
HETATM 566 O  O      . HOH K 3 .  ? 22.65766  -6.15136  13.22776  0.50  40.31080 ?  250 HOH A O      1 
HETATM 567 O  O      . HOH K 3 .  ? 9.33430   4.79151   15.96749  1.000 26.39856 ?  251 HOH A O      1 
HETATM 568 O  O      . HOH K 3 .  ? 10.37092  -15.33834 14.70686  1.000 28.20845 ?  252 HOH A O      1 
HETATM 569 O  O      . HOH K 3 .  ? 5.69376   8.05174   -1.09932  1.000 40.13349 ?  253 HOH A O      1 
HETATM 570 O  O      . HOH K 3 .  ? -4.63612  -2.05408  -13.19437 1.000 32.54798 ?  254 HOH A O      1 
HETATM 571 O  O      . HOH K 3 .  ? 3.26074   -0.07437  17.49891  1.000 31.69301 ?  255 HOH A O      1 
HETATM 572 O  O      . HOH K 3 .  ? 13.00935  -13.89373 19.81951  1.000 23.64475 ?  256 HOH A O      1 
HETATM 573 O  O      . HOH K 3 .  ? 1.19078   -2.80517  -10.63356 1.000 38.22578 ?  257 HOH A O      1 
HETATM 574 O  O      . HOH K 3 .  ? -16.87194 11.41887  -5.98505  1.000 26.54274 ?  258 HOH A O      1 
HETATM 575 O  O      . HOH K 3 .  ? 14.49306  -6.59164  19.03110  1.000 36.11631 ?  259 HOH A O      1 
HETATM 576 O  O      . HOH K 3 .  ? 5.17020   6.15299   17.97596  1.000 35.13267 ?  260 HOH A O      1 
HETATM 577 O  O      . HOH K 3 .  ? -14.46003 -0.67852  -13.81569 1.000 34.85433 ?  261 HOH A O      1 
HETATM 578 O  O      . HOH K 3 .  ? -16.23463 13.28219  -13.08177 1.000 26.20100 ?  262 HOH A O      1 
HETATM 579 O  O      . HOH K 3 .  ? -21.08864 4.66239   -6.79920  1.000 42.13756 ?  263 HOH A O      1 
HETATM 580 O  O      . HOH K 3 .  ? 2.41924   4.48013   -4.64021  1.000 42.04974 ?  264 HOH A O      1 
HETATM 581 O  O      . HOH K 3 .  ? 17.47498  -8.29901  9.92841   1.000 29.57022 ?  265 HOH A O      1 
HETATM 582 O  O      . HOH K 3 .  ? -21.64644 8.48218   -5.59677  1.000 33.38436 ?  266 HOH A O      1 
HETATM 583 O  O      . HOH K 3 .  ? 9.91162   6.88795   11.21959  1.000 16.37677 ?  267 HOH A O      1 
HETATM 584 O  O      . HOH K 3 .  ? -2.86942  -4.89932  -11.30120 1.000 39.09103 ?  268 HOH A O      1 
HETATM 585 O  O      . HOH K 3 .  ? 2.09808   8.69647   8.16245   1.000 18.87253 ?  269 HOH A O      1 
HETATM 586 O  O      . HOH K 3 .  ? -12.92517 9.81264   -16.20398 1.000 29.56372 ?  270 HOH A O      1 
HETATM 587 O  O      . HOH K 3 .  ? -19.90681 11.58933  -9.23117  1.000 20.42981 ?  271 HOH A O      1 
HETATM 588 O  O      . HOH K 3 .  ? -18.13210 -0.06427  -11.87497 1.000 39.53408 ?  272 HOH A O      1 
HETATM 589 O  O      . HOH K 3 .  ? -0.82034  -8.62497  -4.45069  1.000 31.59337 ?  273 HOH A O      1 
HETATM 590 O  O      . HOH K 3 .  ? 6.15200   -7.04389  13.43553  1.000 51.81290 ?  274 HOH A O      1 
HETATM 591 O  O      . HOH K 3 .  ? 4.28699   -5.19648  -3.78461  1.000 27.84798 ?  275 HOH A O      1 
HETATM 592 O  O      . HOH K 3 .  ? -15.02629 13.05965  -20.94883 1.000 45.01208 ?  276 HOH A O      1 
HETATM 593 O  O      . HOH K 3 .  ? 6.36263   -9.05552  12.22180  1.000 50.19623 ?  277 HOH A O      1 
HETATM 594 O  O      . HOH K 3 .  ? -5.50035  -4.50047  -3.00439  1.000 34.89612 ?  278 HOH A O      1 
HETATM 595 O  O      . HOH K 3 .  ? -11.63081 -1.36351  -4.02718  1.000 42.91819 ?  279 HOH A O      1 
HETATM 596 O  O      . HOH K 3 .  ? -17.57481 12.71693  -8.43194  1.000 26.76985 ?  280 HOH A O      1 
HETATM 597 O  O      . HOH K 3 .  ? 2.91355   0.00743   -11.00279 1.000 52.58879 ?  281 HOH A O      1 
HETATM 598 O  O      . HOH K 3 .  ? -13.56773 0.54096   -4.20434  1.000 32.86414 ?  282 HOH A O      1 
HETATM 599 O  O      . HOH K 3 .  ? 15.33155  -7.44027  8.39175   1.000 40.56089 ?  283 HOH A O      1 
HETATM 600 O  O      . HOH K 3 .  ? -20.56045 5.16143   -11.36174 1.000 39.37158 ?  284 HOH A O      1 
HETATM 601 O  O      . HOH K 3 .  ? 5.13805   7.08383   1.36575   1.000 26.51863 ?  285 HOH A O      1 
HETATM 602 O  O      . HOH K 3 .  ? 10.99840  -4.00015  20.45511  1.000 39.94274 ?  286 HOH A O      1 
HETATM 603 O  O      . HOH K 3 .  ? 5.00025   11.29577  3.16513   1.000 30.40906 ?  287 HOH A O      1 
HETATM 604 O  O      . HOH K 3 .  ? 0.56481   2.33040   15.82984  1.000 30.65114 ?  288 HOH A O      1 
HETATM 605 O  O      . HOH K 3 .  ? 9.15733   -8.28924  21.32873  1.000 41.31150 ?  289 HOH A O      1 
HETATM 606 O  O      . HOH K 3 .  ? -14.21230 10.60553  -9.75886  1.000 26.17836 ?  290 HOH A O      1 
HETATM 607 O  O      . HOH K 3 .  ? 16.24046  -11.16393 10.34916  1.000 39.43953 ?  291 HOH A O      1 
HETATM 608 O  O      . HOH K 3 .  ? -0.19653  4.04557   3.93611   1.000 30.03060 ?  292 HOH A O      1 
HETATM 609 O  O      . HOH K 3 .  ? 2.44234   -0.34815  14.69051  1.000 41.77802 ?  293 HOH A O      1 
HETATM 610 O  O      . HOH K 3 .  ? 3.87117   -5.46759  10.93169  1.000 32.47300 ?  294 HOH A O      1 
HETATM 611 O  O      . HOH K 3 .  ? -24.56950 7.79318   -8.96033  1.000 45.51916 ?  295 HOH A O      1 
HETATM 612 O  O      . HOH K 3 .  ? 0.69565   -2.04202  15.64172  1.000 42.34677 ?  296 HOH A O      1 
HETATM 613 O  O      . HOH K 3 .  ? 22.09395  -7.70732  9.70050   1.000 45.31567 ?  297 HOH A O      1 
HETATM 614 O  O      . HOH K 3 .  ? -10.48807 -4.59369  -12.09703 1.000 53.36799 ?  298 HOH A O      1 
HETATM 615 O  O      . HOH K 3 .  ? 12.64050  -10.31217 10.66465  1.000 32.53324 ?  299 HOH A O      1 
HETATM 616 O  O      . HOH K 3 .  ? 2.30361   7.06339   1.68370   1.000 23.73326 ?  300 HOH A O      1 
HETATM 617 O  O      . HOH K 3 .  ? -7.53219  -4.29573  -13.55571 1.000 39.17802 ?  301 HOH A O      1 
HETATM 618 O  O      . HOH K 3 .  ? 2.11096   7.67571   4.37123   1.000 21.68804 ?  302 HOH A O      1 
HETATM 619 O  O      . HOH K 3 .  ? -1.75289  -3.19449  -13.17902 1.000 52.17158 ?  303 HOH A O      1 
HETATM 620 O  O      . HOH K 3 .  ? -23.19154 -0.11149  -14.09539 1.000 51.56630 ?  304 HOH A O      1 
# 
loop_
_atom_site_anisotrop.id 
_atom_site_anisotrop.type_symbol 
_atom_site_anisotrop.pdbx_label_atom_id 
_atom_site_anisotrop.pdbx_label_alt_id 
_atom_site_anisotrop.pdbx_label_comp_id 
_atom_site_anisotrop.pdbx_label_asym_id 
_atom_site_anisotrop.pdbx_label_seq_id 
_atom_site_anisotrop.pdbx_PDB_ins_code 
_atom_site_anisotrop.U[1][1] 
_atom_site_anisotrop.U[2][2] 
_atom_site_anisotrop.U[3][3] 
_atom_site_anisotrop.U[1][2] 
_atom_site_anisotrop.U[1][3] 
_atom_site_anisotrop.U[2][3] 
_atom_site_anisotrop.pdbx_auth_seq_id 
_atom_site_anisotrop.pdbx_auth_comp_id 
_atom_site_anisotrop.pdbx_auth_asym_id 
_atom_site_anisotrop.pdbx_auth_atom_id 
1   O  "O5'" . DG A 1  ? 0.48295 0.39839 0.64297 0.03459  -0.22998 0.04658  1   DG A "O5'" 
2   C  "C5'" . DG A 1  ? 0.34031 0.26929 0.46663 0.10210  -0.10462 -0.08233 1   DG A "C5'" 
3   C  "C4'" . DG A 1  ? 0.24501 0.20500 0.32689 0.06670  -0.00479 -0.03190 1   DG A "C4'" 
4   O  "O4'" . DG A 1  ? 0.32572 0.20757 0.24646 0.03159  -0.04794 0.02334  1   DG A "O4'" 
5   C  "C3'" . DG A 1  ? 0.23461 0.22692 0.23328 0.02528  0.02790  -0.02872 1   DG A "C3'" 
6   O  "O3'" . DG A 1  ? 0.26296 0.23229 0.26192 0.05110  -0.00783 -0.00347 1   DG A "O3'" 
7   C  "C2'" . DG A 1  ? 0.35292 0.19745 0.24135 0.01160  -0.05650 0.02012  1   DG A "C2'" 
8   C  "C1'" . DG A 1  ? 0.31454 0.18510 0.24203 0.01364  -0.06324 0.01857  1   DG A "C1'" 
9   N  N9    . DG A 1  ? 0.26875 0.21238 0.20712 0.05826  -0.01017 0.01483  1   DG A N9    
10  C  C8    . DG A 1  ? 0.30694 0.18520 0.26105 0.02399  -0.02740 0.04541  1   DG A C8    
11  N  N7    . DG A 1  ? 0.35549 0.19633 0.25350 0.06196  -0.04578 -0.01535 1   DG A N7    
12  C  C5    . DG A 1  ? 0.34788 0.16284 0.20143 0.07816  -0.04385 0.02210  1   DG A C5    
13  C  C6    . DG A 1  ? 0.31491 0.21231 0.18691 0.05586  -0.02494 0.04956  1   DG A C6    
14  O  O6    . DG A 1  ? 0.29488 0.19089 0.22605 0.05184  -0.00705 0.02525  1   DG A O6    
15  N  N1    . DG A 1  ? 0.26976 0.16945 0.19040 0.04923  -0.03621 0.01685  1   DG A N1    
16  C  C2    . DG A 1  ? 0.28695 0.18674 0.21478 0.04947  -0.06791 0.04847  1   DG A C2    
17  N  N2    . DG A 1  ? 0.27271 0.16800 0.20819 0.05546  -0.05177 -0.00765 1   DG A N2    
18  N  N3    . DG A 1  ? 0.27128 0.16869 0.19851 0.04240  -0.04421 0.00710  1   DG A N3    
19  C  C4    . DG A 1  ? 0.31563 0.18484 0.20759 0.05033  -0.05560 0.04555  1   DG A C4    
32  P  P     . DC A 2  ? 0.27797 0.25595 0.21807 0.02344  -0.00162 -0.01066 2   DC A P     
33  O  OP1   . DC A 2  ? 0.30291 0.27512 0.22291 0.05762  -0.00597 0.01794  2   DC A OP1   
34  O  OP2   . DC A 2  ? 0.33100 0.40345 0.20519 0.07157  -0.03175 -0.02854 2   DC A OP2   
35  O  "O5'" . DC A 2  ? 0.31570 0.20875 0.23370 0.08548  0.00272  0.00302  2   DC A "O5'" 
36  C  "C5'" . DC A 2  ? 0.39402 0.22862 0.26729 0.09653  -0.03237 -0.05500 2   DC A "C5'" 
37  C  "C4'" . DC A 2  ? 0.39618 0.20289 0.32211 0.07740  -0.04174 0.03671  2   DC A "C4'" 
38  O  "O4'" . DC A 2  ? 0.34811 0.25379 0.33085 -0.01282 -0.05796 0.05096  2   DC A "O4'" 
39  C  "C3'" . DC A 2  ? 0.35443 0.35190 0.40481 0.06357  -0.04028 0.06718  2   DC A "C3'" 
40  O  "O3'" . DC A 2  ? 0.47549 0.26871 0.49729 -0.04993 -0.11099 0.16271  2   DC A "O3'" 
41  C  "C2'" . DC A 2  ? 0.40410 0.34126 0.41678 0.01703  -0.08434 0.06213  2   DC A "C2'" 
42  C  "C1'" . DC A 2  ? 0.39212 0.18659 0.36496 0.03510  -0.07381 0.04744  2   DC A "C1'" 
43  N  N1    . DC A 2  ? 0.34345 0.19671 0.34620 0.02643  -0.07664 0.01909  2   DC A N1    
44  C  C2    . DC A 2  ? 0.29718 0.14671 0.28339 0.05472  -0.05715 -0.00388 2   DC A C2    
45  O  O2    . DC A 2  ? 0.27566 0.19470 0.27122 0.04089  -0.02235 0.00146  2   DC A O2    
46  N  N3    . DC A 2  ? 0.28626 0.17058 0.24273 0.04439  -0.07529 -0.00337 2   DC A N3    
47  C  C4    . DC A 2  ? 0.33367 0.17748 0.20271 0.07593  -0.09192 0.00877  2   DC A C4    
48  N  N4    . DC A 2  ? 0.35786 0.19667 0.21565 0.07126  -0.09562 -0.00235 2   DC A N4    
49  C  C5    . DC A 2  ? 0.34709 0.14715 0.28075 0.01865  -0.09625 -0.00342 2   DC A C5    
50  C  C6    . DC A 2  ? 0.34554 0.15029 0.30006 0.03688  -0.06593 -0.00594 2   DC A C6    
62  P  P     . DT A 3  ? 0.34639 0.24371 0.51137 0.03376  -0.02189 0.07385  3   DT A P     
63  O  OP1   . DT A 3  ? 0.43347 0.29837 0.56026 -0.05252 -0.07203 0.16425  3   DT A OP1   
64  O  OP2   . DT A 3  ? 0.41682 0.37493 0.56377 -0.00630 -0.08207 0.07297  3   DT A OP2   
65  O  "O5'" . DT A 3  ? 0.28912 0.23088 0.47752 0.01419  0.01065  0.14254  3   DT A "O5'" 
66  C  "C5'" . DT A 3  ? 0.22848 0.28570 0.51751 0.05497  -0.01114 0.10613  3   DT A "C5'" 
67  C  "C4'" . DT A 3  ? 0.33628 0.26052 0.47905 -0.00068 -0.07962 0.10032  3   DT A "C4'" 
68  O  "O4'" . DT A 3  ? 0.31820 0.20164 0.40411 -0.05026 -0.09418 0.05933  3   DT A "O4'" 
69  C  "C3'" . DT A 3  ? 0.28388 0.17581 0.47105 0.08643  -0.02709 0.00405  3   DT A "C3'" 
70  O  "O3'" . DT A 3  ? 0.30312 0.18929 0.48265 0.05470  0.02236  0.03492  3   DT A "O3'" 
71  C  "C2'" . DT A 3  ? 0.28314 0.25270 0.43711 -0.00005 -0.06288 0.07712  3   DT A "C2'" 
72  C  "C1'" . DT A 3  ? 0.31337 0.16602 0.38507 -0.01851 -0.08310 0.07973  3   DT A "C1'" 
73  N  N1    . DT A 3  ? 0.24644 0.18107 0.37995 0.00572  -0.07169 0.02812  3   DT A N1    
74  C  C2    . DT A 3  ? 0.22403 0.17596 0.31764 0.03605  -0.05595 0.00818  3   DT A C2    
75  O  O2    . DT A 3  ? 0.24000 0.16760 0.32687 0.02703  -0.03867 0.00592  3   DT A O2    
76  N  N3    . DT A 3  ? 0.24503 0.15058 0.28746 -0.00069 -0.10541 0.01021  3   DT A N3    
77  C  C4    . DT A 3  ? 0.35706 0.16759 0.26939 -0.02391 -0.15469 0.02359  3   DT A C4    
78  O  O4    . DT A 3  ? 0.34001 0.18341 0.24957 0.02848  -0.12765 -0.00208 3   DT A O4    
79  C  C5    . DT A 3  ? 0.31393 0.15050 0.31915 0.02251  -0.10488 -0.02909 3   DT A C5    
80  C  C7    . DT A 3  ? 0.39113 0.21226 0.38503 -0.05363 -0.14522 -0.00170 3   DT A C7    
81  C  C6    . DT A 3  ? 0.26220 0.17664 0.44064 0.01255  -0.10320 0.01734  3   DT A C6    
94  P  P     . DG A 4  ? 0.28938 0.27877 0.51554 0.03642  0.05632  0.05357  4   DG A P     
95  O  OP1   . DG A 4  ? 0.39137 0.39065 0.48578 0.01928  0.04382  0.08264  4   DG A OP1   
96  O  OP2   . DG A 4  ? 0.28156 0.26499 0.70456 0.00173  -0.02812 0.07885  4   DG A OP2   
97  O  "O5'" . DG A 4  ? 0.24064 0.17663 0.43841 0.01117  0.00656  0.05773  4   DG A "O5'" 
98  C  "C5'" . DG A 4  ? 0.27583 0.20577 0.24142 0.03637  -0.00319 -0.00875 4   DG A "C5'" 
99  C  "C4'" . DG A 4  ? 0.25639 0.18465 0.19847 0.04469  -0.01330 -0.00172 4   DG A "C4'" 
100 O  "O4'" . DG A 4  ? 0.22396 0.22453 0.21555 0.04564  -0.03408 -0.02731 4   DG A "O4'" 
101 C  "C3'" . DG A 4  ? 0.24167 0.21444 0.20843 0.06198  -0.02307 -0.02516 4   DG A "C3'" 
102 O  "O3'" . DG A 4  ? 0.28924 0.16909 0.22397 0.05454  -0.05427 -0.03002 4   DG A "O3'" 
103 C  "C2'" . DG A 4  ? 0.20706 0.20878 0.23599 0.02883  -0.03578 -0.00490 4   DG A "C2'" 
104 C  "C1'" . DG A 4  ? 0.23700 0.17808 0.19104 0.03116  -0.04249 -0.02424 4   DG A "C1'" 
105 N  N9    . DG A 4  ? 0.24591 0.18366 0.22280 0.01023  -0.05929 -0.01862 4   DG A N9    
106 C  C8    . DG A 4  ? 0.28464 0.20507 0.21901 0.02408  -0.07727 -0.06592 4   DG A C8    
107 N  N7    . DG A 4  ? 0.26629 0.18334 0.27708 0.00072  -0.08759 -0.04007 4   DG A N7    
108 C  C5    . DG A 4  ? 0.23600 0.14395 0.21664 0.03024  -0.05969 -0.01629 4   DG A C5    
109 C  C6    . DG A 4  ? 0.25695 0.16503 0.19700 0.05694  -0.06256 -0.01744 4   DG A C6    
110 O  O6    . DG A 4  ? 0.26449 0.18460 0.20292 0.02797  -0.05044 -0.01537 4   DG A O6    
111 N  N1    . DG A 4  ? 0.21578 0.18342 0.17908 0.04462  -0.05275 -0.01955 4   DG A N1    
112 C  C2    . DG A 4  ? 0.25553 0.16304 0.19072 0.04426  -0.08982 -0.00985 4   DG A C2    
113 N  N2    . DG A 4  ? 0.22420 0.17322 0.19035 0.01605  -0.05079 -0.00721 4   DG A N2    
114 N  N3    . DG A 4  ? 0.21073 0.16486 0.19296 0.03635  -0.04841 -0.03559 4   DG A N3    
115 C  C4    . DG A 4  ? 0.22046 0.18102 0.17269 0.04732  -0.03617 -0.00734 4   DG A C4    
127 P  P     . DG A 5  ? 0.28131 0.22024 0.22684 0.07520  -0.06717 -0.03944 5   DG A P     
128 O  OP1   . DG A 5  ? 0.33914 0.20598 0.34627 0.08060  -0.14535 -0.10555 5   DG A OP1   
129 O  OP2   . DG A 5  ? 0.23567 0.28087 0.20103 0.05508  -0.04012 -0.00211 5   DG A OP2   
130 O  "O5'" . DG A 5  ? 0.23886 0.18506 0.20806 0.01940  -0.04324 -0.00281 5   DG A "O5'" 
131 C  "C5'" . DG A 5  ? 0.23745 0.19783 0.23675 0.01452  -0.05283 -0.02418 5   DG A "C5'" 
132 C  "C4'" . DG A 5  ? 0.21644 0.16477 0.22583 0.01091  -0.04754 -0.00293 5   DG A "C4'" 
133 O  "O4'" . DG A 5  ? 0.20309 0.18274 0.20000 0.01211  -0.04072 -0.01663 5   DG A "O4'" 
134 C  "C3'" . DG A 5  ? 0.19479 0.17522 0.20393 -0.00147 -0.01781 0.01272  5   DG A "C3'" 
135 O  "O3'" . DG A 5  ? 0.19785 0.18315 0.18118 0.00046  -0.02274 -0.00296 5   DG A "O3'" 
136 C  "C2'" . DG A 5  ? 0.24125 0.19937 0.20681 -0.01746 -0.05301 -0.00658 5   DG A "C2'" 
137 C  "C1'" . DG A 5  ? 0.20397 0.14660 0.21715 0.01536  -0.03537 -0.00842 5   DG A "C1'" 
138 N  N9    . DG A 5  ? 0.24994 0.19248 0.21827 -0.00400 -0.06598 -0.00279 5   DG A N9    
139 C  C8    . DG A 5  ? 0.24722 0.19920 0.24865 -0.01515 -0.06158 0.00349  5   DG A C8    
140 N  N7    . DG A 5  ? 0.27528 0.15811 0.24981 -0.00899 -0.07254 0.00024  5   DG A N7    
141 C  C5    . DG A 5  ? 0.25932 0.17959 0.24116 0.00808  -0.08535 0.00455  5   DG A C5    
142 C  C6    . DG A 5  ? 0.26880 0.18901 0.24564 0.05260  -0.08578 -0.02187 5   DG A C6    
143 O  O6    . DG A 5  ? 0.33203 0.17597 0.27095 0.02944  -0.09448 -0.03901 5   DG A O6    
144 N  N1    . DG A 5  ? 0.29496 0.22388 0.19536 0.06392  -0.09951 -0.04566 5   DG A N1    
145 C  C2    . DG A 5  ? 0.26583 0.22057 0.16618 0.08034  -0.07071 -0.02535 5   DG A C2    
146 N  N2    . DG A 5  ? 0.25873 0.23799 0.19260 0.05003  -0.04988 0.00663  5   DG A N2    
147 N  N3    . DG A 5  ? 0.22855 0.20498 0.19276 0.01683  -0.06952 -0.00957 5   DG A N3    
148 C  C4    . DG A 5  ? 0.25043 0.17108 0.18114 0.03571  -0.05025 -0.02771 5   DG A C4    
160 P  P     . DA A 6  ? 0.17556 0.18610 0.16454 0.00002  -0.01163 -0.01021 6   DA A P     
161 O  OP1   . DA A 6  ? 0.18530 0.16843 0.16881 0.01074  -0.00870 0.00212  6   DA A OP1   
162 O  OP2   . DA A 6  ? 0.18467 0.20180 0.18819 -0.00261 -0.03112 -0.00575 6   DA A OP2   
163 O  "O5'" . DA A 6  ? 0.18885 0.23248 0.15497 0.00636  -0.00511 -0.01036 6   DA A "O5'" 
164 C  "C5'" . DA A 6  ? 0.15150 0.21408 0.18397 0.01359  -0.01219 -0.01049 6   DA A "C5'" 
165 C  "C4'" . DA A 6  ? 0.18301 0.17325 0.15913 0.01497  0.00145  -0.00865 6   DA A "C4'" 
166 O  "O4'" . DA A 6  ? 0.20044 0.17386 0.18783 0.00995  -0.03984 -0.01328 6   DA A "O4'" 
167 C  "C3'" . DA A 6  ? 0.20284 0.21007 0.17010 0.03115  -0.01069 -0.03398 6   DA A "C3'" 
168 O  "O3'" . DA A 6  ? 0.21437 0.23811 0.17878 -0.00105 0.00635  0.01087  6   DA A "O3'" 
169 C  "C2'" . DA A 6  ? 0.20986 0.20913 0.19051 0.00447  -0.03474 0.00576  6   DA A "C2'" 
170 C  "C1'" . DA A 6  ? 0.24365 0.20744 0.15840 0.01392  -0.02363 -0.01920 6   DA A "C1'" 
171 N  N9    . DA A 6  ? 0.21936 0.20410 0.16469 0.01975  -0.01861 -0.02995 6   DA A N9    
172 C  C8    . DA A 6  ? 0.23681 0.19448 0.16608 -0.00519 -0.02510 -0.03507 6   DA A C8    
173 N  N7    . DA A 6  ? 0.22656 0.21040 0.18222 0.00567  -0.03981 -0.02863 6   DA A N7    
174 C  C5    . DA A 6  ? 0.21280 0.16946 0.17492 0.01395  -0.06749 -0.02265 6   DA A C5    
175 C  C6    . DA A 6  ? 0.21626 0.21800 0.16916 0.01879  -0.07504 -0.03349 6   DA A C6    
176 N  N6    . DA A 6  ? 0.23975 0.18639 0.24758 -0.00067 -0.08350 -0.03385 6   DA A N6    
177 N  N1    . DA A 6  ? 0.26554 0.19050 0.18805 0.03418  -0.08328 -0.02252 6   DA A N1    
178 C  C2    . DA A 6  ? 0.27532 0.20350 0.18184 0.04396  -0.07105 -0.01474 6   DA A C2    
179 N  N3    . DA A 6  ? 0.22432 0.20306 0.16890 0.04766  -0.03329 -0.01625 6   DA A N3    
180 C  C4    . DA A 6  ? 0.20932 0.19438 0.15905 0.01037  -0.05277 -0.00659 6   DA A C4    
192 P  P     . DT A 7  ? 0.23883 0.25329 0.19307 0.00850  0.00111  0.03018  7   DT A P     
193 O  OP1   . DT A 7  ? 0.25948 0.23121 0.23821 0.00251  0.03582  0.05230  7   DT A OP1   
194 O  OP2   . DT A 7  ? 0.23774 0.34343 0.25490 0.07735  0.00767  0.05452  7   DT A OP2   
195 O  "O5'" . DT A 7  ? 0.24646 0.29876 0.18471 -0.01948 -0.00078 0.03184  7   DT A "O5'" 
196 C  "C5'" . DT A 7  ? 0.26871 0.28611 0.17848 0.01569  0.02035  -0.01454 7   DT A "C5'" 
197 C  "C4'" . DT A 7  ? 0.30736 0.32330 0.18107 -0.00630 0.02005  -0.02883 7   DT A "C4'" 
198 O  "O4'" . DT A 7  ? 0.28662 0.26878 0.18826 -0.04591 -0.01469 -0.00086 7   DT A "O4'" 
199 C  "C3'" . DT A 7  ? 0.38468 0.40035 0.13247 -0.02702 0.00990  -0.06008 7   DT A "C3'" 
200 O  "O3'" . DT A 7  ? 0.42082 0.51447 0.17703 -0.08396 0.04286  -0.03754 7   DT A "O3'" 
201 C  "C2'" . DT A 7  ? 0.32606 0.37909 0.16689 -0.03299 -0.04756 0.01039  7   DT A "C2'" 
202 C  "C1'" . DT A 7  ? 0.26537 0.31130 0.17723 0.01118  -0.03284 -0.03796 7   DT A "C1'" 
203 N  N1    . DT A 7  ? 0.23615 0.25061 0.17594 0.01518  -0.03787 -0.01497 7   DT A N1    
204 C  C2    . DT A 7  ? 0.27882 0.19824 0.17222 0.02335  -0.06934 -0.00504 7   DT A C2    
205 O  O2    . DT A 7  ? 0.34167 0.24542 0.18302 0.05134  -0.06263 -0.03941 7   DT A O2    
206 N  N3    . DT A 7  ? 0.28156 0.18475 0.16737 0.02331  -0.07248 -0.01546 7   DT A N3    
207 C  C4    . DT A 7  ? 0.24591 0.19646 0.19750 0.02228  -0.08053 -0.02370 7   DT A C4    
208 O  O4    . DT A 7  ? 0.24924 0.22534 0.18833 0.03280  -0.06223 -0.00432 7   DT A O4    
209 C  C5    . DT A 7  ? 0.21817 0.19074 0.19665 0.02993  -0.03634 -0.01878 7   DT A C5    
210 C  C7    . DT A 7  ? 0.25267 0.23227 0.24777 0.01592  -0.04786 -0.04279 7   DT A C7    
211 C  C6    . DT A 7  ? 0.24254 0.22050 0.17851 0.03025  -0.05032 -0.02225 7   DT A C6    
224 P  P     . DT A 8  ? 0.50316 0.56927 0.18881 -0.13046 0.04095  -0.01333 8   DT A P     
225 O  OP1   . DT A 8  ? 0.54656 0.59770 0.26010 -0.09602 0.01252  -0.00601 8   DT A OP1   
226 O  OP2   . DT A 8  ? 0.60168 0.54559 0.28813 -0.12080 -0.04062 0.03786  8   DT A OP2   
227 O  "O5'" . DT A 8  ? 0.48429 0.57813 0.20328 -0.05780 0.02188  -0.07931 8   DT A "O5'" 
228 C  "C5'" . DT A 8  ? 0.45768 0.55176 0.20631 -0.04679 0.03188  -0.02305 8   DT A "C5'" 
229 C  "C4'" . DT A 8  ? 0.41750 0.53082 0.22011 0.00504  0.03128  -0.07187 8   DT A "C4'" 
230 O  "O4'" . DT A 8  ? 0.42943 0.46780 0.18760 -0.00979 0.00963  -0.02798 8   DT A "O4'" 
231 C  "C3'" . DT A 8  ? 0.48679 0.51796 0.21902 0.03314  -0.00016 -0.11474 8   DT A "C3'" 
232 O  "O3'" . DT A 8  ? 0.47763 0.55846 0.26185 0.04807  0.01750  -0.11624 8   DT A "O3'" 
233 C  "C2'" . DT A 8  ? 0.48770 0.47502 0.17621 0.01442  -0.01720 -0.07750 8   DT A "C2'" 
234 C  "C1'" . DT A 8  ? 0.45542 0.42107 0.16768 -0.00081 -0.02097 -0.06223 8   DT A "C1'" 
235 N  N1    . DT A 8  ? 0.45201 0.31929 0.15860 0.05143  -0.04619 -0.03412 8   DT A N1    
236 C  C2    . DT A 8  ? 0.37663 0.25959 0.19361 0.09128  -0.05427 -0.04038 8   DT A C2    
237 O  O2    . DT A 8  ? 0.37805 0.29753 0.20302 0.06993  -0.05765 -0.05743 8   DT A O2    
238 N  N3    . DT A 8  ? 0.32404 0.20877 0.22093 0.03482  -0.10125 -0.02067 8   DT A N3    
239 C  C4    . DT A 8  ? 0.32780 0.20391 0.21729 0.03131  -0.09802 0.01051  8   DT A C4    
240 O  O4    . DT A 8  ? 0.29109 0.21148 0.25948 0.05192  -0.11423 -0.03693 8   DT A O4    
241 C  C5    . DT A 8  ? 0.40191 0.24940 0.20309 0.03423  -0.07579 -0.04259 8   DT A C5    
242 C  C7    . DT A 8  ? 0.42623 0.25619 0.26129 -0.00530 -0.08832 0.02723  8   DT A C7    
243 C  C6    . DT A 8  ? 0.45769 0.26284 0.15813 0.03459  -0.04770 -0.01281 8   DT A C6    
256 P  P     . DA A 9  ? 0.51094 0.58260 0.27958 0.07505  0.00589  -0.10591 9   DA A P     
257 O  OP1   . DA A 9  ? 0.56227 0.59621 0.44213 0.06710  -0.08424 -0.07543 9   DA A OP1   
258 O  OP2   . DA A 9  ? 0.55208 0.55441 0.21692 0.10256  0.00871  -0.08804 9   DA A OP2   
259 O  "O5'" . DA A 9  ? 0.47604 0.50104 0.31296 0.05069  -0.03391 -0.10290 9   DA A "O5'" 
260 C  "C5'" . DA A 9  ? 0.41268 0.51340 0.30339 0.10643  -0.00809 -0.11552 9   DA A "C5'" 
261 C  "C4'" . DA A 9  ? 0.36753 0.47061 0.28689 0.12956  -0.00491 -0.10662 9   DA A "C4'" 
262 O  "O4'" . DA A 9  ? 0.33583 0.41040 0.31673 0.12723  -0.02809 -0.08318 9   DA A "O4'" 
263 C  "C3'" . DA A 9  ? 0.42305 0.41687 0.33572 0.03404  -0.06294 -0.03563 9   DA A "C3'" 
264 O  "O3'" . DA A 9  ? 0.46158 0.35004 0.39949 0.07974  -0.07924 -0.05055 9   DA A "O3'" 
265 C  "C2'" . DA A 9  ? 0.40048 0.39367 0.28697 0.07114  -0.03911 -0.06652 9   DA A "C2'" 
266 C  "C1'" . DA A 9  ? 0.34797 0.32600 0.31555 0.09805  -0.05579 -0.07704 9   DA A "C1'" 
267 N  N9    . DA A 9  ? 0.34572 0.29387 0.27362 0.08533  -0.06501 -0.04264 9   DA A N9    
268 C  C8    . DA A 9  ? 0.32283 0.32926 0.36494 0.07536  -0.08295 -0.00689 9   DA A C8    
269 N  N7    . DA A 9  ? 0.29229 0.30833 0.28634 0.06494  -0.03868 -0.01803 9   DA A N7    
270 C  C5    . DA A 9  ? 0.27836 0.27895 0.23335 0.03306  -0.06541 -0.00530 9   DA A C5    
271 C  C6    . DA A 9  ? 0.28385 0.24644 0.22851 0.06340  -0.08921 -0.02630 9   DA A C6    
272 N  N6    . DA A 9  ? 0.27739 0.24026 0.24114 0.06860  -0.07077 -0.03716 9   DA A N6    
273 N  N1    . DA A 9  ? 0.29483 0.22155 0.20560 0.08645  -0.09335 -0.03807 9   DA A N1    
274 C  C2    . DA A 9  ? 0.25782 0.28017 0.23038 0.06087  -0.07418 -0.01599 9   DA A C2    
275 N  N3    . DA A 9  ? 0.28391 0.22891 0.24031 0.07687  -0.06994 -0.04118 9   DA A N3    
276 C  C4    . DA A 9  ? 0.28420 0.25572 0.25139 0.06641  -0.08078 -0.04686 9   DA A C4    
288 P  P     . DA A 10 ? 0.51229 0.38712 0.34295 0.11904  -0.06904 -0.08976 10  DA A P     
289 O  OP1   . DA A 10 ? 0.49842 0.44536 0.36234 0.19936  -0.05931 -0.07697 10  DA A OP1   
290 O  OP2   . DA A 10 ? 0.58156 0.38885 0.31000 0.06346  -0.10104 -0.04803 10  DA A OP2   
291 O  "O5'" . DA A 10 ? 0.47921 0.32969 0.33214 0.11720  -0.08322 -0.07337 10  DA A "O5'" 
292 C  "C5'" . DA A 10 ? 0.42086 0.31832 0.36329 0.08758  -0.09582 -0.08021 10  DA A "C5'" 
293 C  "C4'" . DA A 10 ? 0.40041 0.29430 0.38684 0.11999  -0.10686 -0.13281 10  DA A "C4'" 
294 O  "O4'" . DA A 10 ? 0.35554 0.27326 0.36930 0.10214  -0.10125 -0.11420 10  DA A "O4'" 
295 C  "C3'" . DA A 10 ? 0.35296 0.31684 0.42934 0.09617  -0.09198 -0.12642 10  DA A "C3'" 
296 O  "O3'" . DA A 10 ? 0.40940 0.27626 0.60239 0.07481  -0.16491 -0.13542 10  DA A "O3'" 
297 C  "C2'" . DA A 10 ? 0.37935 0.29597 0.34248 0.09085  -0.09936 -0.10079 10  DA A "C2'" 
298 C  "C1'" . DA A 10 ? 0.36944 0.22178 0.33755 0.06479  -0.13029 -0.06721 10  DA A "C1'" 
299 N  N9    . DA A 10 ? 0.32012 0.26160 0.29875 0.09135  -0.11149 -0.07167 10  DA A N9    
300 C  C8    . DA A 10 ? 0.31880 0.29812 0.28579 0.08796  -0.08477 -0.07914 10  DA A C8    
301 N  N7    . DA A 10 ? 0.31517 0.31206 0.25272 0.08542  -0.07941 -0.07486 10  DA A N7    
302 C  C5    . DA A 10 ? 0.28869 0.27038 0.21547 0.07529  -0.09051 -0.04603 10  DA A C5    
303 C  C6    . DA A 10 ? 0.25489 0.25593 0.19684 0.09633  -0.05991 -0.03319 10  DA A C6    
304 N  N6    . DA A 10 ? 0.29060 0.23942 0.20401 0.07890  -0.06075 -0.00428 10  DA A N6    
305 N  N1    . DA A 10 ? 0.25831 0.23233 0.24306 0.08634  -0.09213 -0.04441 10  DA A N1    
306 C  C2    . DA A 10 ? 0.25848 0.22786 0.23569 0.06098  -0.08959 -0.03853 10  DA A C2    
307 N  N3    . DA A 10 ? 0.28484 0.22285 0.23082 0.07084  -0.07496 -0.03553 10  DA A N3    
308 C  C4    . DA A 10 ? 0.27255 0.23234 0.21875 0.07212  -0.07097 -0.04887 10  DA A C4    
320 P  P     . DT A 11 ? 0.47093 0.33390 0.63920 0.11326  -0.17700 -0.19087 11  DT A P     
321 O  OP1   . DT A 11 ? 0.47906 0.30876 0.79546 0.08280  -0.21490 -0.12817 11  DT A OP1   
322 O  OP2   . DT A 11 ? 0.56830 0.44021 0.45375 0.06904  -0.17177 -0.22117 11  DT A OP2   
323 O  "O5'" . DT A 11 ? 0.39257 0.30031 0.58058 0.11075  -0.15451 -0.15982 11  DT A "O5'" 
324 C  "C5'" . DT A 11 ? 0.42934 0.25359 0.59692 0.03600  -0.20369 -0.05877 11  DT A "C5'" 
325 C  "C4'" . DT A 11 ? 0.41310 0.23067 0.57840 0.05085  -0.21125 -0.04850 11  DT A "C4'" 
326 O  "O4'" . DT A 11 ? 0.44907 0.22429 0.46252 0.07622  -0.20679 -0.03891 11  DT A "O4'" 
327 C  "C3'" . DT A 11 ? 0.41380 0.23592 0.52725 0.06276  -0.17974 -0.08792 11  DT A "C3'" 
328 O  "O3'" . DT A 11 ? 0.49056 0.24143 0.56444 0.09137  -0.18358 -0.05143 11  DT A "O3'" 
329 C  "C2'" . DT A 11 ? 0.38718 0.22449 0.46894 0.07375  -0.15276 -0.08720 11  DT A "C2'" 
330 C  "C1'" . DT A 11 ? 0.35330 0.22403 0.40519 0.07042  -0.13292 -0.04069 11  DT A "C1'" 
331 N  N1    . DT A 11 ? 0.34218 0.23606 0.32235 0.05559  -0.13569 -0.05222 11  DT A N1    
332 C  C2    . DT A 11 ? 0.29299 0.19373 0.26182 0.04064  -0.10272 -0.04139 11  DT A C2    
333 O  O2    . DT A 11 ? 0.34923 0.22495 0.29383 0.04034  -0.10033 -0.01049 11  DT A O2    
334 N  N3    . DT A 11 ? 0.27110 0.23594 0.22973 0.08642  -0.09580 -0.03856 11  DT A N3    
335 C  C4    . DT A 11 ? 0.30538 0.22479 0.21488 0.12005  -0.09898 -0.08136 11  DT A C4    
336 O  O4    . DT A 11 ? 0.31451 0.25748 0.25351 0.08955  -0.10457 -0.04737 11  DT A O4    
337 C  C5    . DT A 11 ? 0.30564 0.30558 0.24997 0.09371  -0.08889 -0.06918 11  DT A C5    
338 C  C7    . DT A 11 ? 0.36223 0.30613 0.29880 0.12837  -0.09567 -0.08238 11  DT A C7    
339 C  C6    . DT A 11 ? 0.33030 0.21606 0.29661 0.06869  -0.10855 -0.05098 11  DT A C6    
352 P  P     . DC A 12 ? 0.49558 0.26917 0.61825 0.08875  -0.17989 -0.04529 12  DC A P     
353 O  OP1   . DC A 12 ? 0.51500 0.23786 0.71305 0.05234  -0.21560 0.03702  12  DC A OP1   
354 O  OP2   . DC A 12 ? 0.49083 0.33319 0.58716 0.08812  -0.14482 -0.05408 12  DC A OP2   
355 O  "O5'" . DC A 12 ? 0.48416 0.25324 0.57750 0.07266  -0.17911 -0.00175 12  DC A "O5'" 
356 C  "C5'" . DC A 12 ? 0.41929 0.25306 0.49575 0.02526  -0.11963 0.03755  12  DC A "C5'" 
357 C  "C4'" . DC A 12 ? 0.45762 0.25330 0.50591 0.00664  -0.14839 0.09628  12  DC A "C4'" 
358 O  "O4'" . DC A 12 ? 0.42339 0.20024 0.41315 0.03243  -0.10138 0.00173  12  DC A "O4'" 
359 C  "C3'" . DC A 12 ? 0.42265 0.24895 0.53318 0.06493  -0.13465 0.08919  12  DC A "C3'" 
360 O  "O3'" . DC A 12 ? 0.40930 0.30376 0.48292 0.01668  -0.11434 0.06541  12  DC A "O3'" 
361 C  "C2'" . DC A 12 ? 0.44654 0.29505 0.52080 0.02957  -0.14532 0.12443  12  DC A "C2'" 
362 C  "C1'" . DC A 12 ? 0.40821 0.23682 0.45318 0.01943  -0.10626 0.05132  12  DC A "C1'" 
363 N  N1    . DC A 12 ? 0.30292 0.24286 0.39413 0.03368  -0.07233 0.01705  12  DC A N1    
364 C  C2    . DC A 12 ? 0.28268 0.22116 0.31588 0.06761  -0.07728 -0.02781 12  DC A C2    
365 O  O2    . DC A 12 ? 0.28787 0.20738 0.33157 0.04571  -0.07329 0.02510  12  DC A O2    
366 N  N3    . DC A 12 ? 0.32645 0.20451 0.33526 0.06568  -0.13998 -0.00760 12  DC A N3    
367 C  C4    . DC A 12 ? 0.37264 0.24816 0.29689 0.06595  -0.13655 -0.02887 12  DC A C4    
368 N  N4    . DC A 12 ? 0.34828 0.25300 0.33186 0.07512  -0.11423 -0.05927 12  DC A N4    
369 C  C5    . DC A 12 ? 0.33229 0.24132 0.36647 0.00613  -0.13307 -0.00207 12  DC A C5    
370 C  C6    . DC A 12 ? 0.32523 0.29043 0.34513 0.04996  -0.09420 -0.07625 12  DC A C6    
382 P  P     . DC A 13 ? 0.36517 0.26793 0.42844 0.01758  -0.05189 0.04248  13  DC A P     
383 O  OP1   . DC A 13 ? 0.52804 0.31088 0.53819 -0.05172 -0.15544 0.16189  13  DC A OP1   
384 O  OP2   . DC A 13 ? 0.41834 0.34919 0.39425 0.08681  -0.05492 -0.05263 13  DC A OP2   
385 O  "O5'" . DC A 13 ? 0.34716 0.19015 0.36902 0.02431  -0.03929 0.03858  13  DC A "O5'" 
386 C  "C5'" . DC A 13 ? 0.32981 0.25484 0.34713 -0.00700 -0.05329 0.04306  13  DC A "C5'" 
387 C  "C4'" . DC A 13 ? 0.26663 0.21764 0.27306 0.01997  -0.01637 0.01927  13  DC A "C4'" 
388 O  "O4'" . DC A 13 ? 0.26108 0.26290 0.24950 0.00848  -0.02980 -0.01620 13  DC A "O4'" 
389 C  "C3'" . DC A 13 ? 0.27611 0.19483 0.30076 0.02606  -0.03746 0.00369  13  DC A "C3'" 
390 O  "O3'" . DC A 13 ? 0.25443 0.22283 0.29454 -0.00067 0.00186  0.01757  13  DC A "O3'" 
391 C  "C2'" . DC A 13 ? 0.31310 0.24135 0.29232 -0.00847 -0.07026 -0.02130 13  DC A "C2'" 
392 C  "C1'" . DC A 13 ? 0.29172 0.16891 0.26306 0.01464  -0.06136 0.00624  13  DC A "C1'" 
393 N  N1    . DC A 13 ? 0.30383 0.19216 0.26844 0.03198  -0.05841 -0.00651 13  DC A N1    
394 C  C2    . DC A 13 ? 0.24250 0.16376 0.24761 0.01301  -0.04631 -0.01072 13  DC A C2    
395 O  O2    . DC A 13 ? 0.27908 0.18662 0.25120 0.00595  -0.03497 -0.02083 13  DC A O2    
396 N  N3    . DC A 13 ? 0.24119 0.22854 0.20134 0.02542  -0.03915 0.00265  13  DC A N3    
397 C  C4    . DC A 13 ? 0.31314 0.19385 0.19833 0.02528  -0.05118 0.00261  13  DC A C4    
398 N  N4    . DC A 13 ? 0.33173 0.20407 0.21755 0.02559  -0.05552 -0.02887 13  DC A N4    
399 C  C5    . DC A 13 ? 0.30653 0.19981 0.24132 0.03912  -0.02584 -0.02519 13  DC A C5    
400 C  C6    . DC A 13 ? 0.30066 0.19367 0.27830 0.04490  -0.01610 0.00288  13  DC A C6    
412 P  P     . DA A 14 ? 0.25714 0.22499 0.32636 -0.01529 -0.00547 0.05301  14  DA A P     
413 O  OP1   . DA A 14 ? 0.30355 0.32105 0.35233 -0.00898 -0.00269 0.07226  14  DA A OP1   
414 O  OP2   . DA A 14 ? 0.26393 0.28508 0.49438 -0.05954 -0.09193 0.06531  14  DA A OP2   
415 O  "O5'" . DA A 14 ? 0.26029 0.19861 0.31505 -0.01157 -0.02313 0.05241  14  DA A "O5'" 
416 C  "C5'" . DA A 14 ? 0.27400 0.20208 0.26141 -0.01130 -0.02875 0.05427  14  DA A "C5'" 
417 C  "C4'" . DA A 14 ? 0.23338 0.21856 0.19835 0.04534  0.02598  0.03826  14  DA A "C4'" 
418 O  "O4'" . DA A 14 ? 0.25200 0.24509 0.17852 0.04827  0.00735  -0.01051 14  DA A "O4'" 
419 C  "C3'" . DA A 14 ? 0.25374 0.18000 0.21712 0.03846  0.01024  0.01163  14  DA A "C3'" 
420 O  "O3'" . DA A 14 ? 0.24902 0.20846 0.20203 0.04641  0.02069  0.02099  14  DA A "O3'" 
421 C  "C2'" . DA A 14 ? 0.25796 0.18746 0.19949 0.02318  0.00562  -0.00696 14  DA A "C2'" 
422 C  "C1'" . DA A 14 ? 0.29865 0.17922 0.17096 0.05352  -0.00978 -0.00821 14  DA A "C1'" 
423 N  N9    . DA A 14 ? 0.29020 0.17969 0.17063 0.03246  -0.00975 -0.01261 14  DA A N9    
424 C  C8    . DA A 14 ? 0.34270 0.18308 0.21854 0.04697  -0.00924 -0.01831 14  DA A C8    
425 N  N7    . DA A 14 ? 0.34101 0.19549 0.20945 0.04442  -0.02062 -0.01324 14  DA A N7    
426 C  C5    . DA A 14 ? 0.29764 0.21573 0.17157 0.06711  -0.04090 -0.01358 14  DA A C5    
427 C  C6    . DA A 14 ? 0.25954 0.21325 0.15715 0.07437  -0.03835 -0.03050 14  DA A C6    
428 N  N6    . DA A 14 ? 0.29015 0.26338 0.20430 0.08799  -0.05213 -0.05189 14  DA A N6    
429 N  N1    . DA A 14 ? 0.27021 0.26517 0.14313 0.05814  -0.06085 -0.02912 14  DA A N1    
430 C  C2    . DA A 14 ? 0.25629 0.24147 0.15450 0.07326  -0.06012 -0.04505 14  DA A C2    
431 N  N3    . DA A 14 ? 0.23222 0.21644 0.14585 0.04346  -0.03078 -0.02312 14  DA A N3    
432 C  C4    . DA A 14 ? 0.26004 0.20182 0.15586 0.04164  -0.02844 -0.00899 14  DA A C4    
444 P  P     . DG A 15 ? 0.22931 0.22396 0.19740 0.03521  0.02159  0.01981  15  DG A P     
445 O  OP1   . DG A 15 ? 0.32599 0.23487 0.17141 0.07155  0.01695  -0.01979 15  DG A OP1   
446 O  OP2   . DG A 15 ? 0.22807 0.25871 0.28733 0.01987  0.05072  0.03667  15  DG A OP2   
447 O  "O5'" . DG A 15 ? 0.21017 0.19339 0.16954 0.00159  -0.00620 -0.00406 15  DG A "O5'" 
448 C  "C5'" . DG A 15 ? 0.19735 0.20545 0.15897 0.01225  -0.01866 -0.02569 15  DG A "C5'" 
449 C  "C4'" . DG A 15 ? 0.19595 0.15634 0.18011 0.00980  -0.01114 -0.01403 15  DG A "C4'" 
450 O  "O4'" . DG A 15 ? 0.21690 0.19346 0.15094 0.02130  -0.01747 -0.01703 15  DG A "O4'" 
451 C  "C3'" . DG A 15 ? 0.19710 0.19099 0.18913 0.00468  -0.01990 0.01057  15  DG A "C3'" 
452 O  "O3'" . DG A 15 ? 0.19605 0.17895 0.17927 0.00993  -0.01963 0.01500  15  DG A "O3'" 
453 C  "C2'" . DG A 15 ? 0.22955 0.16689 0.20875 -0.00073 -0.03738 -0.00345 15  DG A "C2'" 
454 C  "C1'" . DG A 15 ? 0.21120 0.16392 0.15152 0.00230  -0.00669 -0.00436 15  DG A "C1'" 
455 N  N9    . DG A 15 ? 0.26072 0.16492 0.15857 0.00276  -0.03357 0.00097  15  DG A N9    
456 C  C8    . DG A 15 ? 0.24972 0.19664 0.16486 -0.00821 -0.02407 0.00318  15  DG A C8    
457 N  N7    . DG A 15 ? 0.28923 0.16509 0.17217 0.00580  -0.03756 -0.01767 15  DG A N7    
458 C  C5    . DG A 15 ? 0.24790 0.16812 0.15129 0.00696  -0.02592 -0.01404 15  DG A C5    
459 C  C6    . DG A 15 ? 0.31228 0.14207 0.16846 0.01467  -0.07457 -0.01489 15  DG A C6    
460 O  O6    . DG A 15 ? 0.31221 0.16880 0.17799 0.01579  -0.05017 -0.02398 15  DG A O6    
461 N  N1    . DG A 15 ? 0.24638 0.17693 0.17280 0.01554  -0.06303 -0.01185 15  DG A N1    
462 C  C2    . DG A 15 ? 0.25138 0.14583 0.17733 -0.00111 -0.06442 0.00401  15  DG A C2    
463 N  N2    . DG A 15 ? 0.21320 0.19841 0.21512 0.00533  -0.03765 -0.04605 15  DG A N2    
464 N  N3    . DG A 15 ? 0.22244 0.15841 0.16592 -0.00050 -0.04482 -0.02646 15  DG A N3    
465 C  C4    . DG A 15 ? 0.25520 0.13380 0.17561 0.01652  -0.05683 -0.01849 15  DG A C4    
477 P  P     . DC A 16 ? 0.25005 0.17413 0.19023 0.02828  -0.03517 -0.01199 16  DC A P     
478 O  OP1   . DC A 16 ? 0.26545 0.20797 0.23766 0.02290  -0.05048 0.03924  16  DC A OP1   
479 O  OP2   . DC A 16 ? 0.20369 0.24529 0.46193 0.01894  -0.08153 0.08537  16  DC A OP2   
480 O  "O5'" . DC A 16 ? 0.43435 0.27357 0.21962 0.11492  -0.08033 -0.04383 16  DC A "O5'" 
481 C  "C5'" . DC A 16 ? 0.40786 0.20794 0.28785 0.04759  -0.09496 0.00661  16  DC A "C5'" 
482 C  "C4'" . DC A 16 ? 0.42767 0.20615 0.31150 0.06803  -0.09919 -0.00158 16  DC A "C4'" 
483 O  "O4'" . DC A 16 ? 0.40376 0.24053 0.26266 0.06090  -0.11039 -0.03184 16  DC A "O4'" 
484 C  "C3'" . DC A 16 ? 0.43425 0.27098 0.33892 -0.00416 -0.08824 -0.00798 16  DC A "C3'" 
485 O  "O3'" . DC A 16 ? 0.49730 0.36032 0.53976 -0.06562 -0.16183 0.02470  16  DC A "O3'" 
486 C  "C2'" . DC A 16 ? 0.41425 0.25877 0.21638 -0.04832 -0.04530 -0.00648 16  DC A "C2'" 
487 C  "C1'" . DC A 16 ? 0.30363 0.21838 0.27401 0.01704  -0.03128 -0.00861 16  DC A "C1'" 
488 N  N1    . DC A 16 ? 0.21826 0.22363 0.17873 0.00822  -0.02606 -0.02756 16  DC A N1    
489 C  C2    . DC A 16 ? 0.24130 0.21403 0.15197 0.02078  -0.05352 -0.02707 16  DC A C2    
490 O  O2    . DC A 16 ? 0.23519 0.20972 0.17050 0.01064  -0.02742 -0.02228 16  DC A O2    
491 N  N3    . DC A 16 ? 0.26887 0.21035 0.15190 0.00389  -0.04709 -0.02701 16  DC A N3    
492 C  C4    . DC A 16 ? 0.26287 0.21027 0.14974 0.00034  -0.03323 -0.03019 16  DC A C4    
493 N  N4    . DC A 16 ? 0.33806 0.22940 0.17788 -0.02495 -0.04207 -0.01013 16  DC A N4    
494 C  C5    . DC A 16 ? 0.25800 0.23281 0.15880 -0.00268 -0.02825 -0.02335 16  DC A C5    
495 C  C6    . DC A 16 ? 0.27348 0.20449 0.17362 0.01451  -0.04849 -0.02672 16  DC A C6    
508 CA CA    . CA B .  ? 0.37013 0.37300 0.53371 0.04834  -0.07290 -0.07076 101 CA A CA    
509 CA CA    . CA C .  ? 0.22682 0.11800 0.24798 -0.02572 -0.08067 0.03072  102 CA A CA    
510 CA CA    . CA D .  ? 0.26560 0.17182 0.28840 -0.04215 -0.10913 0.06733  103 CA A CA    
511 CA CA    . CA E .  ? 0.41624 0.25573 0.20422 0.11954  0.08858  0.02283  104 CA A CA    
512 CA CA    . CA F .  ? 0.25995 0.13438 0.20746 0.06891  -0.07950 -0.06893 105 CA A CA    
513 CA CA    . CA G .  ? 0.31166 0.17440 0.27814 -0.11277 -0.06954 0.06372  106 CA A CA    
514 CA CA    . CA H .  ? 0.34953 0.43726 0.60193 -0.05793 -0.06818 0.12767  107 CA A CA    
# 
